data_2NZ7
# 
_entry.id   2NZ7 
# 
_audit_conform.dict_name       mmcif_pdbx.dic 
_audit_conform.dict_version    5.397 
_audit_conform.dict_location   http://mmcif.pdb.org/dictionaries/ascii/mmcif_pdbx.dic 
# 
loop_
_database_2.database_id 
_database_2.database_code 
_database_2.pdbx_database_accession 
_database_2.pdbx_DOI 
PDB   2NZ7         pdb_00002nz7 10.2210/pdb2nz7/pdb 
RCSB  RCSB040485   ?            ?                   
WWPDB D_1000040485 ?            ?                   
# 
loop_
_pdbx_audit_revision_history.ordinal 
_pdbx_audit_revision_history.data_content_type 
_pdbx_audit_revision_history.major_revision 
_pdbx_audit_revision_history.minor_revision 
_pdbx_audit_revision_history.revision_date 
1 'Structure model' 1 0 2007-12-04 
2 'Structure model' 1 1 2011-07-13 
3 'Structure model' 1 2 2023-12-27 
4 'Structure model' 1 3 2024-10-16 
# 
_pdbx_audit_revision_details.ordinal             1 
_pdbx_audit_revision_details.revision_ordinal    1 
_pdbx_audit_revision_details.data_content_type   'Structure model' 
_pdbx_audit_revision_details.provider            repository 
_pdbx_audit_revision_details.type                'Initial release' 
_pdbx_audit_revision_details.description         ? 
_pdbx_audit_revision_details.details             ? 
# 
loop_
_pdbx_audit_revision_group.ordinal 
_pdbx_audit_revision_group.revision_ordinal 
_pdbx_audit_revision_group.data_content_type 
_pdbx_audit_revision_group.group 
1 2 'Structure model' 'Version format compliance' 
2 3 'Structure model' 'Data collection'           
3 3 'Structure model' 'Database references'       
4 3 'Structure model' 'Refinement description'    
5 4 'Structure model' 'Structure summary'         
# 
loop_
_pdbx_audit_revision_category.ordinal 
_pdbx_audit_revision_category.revision_ordinal 
_pdbx_audit_revision_category.data_content_type 
_pdbx_audit_revision_category.category 
1 3 'Structure model' chem_comp_atom            
2 3 'Structure model' chem_comp_bond            
3 3 'Structure model' database_2                
4 3 'Structure model' struct_ncs_dom_lim        
5 4 'Structure model' pdbx_entry_details        
6 4 'Structure model' pdbx_modification_feature 
# 
loop_
_pdbx_audit_revision_item.ordinal 
_pdbx_audit_revision_item.revision_ordinal 
_pdbx_audit_revision_item.data_content_type 
_pdbx_audit_revision_item.item 
1 3 'Structure model' '_database_2.pdbx_DOI'                 
2 3 'Structure model' '_database_2.pdbx_database_accession'  
3 3 'Structure model' '_struct_ncs_dom_lim.beg_auth_comp_id' 
4 3 'Structure model' '_struct_ncs_dom_lim.end_auth_comp_id' 
# 
_pdbx_database_status.entry_id                        2NZ7 
_pdbx_database_status.deposit_site                    RCSB 
_pdbx_database_status.process_site                    RCSB 
_pdbx_database_status.recvd_initial_deposition_date   2006-11-22 
_pdbx_database_status.status_code                     REL 
_pdbx_database_status.status_code_sf                  REL 
_pdbx_database_status.status_code_mr                  ? 
_pdbx_database_status.SG_entry                        N 
_pdbx_database_status.status_code_cs                  ? 
_pdbx_database_status.methods_development_category    ? 
_pdbx_database_status.pdb_format_compatible           Y 
_pdbx_database_status.status_code_nmr_data            ? 
# 
loop_
_audit_author.name 
_audit_author.pdbx_ordinal 
'Thiagarajan, S.' 1 
'Robbins, S.L.'   2 
'Dubas, R.L.'     3 
'Park, Y.C.'      4 
# 
_citation.id                        primary 
_citation.title                     'Monomer/dimer transition of the caspase-recruitment domain of human Nod1' 
_citation.journal_abbrev            Biochemistry 
_citation.journal_volume            47 
_citation.page_first                1319 
_citation.page_last                 1325 
_citation.year                      2008 
_citation.journal_id_ASTM           BICHAW 
_citation.country                   US 
_citation.journal_id_ISSN           0006-2960 
_citation.journal_id_CSD            0033 
_citation.book_publisher            ? 
_citation.pdbx_database_id_PubMed   18186648 
_citation.pdbx_database_id_DOI      10.1021/bi7016602 
# 
loop_
_citation_author.citation_id 
_citation_author.name 
_citation_author.ordinal 
_citation_author.identifier_ORCID 
primary 'Srimathi, T.'  1 ? 
primary 'Robbins, S.L.' 2 ? 
primary 'Dubas, R.L.'   3 ? 
primary 'Hasegawa, M.'  4 ? 
primary 'Inohara, N.'   5 ? 
primary 'Park, Y.C.'    6 ? 
# 
loop_
_entity.id 
_entity.type 
_entity.src_method 
_entity.pdbx_description 
_entity.formula_weight 
_entity.pdbx_number_of_molecules 
_entity.pdbx_ec 
_entity.pdbx_mutation 
_entity.pdbx_fragment 
_entity.details 
1 polymer man 'Caspase recruitment domain-containing protein 4' 11365.006 2  ? ? 'Caspase-recruitment Domain' ? 
2 water   nat water                                             18.015    68 ? ? ?                            ? 
# 
_entity_name_com.entity_id   1 
_entity_name_com.name        'Nod1; CARD4' 
# 
_entity_poly.entity_id                      1 
_entity_poly.type                           'polypeptide(L)' 
_entity_poly.nstd_linkage                   no 
_entity_poly.nstd_monomer                   no 
_entity_poly.pdbx_seq_one_letter_code       
;MEIIPSESHPHIQLLKSNRELLVTHIRNTQCLVDNLLKNDYFSAEDAEIVCACPTQPDKVRKILDLVQSKGEEVSEFFLY
LLQQLADAYVDLRPWLLE
;
_entity_poly.pdbx_seq_one_letter_code_can   
;MEIIPSESHPHIQLLKSNRELLVTHIRNTQCLVDNLLKNDYFSAEDAEIVCACPTQPDKVRKILDLVQSKGEEVSEFFLY
LLQQLADAYVDLRPWLLE
;
_entity_poly.pdbx_strand_id                 A,B 
_entity_poly.pdbx_target_identifier         ? 
# 
_pdbx_entity_nonpoly.entity_id   2 
_pdbx_entity_nonpoly.name        water 
_pdbx_entity_nonpoly.comp_id     HOH 
# 
loop_
_entity_poly_seq.entity_id 
_entity_poly_seq.num 
_entity_poly_seq.mon_id 
_entity_poly_seq.hetero 
1 1  MET n 
1 2  GLU n 
1 3  ILE n 
1 4  ILE n 
1 5  PRO n 
1 6  SER n 
1 7  GLU n 
1 8  SER n 
1 9  HIS n 
1 10 PRO n 
1 11 HIS n 
1 12 ILE n 
1 13 GLN n 
1 14 LEU n 
1 15 LEU n 
1 16 LYS n 
1 17 SER n 
1 18 ASN n 
1 19 ARG n 
1 20 GLU n 
1 21 LEU n 
1 22 LEU n 
1 23 VAL n 
1 24 THR n 
1 25 HIS n 
1 26 ILE n 
1 27 ARG n 
1 28 ASN n 
1 29 THR n 
1 30 GLN n 
1 31 CYS n 
1 32 LEU n 
1 33 VAL n 
1 34 ASP n 
1 35 ASN n 
1 36 LEU n 
1 37 LEU n 
1 38 LYS n 
1 39 ASN n 
1 40 ASP n 
1 41 TYR n 
1 42 PHE n 
1 43 SER n 
1 44 ALA n 
1 45 GLU n 
1 46 ASP n 
1 47 ALA n 
1 48 GLU n 
1 49 ILE n 
1 50 VAL n 
1 51 CYS n 
1 52 ALA n 
1 53 CYS n 
1 54 PRO n 
1 55 THR n 
1 56 GLN n 
1 57 PRO n 
1 58 ASP n 
1 59 LYS n 
1 60 VAL n 
1 61 ARG n 
1 62 LYS n 
1 63 ILE n 
1 64 LEU n 
1 65 ASP n 
1 66 LEU n 
1 67 VAL n 
1 68 GLN n 
1 69 SER n 
1 70 LYS n 
1 71 GLY n 
1 72 GLU n 
1 73 GLU n 
1 74 VAL n 
1 75 SER n 
1 76 GLU n 
1 77 PHE n 
1 78 PHE n 
1 79 LEU n 
1 80 TYR n 
1 81 LEU n 
1 82 LEU n 
1 83 GLN n 
1 84 GLN n 
1 85 LEU n 
1 86 ALA n 
1 87 ASP n 
1 88 ALA n 
1 89 TYR n 
1 90 VAL n 
1 91 ASP n 
1 92 LEU n 
1 93 ARG n 
1 94 PRO n 
1 95 TRP n 
1 96 LEU n 
1 97 LEU n 
1 98 GLU n 
# 
_entity_src_gen.entity_id                          1 
_entity_src_gen.pdbx_src_id                        1 
_entity_src_gen.pdbx_alt_source_flag               sample 
_entity_src_gen.pdbx_seq_type                      ? 
_entity_src_gen.pdbx_beg_seq_num                   ? 
_entity_src_gen.pdbx_end_seq_num                   ? 
_entity_src_gen.gene_src_common_name               human 
_entity_src_gen.gene_src_genus                     Homo 
_entity_src_gen.pdbx_gene_src_gene                 'CARD4, NOD1' 
_entity_src_gen.gene_src_species                   ? 
_entity_src_gen.gene_src_strain                    ? 
_entity_src_gen.gene_src_tissue                    ? 
_entity_src_gen.gene_src_tissue_fraction           ? 
_entity_src_gen.gene_src_details                   ? 
_entity_src_gen.pdbx_gene_src_fragment             ? 
_entity_src_gen.pdbx_gene_src_scientific_name      'Homo sapiens' 
_entity_src_gen.pdbx_gene_src_ncbi_taxonomy_id     9606 
_entity_src_gen.pdbx_gene_src_variant              ? 
_entity_src_gen.pdbx_gene_src_cell_line            ? 
_entity_src_gen.pdbx_gene_src_atcc                 ? 
_entity_src_gen.pdbx_gene_src_organ                ? 
_entity_src_gen.pdbx_gene_src_organelle            ? 
_entity_src_gen.pdbx_gene_src_cell                 ? 
_entity_src_gen.pdbx_gene_src_cellular_location    ? 
_entity_src_gen.host_org_common_name               ? 
_entity_src_gen.pdbx_host_org_scientific_name      'Escherichia coli' 
_entity_src_gen.pdbx_host_org_ncbi_taxonomy_id     562 
_entity_src_gen.host_org_genus                     Escherichia 
_entity_src_gen.pdbx_host_org_gene                 ? 
_entity_src_gen.pdbx_host_org_organ                ? 
_entity_src_gen.host_org_species                   ? 
_entity_src_gen.pdbx_host_org_tissue               ? 
_entity_src_gen.pdbx_host_org_tissue_fraction      ? 
_entity_src_gen.pdbx_host_org_strain               Rosetta-plysS 
_entity_src_gen.pdbx_host_org_variant              ? 
_entity_src_gen.pdbx_host_org_cell_line            ? 
_entity_src_gen.pdbx_host_org_atcc                 ? 
_entity_src_gen.pdbx_host_org_culture_collection   ? 
_entity_src_gen.pdbx_host_org_cell                 ? 
_entity_src_gen.pdbx_host_org_organelle            ? 
_entity_src_gen.pdbx_host_org_cellular_location    ? 
_entity_src_gen.pdbx_host_org_vector_type          PLASMID 
_entity_src_gen.pdbx_host_org_vector               ? 
_entity_src_gen.host_org_details                   ? 
_entity_src_gen.expression_system_id               ? 
_entity_src_gen.plasmid_name                       pER24d 
_entity_src_gen.plasmid_details                    ? 
_entity_src_gen.pdbx_description                   ? 
# 
loop_
_chem_comp.id 
_chem_comp.type 
_chem_comp.mon_nstd_flag 
_chem_comp.name 
_chem_comp.pdbx_synonyms 
_chem_comp.formula 
_chem_comp.formula_weight 
ALA 'L-peptide linking' y ALANINE         ? 'C3 H7 N O2'     89.093  
ARG 'L-peptide linking' y ARGININE        ? 'C6 H15 N4 O2 1' 175.209 
ASN 'L-peptide linking' y ASPARAGINE      ? 'C4 H8 N2 O3'    132.118 
ASP 'L-peptide linking' y 'ASPARTIC ACID' ? 'C4 H7 N O4'     133.103 
CYS 'L-peptide linking' y CYSTEINE        ? 'C3 H7 N O2 S'   121.158 
GLN 'L-peptide linking' y GLUTAMINE       ? 'C5 H10 N2 O3'   146.144 
GLU 'L-peptide linking' y 'GLUTAMIC ACID' ? 'C5 H9 N O4'     147.129 
GLY 'peptide linking'   y GLYCINE         ? 'C2 H5 N O2'     75.067  
HIS 'L-peptide linking' y HISTIDINE       ? 'C6 H10 N3 O2 1' 156.162 
HOH non-polymer         . WATER           ? 'H2 O'           18.015  
ILE 'L-peptide linking' y ISOLEUCINE      ? 'C6 H13 N O2'    131.173 
LEU 'L-peptide linking' y LEUCINE         ? 'C6 H13 N O2'    131.173 
LYS 'L-peptide linking' y LYSINE          ? 'C6 H15 N2 O2 1' 147.195 
MET 'L-peptide linking' y METHIONINE      ? 'C5 H11 N O2 S'  149.211 
PHE 'L-peptide linking' y PHENYLALANINE   ? 'C9 H11 N O2'    165.189 
PRO 'L-peptide linking' y PROLINE         ? 'C5 H9 N O2'     115.130 
SER 'L-peptide linking' y SERINE          ? 'C3 H7 N O3'     105.093 
THR 'L-peptide linking' y THREONINE       ? 'C4 H9 N O3'     119.119 
TRP 'L-peptide linking' y TRYPTOPHAN      ? 'C11 H12 N2 O2'  204.225 
TYR 'L-peptide linking' y TYROSINE        ? 'C9 H11 N O3'    181.189 
VAL 'L-peptide linking' y VALINE          ? 'C5 H11 N O2'    117.146 
# 
loop_
_pdbx_poly_seq_scheme.asym_id 
_pdbx_poly_seq_scheme.entity_id 
_pdbx_poly_seq_scheme.seq_id 
_pdbx_poly_seq_scheme.mon_id 
_pdbx_poly_seq_scheme.ndb_seq_num 
_pdbx_poly_seq_scheme.pdb_seq_num 
_pdbx_poly_seq_scheme.auth_seq_num 
_pdbx_poly_seq_scheme.pdb_mon_id 
_pdbx_poly_seq_scheme.auth_mon_id 
_pdbx_poly_seq_scheme.pdb_strand_id 
_pdbx_poly_seq_scheme.pdb_ins_code 
_pdbx_poly_seq_scheme.hetero 
A 1 1  MET 1  9   ?   ?   ?   A . n 
A 1 2  GLU 2  10  ?   ?   ?   A . n 
A 1 3  ILE 3  11  ?   ?   ?   A . n 
A 1 4  ILE 4  12  ?   ?   ?   A . n 
A 1 5  PRO 5  13  ?   ?   ?   A . n 
A 1 6  SER 6  14  14  SER SER A . n 
A 1 7  GLU 7  15  15  GLU GLU A . n 
A 1 8  SER 8  16  16  SER SER A . n 
A 1 9  HIS 9  17  17  HIS HIS A . n 
A 1 10 PRO 10 18  18  PRO PRO A . n 
A 1 11 HIS 11 19  19  HIS HIS A . n 
A 1 12 ILE 12 20  20  ILE ILE A . n 
A 1 13 GLN 13 21  21  GLN GLN A . n 
A 1 14 LEU 14 22  22  LEU LEU A . n 
A 1 15 LEU 15 23  23  LEU LEU A . n 
A 1 16 LYS 16 24  24  LYS LYS A . n 
A 1 17 SER 17 25  25  SER SER A . n 
A 1 18 ASN 18 26  26  ASN ASN A . n 
A 1 19 ARG 19 27  27  ARG ARG A . n 
A 1 20 GLU 20 28  28  GLU GLU A . n 
A 1 21 LEU 21 29  29  LEU LEU A . n 
A 1 22 LEU 22 30  30  LEU LEU A . n 
A 1 23 VAL 23 31  31  VAL VAL A . n 
A 1 24 THR 24 32  32  THR THR A . n 
A 1 25 HIS 25 33  33  HIS HIS A . n 
A 1 26 ILE 26 34  34  ILE ILE A . n 
A 1 27 ARG 27 35  35  ARG ARG A . n 
A 1 28 ASN 28 36  36  ASN ASN A . n 
A 1 29 THR 29 37  37  THR THR A . n 
A 1 30 GLN 30 38  38  GLN GLN A . n 
A 1 31 CYS 31 39  39  CYS CYS A . n 
A 1 32 LEU 32 40  40  LEU LEU A . n 
A 1 33 VAL 33 41  41  VAL VAL A . n 
A 1 34 ASP 34 42  42  ASP ASP A . n 
A 1 35 ASN 35 43  43  ASN ASN A . n 
A 1 36 LEU 36 44  44  LEU LEU A . n 
A 1 37 LEU 37 45  45  LEU LEU A . n 
A 1 38 LYS 38 46  46  LYS LYS A . n 
A 1 39 ASN 39 47  47  ASN ASN A . n 
A 1 40 ASP 40 48  48  ASP ASP A . n 
A 1 41 TYR 41 49  49  TYR TYR A . n 
A 1 42 PHE 42 50  50  PHE PHE A . n 
A 1 43 SER 43 51  51  SER SER A . n 
A 1 44 ALA 44 52  52  ALA ALA A . n 
A 1 45 GLU 45 53  53  GLU GLU A . n 
A 1 46 ASP 46 54  54  ASP ASP A . n 
A 1 47 ALA 47 55  55  ALA ALA A . n 
A 1 48 GLU 48 56  56  GLU GLU A . n 
A 1 49 ILE 49 57  57  ILE ILE A . n 
A 1 50 VAL 50 58  58  VAL VAL A . n 
A 1 51 CYS 51 59  59  CYS CYS A . n 
A 1 52 ALA 52 60  60  ALA ALA A . n 
A 1 53 CYS 53 61  61  CYS CYS A . n 
A 1 54 PRO 54 62  62  PRO PRO A . n 
A 1 55 THR 55 63  63  THR THR A . n 
A 1 56 GLN 56 64  64  GLN GLN A . n 
A 1 57 PRO 57 65  65  PRO PRO A . n 
A 1 58 ASP 58 66  66  ASP ASP A . n 
A 1 59 LYS 59 67  67  LYS LYS A . n 
A 1 60 VAL 60 68  68  VAL VAL A . n 
A 1 61 ARG 61 69  69  ARG ARG A . n 
A 1 62 LYS 62 70  70  LYS LYS A . n 
A 1 63 ILE 63 71  71  ILE ILE A . n 
A 1 64 LEU 64 72  72  LEU LEU A . n 
A 1 65 ASP 65 73  73  ASP ASP A . n 
A 1 66 LEU 66 74  74  LEU LEU A . n 
A 1 67 VAL 67 75  75  VAL VAL A . n 
A 1 68 GLN 68 76  76  GLN GLN A . n 
A 1 69 SER 69 77  77  SER SER A . n 
A 1 70 LYS 70 78  78  LYS LYS A . n 
A 1 71 GLY 71 79  79  GLY GLY A . n 
A 1 72 GLU 72 80  80  GLU GLU A . n 
A 1 73 GLU 73 81  81  GLU GLU A . n 
A 1 74 VAL 74 82  82  VAL VAL A . n 
A 1 75 SER 75 83  83  SER SER A . n 
A 1 76 GLU 76 84  84  GLU GLU A . n 
A 1 77 PHE 77 85  85  PHE PHE A . n 
A 1 78 PHE 78 86  86  PHE PHE A . n 
A 1 79 LEU 79 87  87  LEU LEU A . n 
A 1 80 TYR 80 88  88  TYR TYR A . n 
A 1 81 LEU 81 89  89  LEU LEU A . n 
A 1 82 LEU 82 90  90  LEU LEU A . n 
A 1 83 GLN 83 91  91  GLN GLN A . n 
A 1 84 GLN 84 92  92  GLN GLN A . n 
A 1 85 LEU 85 93  93  LEU LEU A . n 
A 1 86 ALA 86 94  94  ALA ALA A . n 
A 1 87 ASP 87 95  95  ASP ASP A . n 
A 1 88 ALA 88 96  96  ALA ALA A . n 
A 1 89 TYR 89 97  97  TYR TYR A . n 
A 1 90 VAL 90 98  98  VAL VAL A . n 
A 1 91 ASP 91 99  99  ASP ASP A . n 
A 1 92 LEU 92 100 100 LEU LEU A . n 
A 1 93 ARG 93 101 101 ARG ARG A . n 
A 1 94 PRO 94 102 102 PRO PRO A . n 
A 1 95 TRP 95 103 103 TRP TRP A . n 
A 1 96 LEU 96 104 104 LEU LEU A . n 
A 1 97 LEU 97 105 105 LEU LEU A . n 
A 1 98 GLU 98 106 106 GLU GLU A . n 
B 1 1  MET 1  9   9   MET MET B . n 
B 1 2  GLU 2  10  10  GLU GLU B . n 
B 1 3  ILE 3  11  11  ILE ILE B . n 
B 1 4  ILE 4  12  12  ILE ILE B . n 
B 1 5  PRO 5  13  13  PRO PRO B . n 
B 1 6  SER 6  14  14  SER SER B . n 
B 1 7  GLU 7  15  15  GLU GLU B . n 
B 1 8  SER 8  16  16  SER SER B . n 
B 1 9  HIS 9  17  17  HIS HIS B . n 
B 1 10 PRO 10 18  18  PRO PRO B . n 
B 1 11 HIS 11 19  19  HIS HIS B . n 
B 1 12 ILE 12 20  20  ILE ILE B . n 
B 1 13 GLN 13 21  21  GLN GLN B . n 
B 1 14 LEU 14 22  22  LEU LEU B . n 
B 1 15 LEU 15 23  23  LEU LEU B . n 
B 1 16 LYS 16 24  24  LYS LYS B . n 
B 1 17 SER 17 25  25  SER SER B . n 
B 1 18 ASN 18 26  26  ASN ASN B . n 
B 1 19 ARG 19 27  27  ARG ARG B . n 
B 1 20 GLU 20 28  28  GLU GLU B . n 
B 1 21 LEU 21 29  29  LEU LEU B . n 
B 1 22 LEU 22 30  30  LEU LEU B . n 
B 1 23 VAL 23 31  31  VAL VAL B . n 
B 1 24 THR 24 32  32  THR THR B . n 
B 1 25 HIS 25 33  33  HIS HIS B . n 
B 1 26 ILE 26 34  34  ILE ILE B . n 
B 1 27 ARG 27 35  35  ARG ARG B . n 
B 1 28 ASN 28 36  36  ASN ASN B . n 
B 1 29 THR 29 37  37  THR THR B . n 
B 1 30 GLN 30 38  38  GLN GLN B . n 
B 1 31 CYS 31 39  39  CYS CYS B . n 
B 1 32 LEU 32 40  40  LEU LEU B . n 
B 1 33 VAL 33 41  41  VAL VAL B . n 
B 1 34 ASP 34 42  42  ASP ASP B . n 
B 1 35 ASN 35 43  43  ASN ASN B . n 
B 1 36 LEU 36 44  44  LEU LEU B . n 
B 1 37 LEU 37 45  45  LEU LEU B . n 
B 1 38 LYS 38 46  46  LYS LYS B . n 
B 1 39 ASN 39 47  47  ASN ASN B . n 
B 1 40 ASP 40 48  48  ASP ASP B . n 
B 1 41 TYR 41 49  49  TYR TYR B . n 
B 1 42 PHE 42 50  50  PHE PHE B . n 
B 1 43 SER 43 51  51  SER SER B . n 
B 1 44 ALA 44 52  52  ALA ALA B . n 
B 1 45 GLU 45 53  53  GLU GLU B . n 
B 1 46 ASP 46 54  54  ASP ASP B . n 
B 1 47 ALA 47 55  55  ALA ALA B . n 
B 1 48 GLU 48 56  56  GLU GLU B . n 
B 1 49 ILE 49 57  57  ILE ILE B . n 
B 1 50 VAL 50 58  58  VAL VAL B . n 
B 1 51 CYS 51 59  59  CYS CYS B . n 
B 1 52 ALA 52 60  60  ALA ALA B . n 
B 1 53 CYS 53 61  61  CYS CYS B . n 
B 1 54 PRO 54 62  62  PRO PRO B . n 
B 1 55 THR 55 63  63  THR THR B . n 
B 1 56 GLN 56 64  64  GLN GLN B . n 
B 1 57 PRO 57 65  65  PRO PRO B . n 
B 1 58 ASP 58 66  66  ASP ASP B . n 
B 1 59 LYS 59 67  67  LYS LYS B . n 
B 1 60 VAL 60 68  68  VAL VAL B . n 
B 1 61 ARG 61 69  69  ARG ARG B . n 
B 1 62 LYS 62 70  70  LYS LYS B . n 
B 1 63 ILE 63 71  71  ILE ILE B . n 
B 1 64 LEU 64 72  72  LEU LEU B . n 
B 1 65 ASP 65 73  73  ASP ASP B . n 
B 1 66 LEU 66 74  74  LEU LEU B . n 
B 1 67 VAL 67 75  75  VAL VAL B . n 
B 1 68 GLN 68 76  76  GLN GLN B . n 
B 1 69 SER 69 77  77  SER SER B . n 
B 1 70 LYS 70 78  78  LYS LYS B . n 
B 1 71 GLY 71 79  79  GLY GLY B . n 
B 1 72 GLU 72 80  80  GLU GLU B . n 
B 1 73 GLU 73 81  81  GLU GLU B . n 
B 1 74 VAL 74 82  82  VAL VAL B . n 
B 1 75 SER 75 83  83  SER SER B . n 
B 1 76 GLU 76 84  84  GLU GLU B . n 
B 1 77 PHE 77 85  85  PHE PHE B . n 
B 1 78 PHE 78 86  86  PHE PHE B . n 
B 1 79 LEU 79 87  87  LEU LEU B . n 
B 1 80 TYR 80 88  88  TYR TYR B . n 
B 1 81 LEU 81 89  89  LEU LEU B . n 
B 1 82 LEU 82 90  90  LEU LEU B . n 
B 1 83 GLN 83 91  91  GLN GLN B . n 
B 1 84 GLN 84 92  92  GLN GLN B . n 
B 1 85 LEU 85 93  93  LEU LEU B . n 
B 1 86 ALA 86 94  94  ALA ALA B . n 
B 1 87 ASP 87 95  95  ASP ASP B . n 
B 1 88 ALA 88 96  96  ALA ALA B . n 
B 1 89 TYR 89 97  97  TYR TYR B . n 
B 1 90 VAL 90 98  98  VAL VAL B . n 
B 1 91 ASP 91 99  99  ASP ASP B . n 
B 1 92 LEU 92 100 100 LEU LEU B . n 
B 1 93 ARG 93 101 101 ARG ARG B . n 
B 1 94 PRO 94 102 102 PRO PRO B . n 
B 1 95 TRP 95 103 103 TRP TRP B . n 
B 1 96 LEU 96 104 104 LEU LEU B . n 
B 1 97 LEU 97 105 105 LEU LEU B . n 
B 1 98 GLU 98 106 106 GLU GLU B . n 
# 
loop_
_pdbx_nonpoly_scheme.asym_id 
_pdbx_nonpoly_scheme.entity_id 
_pdbx_nonpoly_scheme.mon_id 
_pdbx_nonpoly_scheme.ndb_seq_num 
_pdbx_nonpoly_scheme.pdb_seq_num 
_pdbx_nonpoly_scheme.auth_seq_num 
_pdbx_nonpoly_scheme.pdb_mon_id 
_pdbx_nonpoly_scheme.auth_mon_id 
_pdbx_nonpoly_scheme.pdb_strand_id 
_pdbx_nonpoly_scheme.pdb_ins_code 
C 2 HOH 1  107 3  HOH HOH A . 
C 2 HOH 2  108 4  HOH HOH A . 
C 2 HOH 3  109 6  HOH HOH A . 
C 2 HOH 4  110 7  HOH HOH A . 
C 2 HOH 5  111 8  HOH HOH A . 
C 2 HOH 6  112 9  HOH HOH A . 
C 2 HOH 7  113 10 HOH HOH A . 
C 2 HOH 8  114 12 HOH HOH A . 
C 2 HOH 9  115 16 HOH HOH A . 
C 2 HOH 10 116 17 HOH HOH A . 
C 2 HOH 11 117 21 HOH HOH A . 
C 2 HOH 12 118 23 HOH HOH A . 
C 2 HOH 13 119 27 HOH HOH A . 
C 2 HOH 14 120 28 HOH HOH A . 
C 2 HOH 15 121 30 HOH HOH A . 
C 2 HOH 16 122 33 HOH HOH A . 
C 2 HOH 17 123 34 HOH HOH A . 
C 2 HOH 18 124 35 HOH HOH A . 
C 2 HOH 19 125 36 HOH HOH A . 
C 2 HOH 20 126 37 HOH HOH A . 
C 2 HOH 21 127 42 HOH HOH A . 
C 2 HOH 22 128 43 HOH HOH A . 
C 2 HOH 23 129 44 HOH HOH A . 
C 2 HOH 24 130 46 HOH HOH A . 
C 2 HOH 25 131 48 HOH HOH A . 
C 2 HOH 26 132 51 HOH HOH A . 
C 2 HOH 27 133 67 HOH HOH A . 
C 2 HOH 28 134 68 HOH HOH A . 
C 2 HOH 29 135 69 HOH HOH A . 
C 2 HOH 30 136 70 HOH HOH A . 
C 2 HOH 31 137 72 HOH HOH A . 
C 2 HOH 32 138 75 HOH HOH A . 
D 2 HOH 1  107 1  HOH HOH B . 
D 2 HOH 2  108 2  HOH HOH B . 
D 2 HOH 3  109 5  HOH HOH B . 
D 2 HOH 4  110 11 HOH HOH B . 
D 2 HOH 5  111 13 HOH HOH B . 
D 2 HOH 6  112 14 HOH HOH B . 
D 2 HOH 7  113 15 HOH HOH B . 
D 2 HOH 8  114 18 HOH HOH B . 
D 2 HOH 9  115 19 HOH HOH B . 
D 2 HOH 10 116 20 HOH HOH B . 
D 2 HOH 11 117 22 HOH HOH B . 
D 2 HOH 12 118 24 HOH HOH B . 
D 2 HOH 13 119 25 HOH HOH B . 
D 2 HOH 14 120 26 HOH HOH B . 
D 2 HOH 15 121 29 HOH HOH B . 
D 2 HOH 16 122 31 HOH HOH B . 
D 2 HOH 17 123 32 HOH HOH B . 
D 2 HOH 18 124 38 HOH HOH B . 
D 2 HOH 19 125 39 HOH HOH B . 
D 2 HOH 20 126 40 HOH HOH B . 
D 2 HOH 21 127 41 HOH HOH B . 
D 2 HOH 22 128 45 HOH HOH B . 
D 2 HOH 23 129 47 HOH HOH B . 
D 2 HOH 24 130 49 HOH HOH B . 
D 2 HOH 25 131 50 HOH HOH B . 
D 2 HOH 26 132 52 HOH HOH B . 
D 2 HOH 27 133 58 HOH HOH B . 
D 2 HOH 28 134 59 HOH HOH B . 
D 2 HOH 29 135 60 HOH HOH B . 
D 2 HOH 30 136 63 HOH HOH B . 
D 2 HOH 31 137 64 HOH HOH B . 
D 2 HOH 32 138 65 HOH HOH B . 
D 2 HOH 33 139 66 HOH HOH B . 
D 2 HOH 34 140 71 HOH HOH B . 
D 2 HOH 35 141 73 HOH HOH B . 
D 2 HOH 36 142 74 HOH HOH B . 
# 
loop_
_software.name 
_software.version 
_software.date 
_software.type 
_software.contact_author 
_software.contact_author_email 
_software.classification 
_software.location 
_software.language 
_software.citation_id 
_software.pdbx_ordinal 
SCALA       .               ?                other   'Phil Evans'        pre@mrc-lmb.cam.ac.uk    'data scaling'    
http://www.ccp4.ac.uk/dist/html/INDEX.html Fortran_77 ? 1 
SOLVE       2.11            19-June-2006     package 'Tom Terwilliger'   terwilliger@LANL.gov     phasing           
http://www.solve.lanl.gov/                 ?          ? 2 
RESOLVE     2.11            24-June-2006     package 'Terwilliger, T. C' terwilliger@LANL.gov     phasing           
http://www.solve.lanl.gov/                 ?          ? 3 
REFMAC      refmac_5.2.0019 24/04/2001       program 'Murshudov, G.N.'   ccp4@dl.ac.uk            refinement        
http://www.ccp4.ac.uk/main.html            Fortran_77 ? 4 
PDB_EXTRACT 2.000           'April. 3, 2006' package PDB                 sw-help@rcsb.rutgers.edu 'data extraction' 
http://pdb.rutgers.edu/software/           C++        ? 5 
ADSC        Quantum         ?                ?       ?                   ?                        'data collection' ? ?          ? 
6 
DENZO       .               ?                ?       ?                   ?                        'data reduction'  ? ?          ? 
7 
HKL-2000    .               ?                ?       ?                   ?                        'data scaling'    ? ?          ? 
8 
# 
_cell.length_a           79.091 
_cell.length_b           79.091 
_cell.length_c           80.863 
_cell.angle_alpha        90.000 
_cell.angle_beta         90.000 
_cell.angle_gamma        120.000 
_cell.entry_id           2NZ7 
_cell.Z_PDB              12 
_cell.pdbx_unique_axis   ? 
_cell.length_a_esd       ? 
_cell.length_b_esd       ? 
_cell.length_c_esd       ? 
_cell.angle_alpha_esd    ? 
_cell.angle_beta_esd     ? 
_cell.angle_gamma_esd    ? 
# 
_symmetry.space_group_name_H-M             'P 31 2 1' 
_symmetry.entry_id                         2NZ7 
_symmetry.Int_Tables_number                152 
_symmetry.pdbx_full_space_group_name_H-M   ? 
_symmetry.cell_setting                     ? 
_symmetry.space_group_name_Hall            ? 
# 
_exptl.crystals_number   1 
_exptl.entry_id          2NZ7 
_exptl.method            'X-RAY DIFFRACTION' 
# 
_exptl_crystal.id                    1 
_exptl_crystal.density_meas          ? 
_exptl_crystal.density_Matthews      3.21 
_exptl_crystal.density_percent_sol   61.69 
_exptl_crystal.description           ? 
_exptl_crystal.F_000                 ? 
_exptl_crystal.preparation           ? 
# 
_exptl_crystal_grow.crystal_id      1 
_exptl_crystal_grow.method          'VAPOR DIFFUSION, SITTING DROP' 
_exptl_crystal_grow.pH              6.0 
_exptl_crystal_grow.temp            277 
_exptl_crystal_grow.temp_details    ? 
_exptl_crystal_grow.pdbx_details    
;20 % PEG 6000, 0.067 M MES (pH 6.0), 0.1 M diammonium hydrogen citrate, 0.09 M NaI, 0.001 M DTT, VAPOR DIFFUSION, SITTING DROP, temperature 277K
;
_exptl_crystal_grow.pdbx_pH_range   . 
# 
_diffrn.id                     1 
_diffrn.ambient_temp           100 
_diffrn.ambient_temp_details   ? 
_diffrn.crystal_id             1 
# 
_diffrn_detector.diffrn_id              1 
_diffrn_detector.detector               CCD 
_diffrn_detector.type                   'ADSC QUANTUM 210' 
_diffrn_detector.pdbx_collection_date   2006-10-12 
_diffrn_detector.details                ? 
# 
_diffrn_radiation.diffrn_id                        1 
_diffrn_radiation.wavelength_id                    1 
_diffrn_radiation.pdbx_diffrn_protocol             'SINGLE WAVELENGTH' 
_diffrn_radiation.monochromator                    'Si 111' 
_diffrn_radiation.pdbx_monochromatic_or_laue_m_l   M 
_diffrn_radiation.pdbx_scattering_type             x-ray 
# 
_diffrn_radiation_wavelength.id           1 
_diffrn_radiation_wavelength.wavelength   0.977 
_diffrn_radiation_wavelength.wt           1.0 
# 
_diffrn_source.diffrn_id                   1 
_diffrn_source.source                      SYNCHROTRON 
_diffrn_source.type                        'CHESS BEAMLINE F2' 
_diffrn_source.pdbx_wavelength             ? 
_diffrn_source.pdbx_wavelength_list        0.977 
_diffrn_source.pdbx_synchrotron_site       CHESS 
_diffrn_source.pdbx_synchrotron_beamline   F2 
# 
_reflns.entry_id                     2NZ7 
_reflns.d_resolution_high            1.823 
_reflns.d_resolution_low             68.519 
_reflns.observed_criterion_sigma_F   ? 
_reflns.observed_criterion_sigma_I   0 
_reflns.number_all                   26612 
_reflns.number_obs                   26612 
_reflns.percent_possible_obs         ? 
_reflns.pdbx_Rmerge_I_obs            0.076 
_reflns.pdbx_Rsym_value              ? 
_reflns.pdbx_netI_over_sigmaI        26.4 
_reflns.B_iso_Wilson_estimate        25.7 
_reflns.pdbx_redundancy              10.4 
_reflns.R_free_details               ? 
_reflns.limit_h_max                  ? 
_reflns.limit_h_min                  ? 
_reflns.limit_k_max                  ? 
_reflns.limit_k_min                  ? 
_reflns.limit_l_max                  ? 
_reflns.limit_l_min                  ? 
_reflns.observed_criterion_F_max     ? 
_reflns.observed_criterion_F_min     ? 
_reflns.pdbx_chi_squared             ? 
_reflns.pdbx_scaling_rejects         ? 
_reflns.pdbx_diffrn_id               1 
_reflns.pdbx_ordinal                 1 
# 
_reflns_shell.d_res_high             1.823 
_reflns_shell.d_res_low              ? 
_reflns_shell.percent_possible_obs   ? 
_reflns_shell.percent_possible_all   ? 
_reflns_shell.Rmerge_I_obs           0.516 
_reflns_shell.meanI_over_sigI_obs    4.6 
_reflns_shell.pdbx_Rsym_value        ? 
_reflns_shell.pdbx_redundancy        9.8 
_reflns_shell.number_unique_all      2617 
_reflns_shell.number_measured_all    ? 
_reflns_shell.number_measured_obs    ? 
_reflns_shell.number_unique_obs      ? 
_reflns_shell.pdbx_chi_squared       ? 
_reflns_shell.pdbx_diffrn_id         ? 
_reflns_shell.pdbx_ordinal           1 
# 
_refine.entry_id                                 2NZ7 
_refine.ls_d_res_high                            1.900 
_refine.ls_d_res_low                             35.530 
_refine.pdbx_ls_sigma_F                          0.00 
_refine.ls_percent_reflns_obs                    100.000 
_refine.ls_number_reflns_obs                     23436 
_refine.pdbx_ls_cross_valid_method               THROUGHOUT 
_refine.pdbx_R_Free_selection_details            RANDOM 
_refine.details                                  'HYDROGENS HAVE BEEN ADDED IN THE RIDING POSITIONS' 
_refine.ls_R_factor_obs                          0.222 
_refine.ls_R_factor_R_work                       0.22 
_refine.ls_R_factor_R_free                       0.266 
_refine.ls_percent_reflns_R_free                 5.100 
_refine.ls_number_reflns_R_free                  1187 
_refine.B_iso_mean                               27.170 
_refine.aniso_B[1][1]                            ? 
_refine.aniso_B[2][2]                            ? 
_refine.aniso_B[3][3]                            ? 
_refine.aniso_B[1][2]                            ? 
_refine.aniso_B[1][3]                            ? 
_refine.aniso_B[2][3]                            ? 
_refine.correlation_coeff_Fo_to_Fc               0.941 
_refine.correlation_coeff_Fo_to_Fc_free          0.924 
_refine.pdbx_overall_ESU_R_Free                  0.141 
_refine.overall_SU_ML                            0.101 
_refine.overall_SU_B                             7.701 
_refine.solvent_model_details                    MASK 
_refine.pdbx_solvent_vdw_probe_radii             1.400 
_refine.pdbx_solvent_ion_probe_radii             0.800 
_refine.pdbx_solvent_shrinkage_radii             0.800 
_refine.pdbx_method_to_determine_struct          MIR 
_refine.pdbx_stereochemistry_target_values       'MAXIMUM LIKELIHOOD WITH PHASES' 
_refine.pdbx_ls_sigma_I                          ? 
_refine.ls_number_reflns_all                     23436 
_refine.ls_R_factor_all                          0.222 
_refine.ls_redundancy_reflns_obs                 ? 
_refine.pdbx_data_cutoff_high_absF               ? 
_refine.pdbx_data_cutoff_low_absF                ? 
_refine.ls_number_parameters                     ? 
_refine.ls_number_restraints                     ? 
_refine.ls_R_factor_R_free_error                 ? 
_refine.ls_R_factor_R_free_error_details         ? 
_refine.pdbx_starting_model                      ? 
_refine.pdbx_stereochem_target_val_spec_case     ? 
_refine.solvent_model_param_bsol                 ? 
_refine.solvent_model_param_ksol                 ? 
_refine.occupancy_max                            ? 
_refine.occupancy_min                            ? 
_refine.pdbx_isotropic_thermal_model             ? 
_refine.B_iso_min                                ? 
_refine.B_iso_max                                ? 
_refine.overall_SU_R_Cruickshank_DPI             ? 
_refine.overall_SU_R_free                        ? 
_refine.pdbx_data_cutoff_high_rms_absF           ? 
_refine.ls_wR_factor_R_free                      ? 
_refine.ls_wR_factor_R_work                      ? 
_refine.overall_FOM_free_R_set                   ? 
_refine.overall_FOM_work_R_set                   ? 
_refine.pdbx_refine_id                           'X-RAY DIFFRACTION' 
_refine.pdbx_overall_phase_error                 ? 
_refine.pdbx_overall_ESU_R                       0.203 
_refine.pdbx_diffrn_id                           1 
_refine.pdbx_TLS_residual_ADP_flag               ? 
_refine.pdbx_overall_SU_R_free_Cruickshank_DPI   ? 
_refine.pdbx_overall_SU_R_Blow_DPI               ? 
_refine.pdbx_overall_SU_R_free_Blow_DPI          ? 
# 
_refine_hist.pdbx_refine_id                   'X-RAY DIFFRACTION' 
_refine_hist.cycle_id                         LAST 
_refine_hist.pdbx_number_atoms_protein        1554 
_refine_hist.pdbx_number_atoms_nucleic_acid   0 
_refine_hist.pdbx_number_atoms_ligand         0 
_refine_hist.number_atoms_solvent             68 
_refine_hist.number_atoms_total               1622 
_refine_hist.d_res_high                       1.900 
_refine_hist.d_res_low                        35.530 
# 
loop_
_refine_ls_restr.type 
_refine_ls_restr.number 
_refine_ls_restr.dev_ideal 
_refine_ls_restr.dev_ideal_target 
_refine_ls_restr.weight 
_refine_ls_restr.pdbx_refine_id 
_refine_ls_restr.pdbx_restraint_function 
r_bond_refined_d         1623 0.018  0.022  ? 'X-RAY DIFFRACTION' ? 
r_angle_refined_deg      2205 1.672  1.984  ? 'X-RAY DIFFRACTION' ? 
r_dihedral_angle_1_deg   194  5.873  5.000  ? 'X-RAY DIFFRACTION' ? 
r_dihedral_angle_2_deg   81   40.166 25.556 ? 'X-RAY DIFFRACTION' ? 
r_dihedral_angle_3_deg   297  14.255 15.000 ? 'X-RAY DIFFRACTION' ? 
r_dihedral_angle_4_deg   8    12.780 15.000 ? 'X-RAY DIFFRACTION' ? 
r_chiral_restr           258  0.108  0.200  ? 'X-RAY DIFFRACTION' ? 
r_gen_planes_refined     1210 0.007  0.020  ? 'X-RAY DIFFRACTION' ? 
r_nbd_refined            714  0.215  0.200  ? 'X-RAY DIFFRACTION' ? 
r_nbtor_refined          1122 0.304  0.200  ? 'X-RAY DIFFRACTION' ? 
r_xyhbond_nbd_refined    69   0.167  0.200  ? 'X-RAY DIFFRACTION' ? 
r_symmetry_vdw_refined   49   0.285  0.200  ? 'X-RAY DIFFRACTION' ? 
r_symmetry_hbond_refined 10   0.174  0.200  ? 'X-RAY DIFFRACTION' ? 
r_mcbond_it              1016 1.695  1.500  ? 'X-RAY DIFFRACTION' ? 
r_mcangle_it             1602 2.531  2.000  ? 'X-RAY DIFFRACTION' ? 
r_scbond_it              678  3.209  3.000  ? 'X-RAY DIFFRACTION' ? 
r_scangle_it             603  4.533  4.500  ? 'X-RAY DIFFRACTION' ? 
r_rigid_bond_restr       1694 2.414  3.000  ? 'X-RAY DIFFRACTION' ? 
r_sphericity_free        68   7.478  3.000  ? 'X-RAY DIFFRACTION' ? 
r_sphericity_bonded      1593 3.392  3.000  ? 'X-RAY DIFFRACTION' ? 
# 
loop_
_refine_ls_restr_ncs.dom_id 
_refine_ls_restr_ncs.pdbx_type 
_refine_ls_restr_ncs.pdbx_auth_asym_id 
_refine_ls_restr_ncs.pdbx_number 
_refine_ls_restr_ncs.rms_dev_position 
_refine_ls_restr_ncs.weight_position 
_refine_ls_restr_ncs.pdbx_ens_id 
_refine_ls_restr_ncs.pdbx_refine_id 
_refine_ls_restr_ncs.pdbx_ordinal 
_refine_ls_restr_ncs.ncs_model_details 
_refine_ls_restr_ncs.rms_dev_B_iso 
_refine_ls_restr_ncs.weight_B_iso 
_refine_ls_restr_ncs.pdbx_asym_id 
_refine_ls_restr_ncs.pdbx_rms 
_refine_ls_restr_ncs.pdbx_weight 
1 'MEDIUM POSITIONAL' A 742 0.310 0.500 1 'X-RAY DIFFRACTION' 1 ? ? ? ? ? ? 
1 'MEDIUM THERMAL'    A 742 1.350 2.000 1 'X-RAY DIFFRACTION' 2 ? ? ? ? ? ? 
# 
_refine_ls_shell.d_res_high                       1.900 
_refine_ls_shell.d_res_low                        1.949 
_refine_ls_shell.pdbx_total_number_of_bins_used   20 
_refine_ls_shell.percent_reflns_obs               100.000 
_refine_ls_shell.number_reflns_R_work             1641 
_refine_ls_shell.R_factor_all                     ? 
_refine_ls_shell.R_factor_R_work                  0.262 
_refine_ls_shell.R_factor_R_free                  0.353 
_refine_ls_shell.percent_reflns_R_free            ? 
_refine_ls_shell.number_reflns_R_free             75 
_refine_ls_shell.R_factor_R_free_error            ? 
_refine_ls_shell.number_reflns_all                ? 
_refine_ls_shell.number_reflns_obs                1716 
_refine_ls_shell.redundancy_reflns_obs            ? 
_refine_ls_shell.pdbx_refine_id                   'X-RAY DIFFRACTION' 
# 
loop_
_struct_ncs_dom.pdbx_ens_id 
_struct_ncs_dom.id 
_struct_ncs_dom.details 
1 1 A 
1 2 B 
# 
loop_
_struct_ncs_dom_lim.pdbx_ens_id 
_struct_ncs_dom_lim.dom_id 
_struct_ncs_dom_lim.pdbx_component_id 
_struct_ncs_dom_lim.beg_label_asym_id 
_struct_ncs_dom_lim.beg_label_comp_id 
_struct_ncs_dom_lim.beg_label_seq_id 
_struct_ncs_dom_lim.beg_label_alt_id 
_struct_ncs_dom_lim.end_label_asym_id 
_struct_ncs_dom_lim.end_label_comp_id 
_struct_ncs_dom_lim.end_label_seq_id 
_struct_ncs_dom_lim.end_label_alt_id 
_struct_ncs_dom_lim.beg_auth_asym_id 
_struct_ncs_dom_lim.beg_auth_comp_id 
_struct_ncs_dom_lim.beg_auth_seq_id 
_struct_ncs_dom_lim.end_auth_asym_id 
_struct_ncs_dom_lim.end_auth_comp_id 
_struct_ncs_dom_lim.end_auth_seq_id 
_struct_ncs_dom_lim.pdbx_refine_code 
_struct_ncs_dom_lim.selection_details 
1 1 1 A SER 8 . A GLU 98 . A SER 16 A GLU 106 4 ? 
1 2 1 B SER 8 . B GLU 98 . B SER 16 B GLU 106 4 ? 
# 
_struct_ncs_ens.id        1 
_struct_ncs_ens.details   ? 
# 
_struct.entry_id                  2NZ7 
_struct.title                     'Crystal Structure Analysis of Caspase-recruitment Domain (CARD) of Nod1' 
_struct.pdbx_model_details        ? 
_struct.pdbx_CASP_flag            N 
_struct.pdbx_model_type_details   ? 
# 
_struct_keywords.entry_id        2NZ7 
_struct_keywords.pdbx_keywords   APOPTOSIS 
_struct_keywords.text            'Helix swapped; Disulfide bond, Apoptosis' 
# 
loop_
_struct_asym.id 
_struct_asym.pdbx_blank_PDB_chainid_flag 
_struct_asym.pdbx_modified 
_struct_asym.entity_id 
_struct_asym.details 
A N N 1 ? 
B N N 1 ? 
C N N 2 ? 
D N N 2 ? 
# 
_struct_ref.id                         1 
_struct_ref.entity_id                  1 
_struct_ref.db_name                    UNP 
_struct_ref.db_code                    CARD4_HUMAN 
_struct_ref.pdbx_db_accession          Q9Y239 
_struct_ref.pdbx_align_begin           9 
_struct_ref.pdbx_seq_one_letter_code   
;MEIIPSESHPHIQLLKSNRELLVTHIRNTQCLVDNLLKNDYFSAEDAEIVCACPTQPDKVRKILDLVQSKGEEVSEFFLY
LLQQLADAYVDLRPWLLE
;
_struct_ref.pdbx_db_isoform            ? 
# 
loop_
_struct_ref_seq.align_id 
_struct_ref_seq.ref_id 
_struct_ref_seq.pdbx_PDB_id_code 
_struct_ref_seq.pdbx_strand_id 
_struct_ref_seq.seq_align_beg 
_struct_ref_seq.pdbx_seq_align_beg_ins_code 
_struct_ref_seq.seq_align_end 
_struct_ref_seq.pdbx_seq_align_end_ins_code 
_struct_ref_seq.pdbx_db_accession 
_struct_ref_seq.db_align_beg 
_struct_ref_seq.pdbx_db_align_beg_ins_code 
_struct_ref_seq.db_align_end 
_struct_ref_seq.pdbx_db_align_end_ins_code 
_struct_ref_seq.pdbx_auth_seq_align_beg 
_struct_ref_seq.pdbx_auth_seq_align_end 
1 1 2NZ7 A 1 ? 98 ? Q9Y239 9 ? 106 ? 9 106 
2 1 2NZ7 B 1 ? 98 ? Q9Y239 9 ? 106 ? 9 106 
# 
_pdbx_struct_assembly.id                   1 
_pdbx_struct_assembly.details              author_and_software_defined_assembly 
_pdbx_struct_assembly.method_details       PISA 
_pdbx_struct_assembly.oligomeric_details   dimeric 
_pdbx_struct_assembly.oligomeric_count     2 
# 
loop_
_pdbx_struct_assembly_prop.biol_id 
_pdbx_struct_assembly_prop.type 
_pdbx_struct_assembly_prop.value 
_pdbx_struct_assembly_prop.details 
1 'ABSA (A^2)' 2870  ? 
1 MORE         -17   ? 
1 'SSA (A^2)'  10460 ? 
# 
_pdbx_struct_assembly_gen.assembly_id       1 
_pdbx_struct_assembly_gen.oper_expression   1 
_pdbx_struct_assembly_gen.asym_id_list      A,B,C,D 
# 
_pdbx_struct_oper_list.id                   1 
_pdbx_struct_oper_list.type                 'identity operation' 
_pdbx_struct_oper_list.name                 1_555 
_pdbx_struct_oper_list.symmetry_operation   x,y,z 
_pdbx_struct_oper_list.matrix[1][1]         1.0000000000 
_pdbx_struct_oper_list.matrix[1][2]         0.0000000000 
_pdbx_struct_oper_list.matrix[1][3]         0.0000000000 
_pdbx_struct_oper_list.vector[1]            0.0000000000 
_pdbx_struct_oper_list.matrix[2][1]         0.0000000000 
_pdbx_struct_oper_list.matrix[2][2]         1.0000000000 
_pdbx_struct_oper_list.matrix[2][3]         0.0000000000 
_pdbx_struct_oper_list.vector[2]            0.0000000000 
_pdbx_struct_oper_list.matrix[3][1]         0.0000000000 
_pdbx_struct_oper_list.matrix[3][2]         0.0000000000 
_pdbx_struct_oper_list.matrix[3][3]         1.0000000000 
_pdbx_struct_oper_list.vector[3]            0.0000000000 
# 
_struct_biol.id        1 
_struct_biol.details   'The biological assembly is a dimer, same dimer in the asymmetric unit.' 
# 
loop_
_struct_conf.conf_type_id 
_struct_conf.id 
_struct_conf.pdbx_PDB_helix_id 
_struct_conf.beg_label_comp_id 
_struct_conf.beg_label_asym_id 
_struct_conf.beg_label_seq_id 
_struct_conf.pdbx_beg_PDB_ins_code 
_struct_conf.end_label_comp_id 
_struct_conf.end_label_asym_id 
_struct_conf.end_label_seq_id 
_struct_conf.pdbx_end_PDB_ins_code 
_struct_conf.beg_auth_comp_id 
_struct_conf.beg_auth_asym_id 
_struct_conf.beg_auth_seq_id 
_struct_conf.end_auth_comp_id 
_struct_conf.end_auth_asym_id 
_struct_conf.end_auth_seq_id 
_struct_conf.pdbx_PDB_helix_class 
_struct_conf.details 
_struct_conf.pdbx_PDB_helix_length 
HELX_P HELX_P1  1  HIS A 9  ? ASN A 18 ? HIS A 17  ASN A 26  1 ? 10 
HELX_P HELX_P2  2  ASN A 18 ? ILE A 26 ? ASN A 26  ILE A 34  1 ? 9  
HELX_P HELX_P3  3  THR A 29 ? ASN A 39 ? THR A 37  ASN A 47  1 ? 11 
HELX_P HELX_P4  4  SER A 43 ? ALA A 52 ? SER A 51  ALA A 60  1 ? 10 
HELX_P HELX_P5  5  THR A 55 ? GLY A 71 ? THR A 63  GLY A 79  1 ? 17 
HELX_P HELX_P6  6  GLY A 71 ? ALA A 88 ? GLY A 79  ALA A 96  1 ? 18 
HELX_P HELX_P7  7  TYR A 89 ? ASP A 91 ? TYR A 97  ASP A 99  5 ? 3  
HELX_P HELX_P8  8  LEU A 92 ? GLU A 98 ? LEU A 100 GLU A 106 1 ? 7  
HELX_P HELX_P9  9  ILE B 4  ? SER B 8  ? ILE B 12  SER B 16  5 ? 5  
HELX_P HELX_P10 10 HIS B 9  ? ASN B 18 ? HIS B 17  ASN B 26  1 ? 10 
HELX_P HELX_P11 11 ASN B 18 ? ILE B 26 ? ASN B 26  ILE B 34  1 ? 9  
HELX_P HELX_P12 12 THR B 29 ? ASN B 39 ? THR B 37  ASN B 47  1 ? 11 
HELX_P HELX_P13 13 SER B 43 ? ALA B 52 ? SER B 51  ALA B 60  1 ? 10 
HELX_P HELX_P14 14 THR B 55 ? GLY B 71 ? THR B 63  GLY B 79  1 ? 17 
HELX_P HELX_P15 15 GLY B 71 ? ALA B 88 ? GLY B 79  ALA B 96  1 ? 18 
HELX_P HELX_P16 16 TYR B 89 ? ASP B 91 ? TYR B 97  ASP B 99  5 ? 3  
HELX_P HELX_P17 17 LEU B 92 ? GLU B 98 ? LEU B 100 GLU B 106 1 ? 7  
# 
_struct_conf_type.id          HELX_P 
_struct_conf_type.criteria    ? 
_struct_conf_type.reference   ? 
# 
_struct_conn.id                            disulf1 
_struct_conn.conn_type_id                  disulf 
_struct_conn.pdbx_leaving_atom_flag        ? 
_struct_conn.pdbx_PDB_id                   ? 
_struct_conn.ptnr1_label_asym_id           A 
_struct_conn.ptnr1_label_comp_id           CYS 
_struct_conn.ptnr1_label_seq_id            31 
_struct_conn.ptnr1_label_atom_id           SG 
_struct_conn.pdbx_ptnr1_label_alt_id       ? 
_struct_conn.pdbx_ptnr1_PDB_ins_code       ? 
_struct_conn.pdbx_ptnr1_standard_comp_id   ? 
_struct_conn.ptnr1_symmetry                1_555 
_struct_conn.ptnr2_label_asym_id           B 
_struct_conn.ptnr2_label_comp_id           CYS 
_struct_conn.ptnr2_label_seq_id            31 
_struct_conn.ptnr2_label_atom_id           SG 
_struct_conn.pdbx_ptnr2_label_alt_id       ? 
_struct_conn.pdbx_ptnr2_PDB_ins_code       ? 
_struct_conn.ptnr1_auth_asym_id            A 
_struct_conn.ptnr1_auth_comp_id            CYS 
_struct_conn.ptnr1_auth_seq_id             39 
_struct_conn.ptnr2_auth_asym_id            B 
_struct_conn.ptnr2_auth_comp_id            CYS 
_struct_conn.ptnr2_auth_seq_id             39 
_struct_conn.ptnr2_symmetry                1_555 
_struct_conn.pdbx_ptnr3_label_atom_id      ? 
_struct_conn.pdbx_ptnr3_label_seq_id       ? 
_struct_conn.pdbx_ptnr3_label_comp_id      ? 
_struct_conn.pdbx_ptnr3_label_asym_id      ? 
_struct_conn.pdbx_ptnr3_label_alt_id       ? 
_struct_conn.pdbx_ptnr3_PDB_ins_code       ? 
_struct_conn.details                       ? 
_struct_conn.pdbx_dist_value               2.030 
_struct_conn.pdbx_value_order              ? 
_struct_conn.pdbx_role                     ? 
# 
_struct_conn_type.id          disulf 
_struct_conn_type.criteria    ? 
_struct_conn_type.reference   ? 
# 
_pdbx_modification_feature.ordinal                            1 
_pdbx_modification_feature.label_comp_id                      CYS 
_pdbx_modification_feature.label_asym_id                      A 
_pdbx_modification_feature.label_seq_id                       31 
_pdbx_modification_feature.label_alt_id                       ? 
_pdbx_modification_feature.modified_residue_label_comp_id     CYS 
_pdbx_modification_feature.modified_residue_label_asym_id     B 
_pdbx_modification_feature.modified_residue_label_seq_id      31 
_pdbx_modification_feature.modified_residue_label_alt_id      ? 
_pdbx_modification_feature.auth_comp_id                       CYS 
_pdbx_modification_feature.auth_asym_id                       A 
_pdbx_modification_feature.auth_seq_id                        39 
_pdbx_modification_feature.PDB_ins_code                       ? 
_pdbx_modification_feature.symmetry                           1_555 
_pdbx_modification_feature.modified_residue_auth_comp_id      CYS 
_pdbx_modification_feature.modified_residue_auth_asym_id      B 
_pdbx_modification_feature.modified_residue_auth_seq_id       39 
_pdbx_modification_feature.modified_residue_PDB_ins_code      ? 
_pdbx_modification_feature.modified_residue_symmetry          1_555 
_pdbx_modification_feature.comp_id_linking_atom               SG 
_pdbx_modification_feature.modified_residue_id_linking_atom   SG 
_pdbx_modification_feature.modified_residue_id                . 
_pdbx_modification_feature.ref_pcm_id                         . 
_pdbx_modification_feature.ref_comp_id                        . 
_pdbx_modification_feature.type                               None 
_pdbx_modification_feature.category                           'Disulfide bridge' 
# 
_pdbx_entry_details.entry_id                   2NZ7 
_pdbx_entry_details.compound_details           ? 
_pdbx_entry_details.source_details             ? 
_pdbx_entry_details.nonpolymer_details         ? 
_pdbx_entry_details.sequence_details           ? 
_pdbx_entry_details.has_ligand_of_interest     ? 
_pdbx_entry_details.has_protein_modification   Y 
# 
_pdbx_validate_symm_contact.id                1 
_pdbx_validate_symm_contact.PDB_model_num     1 
_pdbx_validate_symm_contact.auth_atom_id_1    OE2 
_pdbx_validate_symm_contact.auth_asym_id_1    B 
_pdbx_validate_symm_contact.auth_comp_id_1    GLU 
_pdbx_validate_symm_contact.auth_seq_id_1     53 
_pdbx_validate_symm_contact.PDB_ins_code_1    ? 
_pdbx_validate_symm_contact.label_alt_id_1    ? 
_pdbx_validate_symm_contact.site_symmetry_1   1_555 
_pdbx_validate_symm_contact.auth_atom_id_2    OE1 
_pdbx_validate_symm_contact.auth_asym_id_2    B 
_pdbx_validate_symm_contact.auth_comp_id_2    GLU 
_pdbx_validate_symm_contact.auth_seq_id_2     56 
_pdbx_validate_symm_contact.PDB_ins_code_2    ? 
_pdbx_validate_symm_contact.label_alt_id_2    ? 
_pdbx_validate_symm_contact.site_symmetry_2   6_555 
_pdbx_validate_symm_contact.dist              2.06 
# 
_pdbx_validate_torsion.id              1 
_pdbx_validate_torsion.PDB_model_num   1 
_pdbx_validate_torsion.auth_comp_id    ALA 
_pdbx_validate_torsion.auth_asym_id    A 
_pdbx_validate_torsion.auth_seq_id     60 
_pdbx_validate_torsion.PDB_ins_code    ? 
_pdbx_validate_torsion.label_alt_id    ? 
_pdbx_validate_torsion.phi             -56.78 
_pdbx_validate_torsion.psi             -1.06 
# 
_phasing.method   MIR 
# 
_phasing_MIR.entry_id     2NZ7 
_phasing_MIR.d_res_high   2.80 
_phasing_MIR.d_res_low    1000.00 
_phasing_MIR.reflns       7425 
_phasing_MIR.FOM          0.350 
# 
loop_
_phasing_MIR_der.id 
_phasing_MIR_der.d_res_high 
_phasing_MIR_der.d_res_low 
_phasing_MIR_der.der_set_id 
_phasing_MIR_der.native_set_id 
1 . . 1 . 
2 . . 1 . 
3 . . 1 . 
4 . . 1 . 
5 . . 1 . 
6 . . 1 . 
# 
loop_
_phasing_MIR_der_site.id 
_phasing_MIR_der_site.der_id 
_phasing_MIR_der_site.atom_type_symbol 
_phasing_MIR_der_site.occupancy 
_phasing_MIR_der_site.fract_x 
_phasing_MIR_der_site.fract_y 
_phasing_MIR_der_site.fract_z 
_phasing_MIR_der_site.B_iso 
_phasing_MIR_der_site.details 
1 1 Si 1.6625 0.9447 0.3773 0.0521 33.4729 ? 
1 2 Si 1.0670 0.3438 0.8967 0.0388 16.0044 ? 
1 3 Si 1.4027 0.2039 0.8532 0.1216 31.7762 ? 
1 4 Si 0.3035 0.4156 0.9038 0.0621 1.0000  ? 
1 5 Si 0.4629 0.9061 0.3759 0.0741 26.8699 ? 
1 6 Si 0.4700 0.8687 0.6443 0.0960 41.6449 ? 
# 
loop_
_phasing_MIR_shell.d_res_low 
_phasing_MIR_shell.d_res_high 
_phasing_MIR_shell.reflns 
_phasing_MIR_shell.FOM 
1000.00 10.22 368  0.460 
10.22   6.41  623  0.510 
6.41    4.99  795  0.410 
4.99    4.23  921  0.340 
4.23    3.73  1037 0.320 
3.73    3.37  1131 0.300 
3.37    3.10  1229 0.320 
3.10    2.89  1321 0.320 
# 
_phasing_set.id                1 
_phasing_set.pdbx_d_res_high   . 
_phasing_set.pdbx_d_res_low    . 
# 
loop_
_pdbx_unobs_or_zero_occ_residues.id 
_pdbx_unobs_or_zero_occ_residues.PDB_model_num 
_pdbx_unobs_or_zero_occ_residues.polymer_flag 
_pdbx_unobs_or_zero_occ_residues.occupancy_flag 
_pdbx_unobs_or_zero_occ_residues.auth_asym_id 
_pdbx_unobs_or_zero_occ_residues.auth_comp_id 
_pdbx_unobs_or_zero_occ_residues.auth_seq_id 
_pdbx_unobs_or_zero_occ_residues.PDB_ins_code 
_pdbx_unobs_or_zero_occ_residues.label_asym_id 
_pdbx_unobs_or_zero_occ_residues.label_comp_id 
_pdbx_unobs_or_zero_occ_residues.label_seq_id 
1 1 Y 1 A MET 9  ? A MET 1 
2 1 Y 1 A GLU 10 ? A GLU 2 
3 1 Y 1 A ILE 11 ? A ILE 3 
4 1 Y 1 A ILE 12 ? A ILE 4 
5 1 Y 1 A PRO 13 ? A PRO 5 
# 
loop_
_chem_comp_atom.comp_id 
_chem_comp_atom.atom_id 
_chem_comp_atom.type_symbol 
_chem_comp_atom.pdbx_aromatic_flag 
_chem_comp_atom.pdbx_stereo_config 
_chem_comp_atom.pdbx_ordinal 
ALA N    N N N 1   
ALA CA   C N S 2   
ALA C    C N N 3   
ALA O    O N N 4   
ALA CB   C N N 5   
ALA OXT  O N N 6   
ALA H    H N N 7   
ALA H2   H N N 8   
ALA HA   H N N 9   
ALA HB1  H N N 10  
ALA HB2  H N N 11  
ALA HB3  H N N 12  
ALA HXT  H N N 13  
ARG N    N N N 14  
ARG CA   C N S 15  
ARG C    C N N 16  
ARG O    O N N 17  
ARG CB   C N N 18  
ARG CG   C N N 19  
ARG CD   C N N 20  
ARG NE   N N N 21  
ARG CZ   C N N 22  
ARG NH1  N N N 23  
ARG NH2  N N N 24  
ARG OXT  O N N 25  
ARG H    H N N 26  
ARG H2   H N N 27  
ARG HA   H N N 28  
ARG HB2  H N N 29  
ARG HB3  H N N 30  
ARG HG2  H N N 31  
ARG HG3  H N N 32  
ARG HD2  H N N 33  
ARG HD3  H N N 34  
ARG HE   H N N 35  
ARG HH11 H N N 36  
ARG HH12 H N N 37  
ARG HH21 H N N 38  
ARG HH22 H N N 39  
ARG HXT  H N N 40  
ASN N    N N N 41  
ASN CA   C N S 42  
ASN C    C N N 43  
ASN O    O N N 44  
ASN CB   C N N 45  
ASN CG   C N N 46  
ASN OD1  O N N 47  
ASN ND2  N N N 48  
ASN OXT  O N N 49  
ASN H    H N N 50  
ASN H2   H N N 51  
ASN HA   H N N 52  
ASN HB2  H N N 53  
ASN HB3  H N N 54  
ASN HD21 H N N 55  
ASN HD22 H N N 56  
ASN HXT  H N N 57  
ASP N    N N N 58  
ASP CA   C N S 59  
ASP C    C N N 60  
ASP O    O N N 61  
ASP CB   C N N 62  
ASP CG   C N N 63  
ASP OD1  O N N 64  
ASP OD2  O N N 65  
ASP OXT  O N N 66  
ASP H    H N N 67  
ASP H2   H N N 68  
ASP HA   H N N 69  
ASP HB2  H N N 70  
ASP HB3  H N N 71  
ASP HD2  H N N 72  
ASP HXT  H N N 73  
CYS N    N N N 74  
CYS CA   C N R 75  
CYS C    C N N 76  
CYS O    O N N 77  
CYS CB   C N N 78  
CYS SG   S N N 79  
CYS OXT  O N N 80  
CYS H    H N N 81  
CYS H2   H N N 82  
CYS HA   H N N 83  
CYS HB2  H N N 84  
CYS HB3  H N N 85  
CYS HG   H N N 86  
CYS HXT  H N N 87  
GLN N    N N N 88  
GLN CA   C N S 89  
GLN C    C N N 90  
GLN O    O N N 91  
GLN CB   C N N 92  
GLN CG   C N N 93  
GLN CD   C N N 94  
GLN OE1  O N N 95  
GLN NE2  N N N 96  
GLN OXT  O N N 97  
GLN H    H N N 98  
GLN H2   H N N 99  
GLN HA   H N N 100 
GLN HB2  H N N 101 
GLN HB3  H N N 102 
GLN HG2  H N N 103 
GLN HG3  H N N 104 
GLN HE21 H N N 105 
GLN HE22 H N N 106 
GLN HXT  H N N 107 
GLU N    N N N 108 
GLU CA   C N S 109 
GLU C    C N N 110 
GLU O    O N N 111 
GLU CB   C N N 112 
GLU CG   C N N 113 
GLU CD   C N N 114 
GLU OE1  O N N 115 
GLU OE2  O N N 116 
GLU OXT  O N N 117 
GLU H    H N N 118 
GLU H2   H N N 119 
GLU HA   H N N 120 
GLU HB2  H N N 121 
GLU HB3  H N N 122 
GLU HG2  H N N 123 
GLU HG3  H N N 124 
GLU HE2  H N N 125 
GLU HXT  H N N 126 
GLY N    N N N 127 
GLY CA   C N N 128 
GLY C    C N N 129 
GLY O    O N N 130 
GLY OXT  O N N 131 
GLY H    H N N 132 
GLY H2   H N N 133 
GLY HA2  H N N 134 
GLY HA3  H N N 135 
GLY HXT  H N N 136 
HIS N    N N N 137 
HIS CA   C N S 138 
HIS C    C N N 139 
HIS O    O N N 140 
HIS CB   C N N 141 
HIS CG   C Y N 142 
HIS ND1  N Y N 143 
HIS CD2  C Y N 144 
HIS CE1  C Y N 145 
HIS NE2  N Y N 146 
HIS OXT  O N N 147 
HIS H    H N N 148 
HIS H2   H N N 149 
HIS HA   H N N 150 
HIS HB2  H N N 151 
HIS HB3  H N N 152 
HIS HD1  H N N 153 
HIS HD2  H N N 154 
HIS HE1  H N N 155 
HIS HE2  H N N 156 
HIS HXT  H N N 157 
HOH O    O N N 158 
HOH H1   H N N 159 
HOH H2   H N N 160 
ILE N    N N N 161 
ILE CA   C N S 162 
ILE C    C N N 163 
ILE O    O N N 164 
ILE CB   C N S 165 
ILE CG1  C N N 166 
ILE CG2  C N N 167 
ILE CD1  C N N 168 
ILE OXT  O N N 169 
ILE H    H N N 170 
ILE H2   H N N 171 
ILE HA   H N N 172 
ILE HB   H N N 173 
ILE HG12 H N N 174 
ILE HG13 H N N 175 
ILE HG21 H N N 176 
ILE HG22 H N N 177 
ILE HG23 H N N 178 
ILE HD11 H N N 179 
ILE HD12 H N N 180 
ILE HD13 H N N 181 
ILE HXT  H N N 182 
LEU N    N N N 183 
LEU CA   C N S 184 
LEU C    C N N 185 
LEU O    O N N 186 
LEU CB   C N N 187 
LEU CG   C N N 188 
LEU CD1  C N N 189 
LEU CD2  C N N 190 
LEU OXT  O N N 191 
LEU H    H N N 192 
LEU H2   H N N 193 
LEU HA   H N N 194 
LEU HB2  H N N 195 
LEU HB3  H N N 196 
LEU HG   H N N 197 
LEU HD11 H N N 198 
LEU HD12 H N N 199 
LEU HD13 H N N 200 
LEU HD21 H N N 201 
LEU HD22 H N N 202 
LEU HD23 H N N 203 
LEU HXT  H N N 204 
LYS N    N N N 205 
LYS CA   C N S 206 
LYS C    C N N 207 
LYS O    O N N 208 
LYS CB   C N N 209 
LYS CG   C N N 210 
LYS CD   C N N 211 
LYS CE   C N N 212 
LYS NZ   N N N 213 
LYS OXT  O N N 214 
LYS H    H N N 215 
LYS H2   H N N 216 
LYS HA   H N N 217 
LYS HB2  H N N 218 
LYS HB3  H N N 219 
LYS HG2  H N N 220 
LYS HG3  H N N 221 
LYS HD2  H N N 222 
LYS HD3  H N N 223 
LYS HE2  H N N 224 
LYS HE3  H N N 225 
LYS HZ1  H N N 226 
LYS HZ2  H N N 227 
LYS HZ3  H N N 228 
LYS HXT  H N N 229 
MET N    N N N 230 
MET CA   C N S 231 
MET C    C N N 232 
MET O    O N N 233 
MET CB   C N N 234 
MET CG   C N N 235 
MET SD   S N N 236 
MET CE   C N N 237 
MET OXT  O N N 238 
MET H    H N N 239 
MET H2   H N N 240 
MET HA   H N N 241 
MET HB2  H N N 242 
MET HB3  H N N 243 
MET HG2  H N N 244 
MET HG3  H N N 245 
MET HE1  H N N 246 
MET HE2  H N N 247 
MET HE3  H N N 248 
MET HXT  H N N 249 
PHE N    N N N 250 
PHE CA   C N S 251 
PHE C    C N N 252 
PHE O    O N N 253 
PHE CB   C N N 254 
PHE CG   C Y N 255 
PHE CD1  C Y N 256 
PHE CD2  C Y N 257 
PHE CE1  C Y N 258 
PHE CE2  C Y N 259 
PHE CZ   C Y N 260 
PHE OXT  O N N 261 
PHE H    H N N 262 
PHE H2   H N N 263 
PHE HA   H N N 264 
PHE HB2  H N N 265 
PHE HB3  H N N 266 
PHE HD1  H N N 267 
PHE HD2  H N N 268 
PHE HE1  H N N 269 
PHE HE2  H N N 270 
PHE HZ   H N N 271 
PHE HXT  H N N 272 
PRO N    N N N 273 
PRO CA   C N S 274 
PRO C    C N N 275 
PRO O    O N N 276 
PRO CB   C N N 277 
PRO CG   C N N 278 
PRO CD   C N N 279 
PRO OXT  O N N 280 
PRO H    H N N 281 
PRO HA   H N N 282 
PRO HB2  H N N 283 
PRO HB3  H N N 284 
PRO HG2  H N N 285 
PRO HG3  H N N 286 
PRO HD2  H N N 287 
PRO HD3  H N N 288 
PRO HXT  H N N 289 
SER N    N N N 290 
SER CA   C N S 291 
SER C    C N N 292 
SER O    O N N 293 
SER CB   C N N 294 
SER OG   O N N 295 
SER OXT  O N N 296 
SER H    H N N 297 
SER H2   H N N 298 
SER HA   H N N 299 
SER HB2  H N N 300 
SER HB3  H N N 301 
SER HG   H N N 302 
SER HXT  H N N 303 
THR N    N N N 304 
THR CA   C N S 305 
THR C    C N N 306 
THR O    O N N 307 
THR CB   C N R 308 
THR OG1  O N N 309 
THR CG2  C N N 310 
THR OXT  O N N 311 
THR H    H N N 312 
THR H2   H N N 313 
THR HA   H N N 314 
THR HB   H N N 315 
THR HG1  H N N 316 
THR HG21 H N N 317 
THR HG22 H N N 318 
THR HG23 H N N 319 
THR HXT  H N N 320 
TRP N    N N N 321 
TRP CA   C N S 322 
TRP C    C N N 323 
TRP O    O N N 324 
TRP CB   C N N 325 
TRP CG   C Y N 326 
TRP CD1  C Y N 327 
TRP CD2  C Y N 328 
TRP NE1  N Y N 329 
TRP CE2  C Y N 330 
TRP CE3  C Y N 331 
TRP CZ2  C Y N 332 
TRP CZ3  C Y N 333 
TRP CH2  C Y N 334 
TRP OXT  O N N 335 
TRP H    H N N 336 
TRP H2   H N N 337 
TRP HA   H N N 338 
TRP HB2  H N N 339 
TRP HB3  H N N 340 
TRP HD1  H N N 341 
TRP HE1  H N N 342 
TRP HE3  H N N 343 
TRP HZ2  H N N 344 
TRP HZ3  H N N 345 
TRP HH2  H N N 346 
TRP HXT  H N N 347 
TYR N    N N N 348 
TYR CA   C N S 349 
TYR C    C N N 350 
TYR O    O N N 351 
TYR CB   C N N 352 
TYR CG   C Y N 353 
TYR CD1  C Y N 354 
TYR CD2  C Y N 355 
TYR CE1  C Y N 356 
TYR CE2  C Y N 357 
TYR CZ   C Y N 358 
TYR OH   O N N 359 
TYR OXT  O N N 360 
TYR H    H N N 361 
TYR H2   H N N 362 
TYR HA   H N N 363 
TYR HB2  H N N 364 
TYR HB3  H N N 365 
TYR HD1  H N N 366 
TYR HD2  H N N 367 
TYR HE1  H N N 368 
TYR HE2  H N N 369 
TYR HH   H N N 370 
TYR HXT  H N N 371 
VAL N    N N N 372 
VAL CA   C N S 373 
VAL C    C N N 374 
VAL O    O N N 375 
VAL CB   C N N 376 
VAL CG1  C N N 377 
VAL CG2  C N N 378 
VAL OXT  O N N 379 
VAL H    H N N 380 
VAL H2   H N N 381 
VAL HA   H N N 382 
VAL HB   H N N 383 
VAL HG11 H N N 384 
VAL HG12 H N N 385 
VAL HG13 H N N 386 
VAL HG21 H N N 387 
VAL HG22 H N N 388 
VAL HG23 H N N 389 
VAL HXT  H N N 390 
# 
loop_
_chem_comp_bond.comp_id 
_chem_comp_bond.atom_id_1 
_chem_comp_bond.atom_id_2 
_chem_comp_bond.value_order 
_chem_comp_bond.pdbx_aromatic_flag 
_chem_comp_bond.pdbx_stereo_config 
_chem_comp_bond.pdbx_ordinal 
ALA N   CA   sing N N 1   
ALA N   H    sing N N 2   
ALA N   H2   sing N N 3   
ALA CA  C    sing N N 4   
ALA CA  CB   sing N N 5   
ALA CA  HA   sing N N 6   
ALA C   O    doub N N 7   
ALA C   OXT  sing N N 8   
ALA CB  HB1  sing N N 9   
ALA CB  HB2  sing N N 10  
ALA CB  HB3  sing N N 11  
ALA OXT HXT  sing N N 12  
ARG N   CA   sing N N 13  
ARG N   H    sing N N 14  
ARG N   H2   sing N N 15  
ARG CA  C    sing N N 16  
ARG CA  CB   sing N N 17  
ARG CA  HA   sing N N 18  
ARG C   O    doub N N 19  
ARG C   OXT  sing N N 20  
ARG CB  CG   sing N N 21  
ARG CB  HB2  sing N N 22  
ARG CB  HB3  sing N N 23  
ARG CG  CD   sing N N 24  
ARG CG  HG2  sing N N 25  
ARG CG  HG3  sing N N 26  
ARG CD  NE   sing N N 27  
ARG CD  HD2  sing N N 28  
ARG CD  HD3  sing N N 29  
ARG NE  CZ   sing N N 30  
ARG NE  HE   sing N N 31  
ARG CZ  NH1  sing N N 32  
ARG CZ  NH2  doub N N 33  
ARG NH1 HH11 sing N N 34  
ARG NH1 HH12 sing N N 35  
ARG NH2 HH21 sing N N 36  
ARG NH2 HH22 sing N N 37  
ARG OXT HXT  sing N N 38  
ASN N   CA   sing N N 39  
ASN N   H    sing N N 40  
ASN N   H2   sing N N 41  
ASN CA  C    sing N N 42  
ASN CA  CB   sing N N 43  
ASN CA  HA   sing N N 44  
ASN C   O    doub N N 45  
ASN C   OXT  sing N N 46  
ASN CB  CG   sing N N 47  
ASN CB  HB2  sing N N 48  
ASN CB  HB3  sing N N 49  
ASN CG  OD1  doub N N 50  
ASN CG  ND2  sing N N 51  
ASN ND2 HD21 sing N N 52  
ASN ND2 HD22 sing N N 53  
ASN OXT HXT  sing N N 54  
ASP N   CA   sing N N 55  
ASP N   H    sing N N 56  
ASP N   H2   sing N N 57  
ASP CA  C    sing N N 58  
ASP CA  CB   sing N N 59  
ASP CA  HA   sing N N 60  
ASP C   O    doub N N 61  
ASP C   OXT  sing N N 62  
ASP CB  CG   sing N N 63  
ASP CB  HB2  sing N N 64  
ASP CB  HB3  sing N N 65  
ASP CG  OD1  doub N N 66  
ASP CG  OD2  sing N N 67  
ASP OD2 HD2  sing N N 68  
ASP OXT HXT  sing N N 69  
CYS N   CA   sing N N 70  
CYS N   H    sing N N 71  
CYS N   H2   sing N N 72  
CYS CA  C    sing N N 73  
CYS CA  CB   sing N N 74  
CYS CA  HA   sing N N 75  
CYS C   O    doub N N 76  
CYS C   OXT  sing N N 77  
CYS CB  SG   sing N N 78  
CYS CB  HB2  sing N N 79  
CYS CB  HB3  sing N N 80  
CYS SG  HG   sing N N 81  
CYS OXT HXT  sing N N 82  
GLN N   CA   sing N N 83  
GLN N   H    sing N N 84  
GLN N   H2   sing N N 85  
GLN CA  C    sing N N 86  
GLN CA  CB   sing N N 87  
GLN CA  HA   sing N N 88  
GLN C   O    doub N N 89  
GLN C   OXT  sing N N 90  
GLN CB  CG   sing N N 91  
GLN CB  HB2  sing N N 92  
GLN CB  HB3  sing N N 93  
GLN CG  CD   sing N N 94  
GLN CG  HG2  sing N N 95  
GLN CG  HG3  sing N N 96  
GLN CD  OE1  doub N N 97  
GLN CD  NE2  sing N N 98  
GLN NE2 HE21 sing N N 99  
GLN NE2 HE22 sing N N 100 
GLN OXT HXT  sing N N 101 
GLU N   CA   sing N N 102 
GLU N   H    sing N N 103 
GLU N   H2   sing N N 104 
GLU CA  C    sing N N 105 
GLU CA  CB   sing N N 106 
GLU CA  HA   sing N N 107 
GLU C   O    doub N N 108 
GLU C   OXT  sing N N 109 
GLU CB  CG   sing N N 110 
GLU CB  HB2  sing N N 111 
GLU CB  HB3  sing N N 112 
GLU CG  CD   sing N N 113 
GLU CG  HG2  sing N N 114 
GLU CG  HG3  sing N N 115 
GLU CD  OE1  doub N N 116 
GLU CD  OE2  sing N N 117 
GLU OE2 HE2  sing N N 118 
GLU OXT HXT  sing N N 119 
GLY N   CA   sing N N 120 
GLY N   H    sing N N 121 
GLY N   H2   sing N N 122 
GLY CA  C    sing N N 123 
GLY CA  HA2  sing N N 124 
GLY CA  HA3  sing N N 125 
GLY C   O    doub N N 126 
GLY C   OXT  sing N N 127 
GLY OXT HXT  sing N N 128 
HIS N   CA   sing N N 129 
HIS N   H    sing N N 130 
HIS N   H2   sing N N 131 
HIS CA  C    sing N N 132 
HIS CA  CB   sing N N 133 
HIS CA  HA   sing N N 134 
HIS C   O    doub N N 135 
HIS C   OXT  sing N N 136 
HIS CB  CG   sing N N 137 
HIS CB  HB2  sing N N 138 
HIS CB  HB3  sing N N 139 
HIS CG  ND1  sing Y N 140 
HIS CG  CD2  doub Y N 141 
HIS ND1 CE1  doub Y N 142 
HIS ND1 HD1  sing N N 143 
HIS CD2 NE2  sing Y N 144 
HIS CD2 HD2  sing N N 145 
HIS CE1 NE2  sing Y N 146 
HIS CE1 HE1  sing N N 147 
HIS NE2 HE2  sing N N 148 
HIS OXT HXT  sing N N 149 
HOH O   H1   sing N N 150 
HOH O   H2   sing N N 151 
ILE N   CA   sing N N 152 
ILE N   H    sing N N 153 
ILE N   H2   sing N N 154 
ILE CA  C    sing N N 155 
ILE CA  CB   sing N N 156 
ILE CA  HA   sing N N 157 
ILE C   O    doub N N 158 
ILE C   OXT  sing N N 159 
ILE CB  CG1  sing N N 160 
ILE CB  CG2  sing N N 161 
ILE CB  HB   sing N N 162 
ILE CG1 CD1  sing N N 163 
ILE CG1 HG12 sing N N 164 
ILE CG1 HG13 sing N N 165 
ILE CG2 HG21 sing N N 166 
ILE CG2 HG22 sing N N 167 
ILE CG2 HG23 sing N N 168 
ILE CD1 HD11 sing N N 169 
ILE CD1 HD12 sing N N 170 
ILE CD1 HD13 sing N N 171 
ILE OXT HXT  sing N N 172 
LEU N   CA   sing N N 173 
LEU N   H    sing N N 174 
LEU N   H2   sing N N 175 
LEU CA  C    sing N N 176 
LEU CA  CB   sing N N 177 
LEU CA  HA   sing N N 178 
LEU C   O    doub N N 179 
LEU C   OXT  sing N N 180 
LEU CB  CG   sing N N 181 
LEU CB  HB2  sing N N 182 
LEU CB  HB3  sing N N 183 
LEU CG  CD1  sing N N 184 
LEU CG  CD2  sing N N 185 
LEU CG  HG   sing N N 186 
LEU CD1 HD11 sing N N 187 
LEU CD1 HD12 sing N N 188 
LEU CD1 HD13 sing N N 189 
LEU CD2 HD21 sing N N 190 
LEU CD2 HD22 sing N N 191 
LEU CD2 HD23 sing N N 192 
LEU OXT HXT  sing N N 193 
LYS N   CA   sing N N 194 
LYS N   H    sing N N 195 
LYS N   H2   sing N N 196 
LYS CA  C    sing N N 197 
LYS CA  CB   sing N N 198 
LYS CA  HA   sing N N 199 
LYS C   O    doub N N 200 
LYS C   OXT  sing N N 201 
LYS CB  CG   sing N N 202 
LYS CB  HB2  sing N N 203 
LYS CB  HB3  sing N N 204 
LYS CG  CD   sing N N 205 
LYS CG  HG2  sing N N 206 
LYS CG  HG3  sing N N 207 
LYS CD  CE   sing N N 208 
LYS CD  HD2  sing N N 209 
LYS CD  HD3  sing N N 210 
LYS CE  NZ   sing N N 211 
LYS CE  HE2  sing N N 212 
LYS CE  HE3  sing N N 213 
LYS NZ  HZ1  sing N N 214 
LYS NZ  HZ2  sing N N 215 
LYS NZ  HZ3  sing N N 216 
LYS OXT HXT  sing N N 217 
MET N   CA   sing N N 218 
MET N   H    sing N N 219 
MET N   H2   sing N N 220 
MET CA  C    sing N N 221 
MET CA  CB   sing N N 222 
MET CA  HA   sing N N 223 
MET C   O    doub N N 224 
MET C   OXT  sing N N 225 
MET CB  CG   sing N N 226 
MET CB  HB2  sing N N 227 
MET CB  HB3  sing N N 228 
MET CG  SD   sing N N 229 
MET CG  HG2  sing N N 230 
MET CG  HG3  sing N N 231 
MET SD  CE   sing N N 232 
MET CE  HE1  sing N N 233 
MET CE  HE2  sing N N 234 
MET CE  HE3  sing N N 235 
MET OXT HXT  sing N N 236 
PHE N   CA   sing N N 237 
PHE N   H    sing N N 238 
PHE N   H2   sing N N 239 
PHE CA  C    sing N N 240 
PHE CA  CB   sing N N 241 
PHE CA  HA   sing N N 242 
PHE C   O    doub N N 243 
PHE C   OXT  sing N N 244 
PHE CB  CG   sing N N 245 
PHE CB  HB2  sing N N 246 
PHE CB  HB3  sing N N 247 
PHE CG  CD1  doub Y N 248 
PHE CG  CD2  sing Y N 249 
PHE CD1 CE1  sing Y N 250 
PHE CD1 HD1  sing N N 251 
PHE CD2 CE2  doub Y N 252 
PHE CD2 HD2  sing N N 253 
PHE CE1 CZ   doub Y N 254 
PHE CE1 HE1  sing N N 255 
PHE CE2 CZ   sing Y N 256 
PHE CE2 HE2  sing N N 257 
PHE CZ  HZ   sing N N 258 
PHE OXT HXT  sing N N 259 
PRO N   CA   sing N N 260 
PRO N   CD   sing N N 261 
PRO N   H    sing N N 262 
PRO CA  C    sing N N 263 
PRO CA  CB   sing N N 264 
PRO CA  HA   sing N N 265 
PRO C   O    doub N N 266 
PRO C   OXT  sing N N 267 
PRO CB  CG   sing N N 268 
PRO CB  HB2  sing N N 269 
PRO CB  HB3  sing N N 270 
PRO CG  CD   sing N N 271 
PRO CG  HG2  sing N N 272 
PRO CG  HG3  sing N N 273 
PRO CD  HD2  sing N N 274 
PRO CD  HD3  sing N N 275 
PRO OXT HXT  sing N N 276 
SER N   CA   sing N N 277 
SER N   H    sing N N 278 
SER N   H2   sing N N 279 
SER CA  C    sing N N 280 
SER CA  CB   sing N N 281 
SER CA  HA   sing N N 282 
SER C   O    doub N N 283 
SER C   OXT  sing N N 284 
SER CB  OG   sing N N 285 
SER CB  HB2  sing N N 286 
SER CB  HB3  sing N N 287 
SER OG  HG   sing N N 288 
SER OXT HXT  sing N N 289 
THR N   CA   sing N N 290 
THR N   H    sing N N 291 
THR N   H2   sing N N 292 
THR CA  C    sing N N 293 
THR CA  CB   sing N N 294 
THR CA  HA   sing N N 295 
THR C   O    doub N N 296 
THR C   OXT  sing N N 297 
THR CB  OG1  sing N N 298 
THR CB  CG2  sing N N 299 
THR CB  HB   sing N N 300 
THR OG1 HG1  sing N N 301 
THR CG2 HG21 sing N N 302 
THR CG2 HG22 sing N N 303 
THR CG2 HG23 sing N N 304 
THR OXT HXT  sing N N 305 
TRP N   CA   sing N N 306 
TRP N   H    sing N N 307 
TRP N   H2   sing N N 308 
TRP CA  C    sing N N 309 
TRP CA  CB   sing N N 310 
TRP CA  HA   sing N N 311 
TRP C   O    doub N N 312 
TRP C   OXT  sing N N 313 
TRP CB  CG   sing N N 314 
TRP CB  HB2  sing N N 315 
TRP CB  HB3  sing N N 316 
TRP CG  CD1  doub Y N 317 
TRP CG  CD2  sing Y N 318 
TRP CD1 NE1  sing Y N 319 
TRP CD1 HD1  sing N N 320 
TRP CD2 CE2  doub Y N 321 
TRP CD2 CE3  sing Y N 322 
TRP NE1 CE2  sing Y N 323 
TRP NE1 HE1  sing N N 324 
TRP CE2 CZ2  sing Y N 325 
TRP CE3 CZ3  doub Y N 326 
TRP CE3 HE3  sing N N 327 
TRP CZ2 CH2  doub Y N 328 
TRP CZ2 HZ2  sing N N 329 
TRP CZ3 CH2  sing Y N 330 
TRP CZ3 HZ3  sing N N 331 
TRP CH2 HH2  sing N N 332 
TRP OXT HXT  sing N N 333 
TYR N   CA   sing N N 334 
TYR N   H    sing N N 335 
TYR N   H2   sing N N 336 
TYR CA  C    sing N N 337 
TYR CA  CB   sing N N 338 
TYR CA  HA   sing N N 339 
TYR C   O    doub N N 340 
TYR C   OXT  sing N N 341 
TYR CB  CG   sing N N 342 
TYR CB  HB2  sing N N 343 
TYR CB  HB3  sing N N 344 
TYR CG  CD1  doub Y N 345 
TYR CG  CD2  sing Y N 346 
TYR CD1 CE1  sing Y N 347 
TYR CD1 HD1  sing N N 348 
TYR CD2 CE2  doub Y N 349 
TYR CD2 HD2  sing N N 350 
TYR CE1 CZ   doub Y N 351 
TYR CE1 HE1  sing N N 352 
TYR CE2 CZ   sing Y N 353 
TYR CE2 HE2  sing N N 354 
TYR CZ  OH   sing N N 355 
TYR OH  HH   sing N N 356 
TYR OXT HXT  sing N N 357 
VAL N   CA   sing N N 358 
VAL N   H    sing N N 359 
VAL N   H2   sing N N 360 
VAL CA  C    sing N N 361 
VAL CA  CB   sing N N 362 
VAL CA  HA   sing N N 363 
VAL C   O    doub N N 364 
VAL C   OXT  sing N N 365 
VAL CB  CG1  sing N N 366 
VAL CB  CG2  sing N N 367 
VAL CB  HB   sing N N 368 
VAL CG1 HG11 sing N N 369 
VAL CG1 HG12 sing N N 370 
VAL CG1 HG13 sing N N 371 
VAL CG2 HG21 sing N N 372 
VAL CG2 HG22 sing N N 373 
VAL CG2 HG23 sing N N 374 
VAL OXT HXT  sing N N 375 
# 
_atom_sites.entry_id                    2NZ7 
_atom_sites.fract_transf_matrix[1][1]   0.01084843 
_atom_sites.fract_transf_matrix[1][2]   0.00303962 
_atom_sites.fract_transf_matrix[1][3]   -0.00928617 
_atom_sites.fract_transf_matrix[2][1]   -0.00061217 
_atom_sites.fract_transf_matrix[2][2]   -0.00481655 
_atom_sites.fract_transf_matrix[2][3]   -0.01376903 
_atom_sites.fract_transf_matrix[3][1]   -0.00580021 
_atom_sites.fract_transf_matrix[3][2]   0.01038768 
_atom_sites.fract_transf_matrix[3][3]   -0.00337584 
_atom_sites.fract_transf_vector[1]      -0.037511 
_atom_sites.fract_transf_vector[2]      0.393880 
_atom_sites.fract_transf_vector[3]      -0.091889 
# 
loop_
_atom_type.symbol 
C 
N 
O 
S 
# 
loop_
_atom_site.group_PDB 
_atom_site.id 
_atom_site.type_symbol 
_atom_site.label_atom_id 
_atom_site.label_alt_id 
_atom_site.label_comp_id 
_atom_site.label_asym_id 
_atom_site.label_entity_id 
_atom_site.label_seq_id 
_atom_site.pdbx_PDB_ins_code 
_atom_site.Cartn_x 
_atom_site.Cartn_y 
_atom_site.Cartn_z 
_atom_site.occupancy 
_atom_site.B_iso_or_equiv 
_atom_site.pdbx_formal_charge 
_atom_site.auth_seq_id 
_atom_site.auth_comp_id 
_atom_site.auth_asym_id 
_atom_site.auth_atom_id 
_atom_site.pdbx_PDB_model_num 
ATOM   1    N N   . SER A 1 6  ? -24.069 -19.860 12.792  1.00 41.47 ? 14  SER A N   1 
ATOM   2    C CA  . SER A 1 6  ? -24.701 -18.554 13.316  1.00 41.84 ? 14  SER A CA  1 
ATOM   3    C C   . SER A 1 6  ? -23.863 -17.840 14.412  1.00 40.65 ? 14  SER A C   1 
ATOM   4    O O   . SER A 1 6  ? -23.702 -16.629 14.388  1.00 39.93 ? 14  SER A O   1 
ATOM   5    C CB  . SER A 1 6  ? -26.161 -18.748 13.771  1.00 42.93 ? 14  SER A CB  1 
ATOM   6    O OG  . SER A 1 6  ? -26.736 -17.525 14.270  1.00 42.91 ? 14  SER A OG  1 
ATOM   7    N N   . GLU A 1 7  ? -23.340 -18.608 15.360  1.00 39.12 ? 15  GLU A N   1 
ATOM   8    C CA  . GLU A 1 7  ? -22.227 -18.159 16.190  1.00 38.25 ? 15  GLU A CA  1 
ATOM   9    C C   . GLU A 1 7  ? -20.890 -18.563 15.538  1.00 34.71 ? 15  GLU A C   1 
ATOM   10   O O   . GLU A 1 7  ? -19.821 -18.280 16.080  1.00 33.43 ? 15  GLU A O   1 
ATOM   11   C CB  . GLU A 1 7  ? -22.331 -18.739 17.616  1.00 39.19 ? 15  GLU A CB  1 
ATOM   12   C CG  . GLU A 1 7  ? -22.164 -20.287 17.719  1.00 42.07 ? 15  GLU A CG  1 
ATOM   13   C CD  . GLU A 1 7  ? -22.711 -20.905 19.024  1.00 42.27 ? 15  GLU A CD  1 
ATOM   14   O OE1 . GLU A 1 7  ? -23.405 -20.179 19.802  1.00 45.89 ? 15  GLU A OE1 1 
ATOM   15   O OE2 . GLU A 1 7  ? -22.432 -22.116 19.263  1.00 43.98 ? 15  GLU A OE2 1 
ATOM   16   N N   . SER A 1 8  ? -20.958 -19.251 14.392  1.00 30.25 ? 16  SER A N   1 
ATOM   17   C CA  . SER A 1 8  ? -19.749 -19.531 13.581  1.00 27.00 ? 16  SER A CA  1 
ATOM   18   C C   . SER A 1 8  ? -19.608 -18.559 12.406  1.00 23.80 ? 16  SER A C   1 
ATOM   19   O O   . SER A 1 8  ? -20.580 -18.289 11.705  1.00 21.80 ? 16  SER A O   1 
ATOM   20   C CB  . SER A 1 8  ? -19.761 -20.965 13.085  1.00 27.32 ? 16  SER A CB  1 
ATOM   21   O OG  . SER A 1 8  ? -19.559 -21.851 14.183  1.00 28.18 ? 16  SER A OG  1 
ATOM   22   N N   . HIS A 1 9  ? -18.397 -18.055 12.175  1.00 20.56 ? 17  HIS A N   1 
ATOM   23   C CA  . HIS A 1 9  ? -18.218 -16.986 11.223  1.00 19.03 ? 17  HIS A CA  1 
ATOM   24   C C   . HIS A 1 9  ? -17.038 -17.308 10.349  1.00 17.70 ? 17  HIS A C   1 
ATOM   25   O O   . HIS A 1 9  ? -15.914 -17.331 10.848  1.00 15.21 ? 17  HIS A O   1 
ATOM   26   C CB  . HIS A 1 9  ? -18.070 -15.644 11.937  1.00 19.82 ? 17  HIS A CB  1 
ATOM   27   C CG  . HIS A 1 9  ? -19.307 -15.248 12.677  1.00 20.71 ? 17  HIS A CG  1 
ATOM   28   N ND1 . HIS A 1 9  ? -20.488 -14.954 12.031  1.00 21.79 ? 17  HIS A ND1 1 
ATOM   29   C CD2 . HIS A 1 9  ? -19.585 -15.213 14.005  1.00 22.44 ? 17  HIS A CD2 1 
ATOM   30   C CE1 . HIS A 1 9  ? -21.423 -14.693 12.926  1.00 22.06 ? 17  HIS A CE1 1 
ATOM   31   N NE2 . HIS A 1 9  ? -20.901 -14.858 14.129  1.00 20.93 ? 17  HIS A NE2 1 
ATOM   32   N N   . PRO A 1 10 ? -17.297 -17.573 9.053   1.00 17.42 ? 18  PRO A N   1 
ATOM   33   C CA  . PRO A 1 10 ? -16.217 -18.121 8.180   1.00 16.75 ? 18  PRO A CA  1 
ATOM   34   C C   . PRO A 1 10 ? -14.984 -17.259 7.994   1.00 16.89 ? 18  PRO A C   1 
ATOM   35   O O   . PRO A 1 10 ? -13.898 -17.816 7.907   1.00 15.81 ? 18  PRO A O   1 
ATOM   36   C CB  . PRO A 1 10 ? -16.912 -18.364 6.828   1.00 16.47 ? 18  PRO A CB  1 
ATOM   37   C CG  . PRO A 1 10 ? -18.131 -17.488 6.892   1.00 15.99 ? 18  PRO A CG  1 
ATOM   38   C CD  . PRO A 1 10 ? -18.568 -17.454 8.304   1.00 17.26 ? 18  PRO A CD  1 
ATOM   39   N N   . HIS A 1 11 ? -15.113 -15.939 7.872   1.00 15.89 ? 19  HIS A N   1 
ATOM   40   C CA  . HIS A 1 11 ? -13.876 -15.175 7.677   1.00 16.33 ? 19  HIS A CA  1 
ATOM   41   C C   . HIS A 1 11 ? -13.140 -14.974 9.024   1.00 16.63 ? 19  HIS A C   1 
ATOM   42   O O   . HIS A 1 11 ? -11.916 -14.919 9.030   1.00 16.03 ? 19  HIS A O   1 
ATOM   43   C CB  . HIS A 1 11 ? -14.103 -13.862 6.952   1.00 16.44 ? 19  HIS A CB  1 
ATOM   44   C CG  . HIS A 1 11 ? -14.731 -14.038 5.614   1.00 15.55 ? 19  HIS A CG  1 
ATOM   45   N ND1 . HIS A 1 11 ? -14.002 -14.152 4.447   1.00 19.06 ? 19  HIS A ND1 1 
ATOM   46   C CD2 . HIS A 1 11 ? -16.013 -14.236 5.273   1.00 14.24 ? 19  HIS A CD2 1 
ATOM   47   C CE1 . HIS A 1 11 ? -14.818 -14.348 3.432   1.00 15.56 ? 19  HIS A CE1 1 
ATOM   48   N NE2 . HIS A 1 11 ? -16.046 -14.414 3.908   1.00 19.93 ? 19  HIS A NE2 1 
ATOM   49   N N   . ILE A 1 12 ? -13.847 -14.899 10.156  1.00 15.89 ? 20  ILE A N   1 
ATOM   50   C CA  . ILE A 1 12 ? -13.118 -15.050 11.446  1.00 16.19 ? 20  ILE A CA  1 
ATOM   51   C C   . ILE A 1 12 ? -12.354 -16.372 11.551  1.00 17.21 ? 20  ILE A C   1 
ATOM   52   O O   . ILE A 1 12 ? -11.172 -16.399 11.925  1.00 16.50 ? 20  ILE A O   1 
ATOM   53   C CB  . ILE A 1 12 ? -14.035 -14.893 12.702  1.00 16.54 ? 20  ILE A CB  1 
ATOM   54   C CG1 . ILE A 1 12 ? -14.832 -13.581 12.666  1.00 17.24 ? 20  ILE A CG1 1 
ATOM   55   C CG2 . ILE A 1 12 ? -13.220 -14.976 14.043  1.00 16.57 ? 20  ILE A CG2 1 
ATOM   56   C CD1 . ILE A 1 12 ? -15.801 -13.461 13.853  1.00 16.71 ? 20  ILE A CD1 1 
ATOM   57   N N   . GLN A 1 13 ? -13.015 -17.481 11.190  1.00 16.95 ? 21  GLN A N   1 
ATOM   58   C CA  . GLN A 1 13 ? -12.378 -18.827 11.251  1.00 18.22 ? 21  GLN A CA  1 
ATOM   59   C C   . GLN A 1 13 ? -11.141 -18.938 10.358  1.00 18.22 ? 21  GLN A C   1 
ATOM   60   O O   . GLN A 1 13 ? -10.148 -19.536 10.766  1.00 18.24 ? 21  GLN A O   1 
ATOM   61   C CB  . GLN A 1 13 ? -13.374 -19.907 10.859  1.00 19.29 ? 21  GLN A CB  1 
ATOM   62   C CG  . GLN A 1 13 ? -14.609 -19.841 11.701  1.00 18.33 ? 21  GLN A CG  1 
ATOM   63   C CD  . GLN A 1 13 ? -15.639 -20.829 11.269  1.00 21.99 ? 21  GLN A CD  1 
ATOM   64   O OE1 . GLN A 1 13 ? -16.077 -20.849 10.104  1.00 15.85 ? 21  GLN A OE1 1 
ATOM   65   N NE2 . GLN A 1 13 ? -16.058 -21.667 12.220  1.00 18.95 ? 21  GLN A NE2 1 
ATOM   66   N N   . LEU A 1 14 ? -11.190 -18.347 9.164   1.00 17.20 ? 22  LEU A N   1 
ATOM   67   C CA  . LEU A 1 14 ? -10.024 -18.306 8.268   1.00 18.05 ? 22  LEU A CA  1 
ATOM   68   C C   . LEU A 1 14 ? -8.838  -17.550 8.853   1.00 18.00 ? 22  LEU A C   1 
ATOM   69   O O   . LEU A 1 14 ? -7.672  -17.970 8.695   1.00 17.03 ? 22  LEU A O   1 
ATOM   70   C CB  . LEU A 1 14 ? -10.388 -17.632 6.924   1.00 17.28 ? 22  LEU A CB  1 
ATOM   71   C CG  . LEU A 1 14 ? -11.128 -18.546 5.974   1.00 18.62 ? 22  LEU A CG  1 
ATOM   72   C CD1 . LEU A 1 14 ? -11.651 -17.756 4.840   1.00 18.34 ? 22  LEU A CD1 1 
ATOM   73   C CD2 . LEU A 1 14 ? -10.109 -19.620 5.569   1.00 19.39 ? 22  LEU A CD2 1 
ATOM   74   N N   . LEU A 1 15 ? -9.118  -16.434 9.512   1.00 17.17 ? 23  LEU A N   1 
ATOM   75   C CA  . LEU A 1 15 ? -8.037  -15.683 10.178  1.00 18.09 ? 23  LEU A CA  1 
ATOM   76   C C   . LEU A 1 15 ? -7.453  -16.460 11.379  1.00 19.39 ? 23  LEU A C   1 
ATOM   77   O O   . LEU A 1 15 ? -6.257  -16.481 11.613  1.00 18.74 ? 23  LEU A O   1 
ATOM   78   C CB  . LEU A 1 15 ? -8.514  -14.293 10.607  1.00 16.98 ? 23  LEU A CB  1 
ATOM   79   C CG  . LEU A 1 15 ? -8.903  -13.376 9.449   1.00 15.18 ? 23  LEU A CG  1 
ATOM   80   C CD1 . LEU A 1 15 ? -9.504  -12.074 10.040  1.00 15.22 ? 23  LEU A CD1 1 
ATOM   81   C CD2 . LEU A 1 15 ? -7.684  -13.105 8.491   1.00 15.30 ? 23  LEU A CD2 1 
ATOM   82   N N   . LYS A 1 16 ? -8.306  -17.086 12.172  1.00 20.67 ? 24  LYS A N   1 
ATOM   83   C CA  . LYS A 1 16 ? -7.769  -17.895 13.263  1.00 21.75 ? 24  LYS A CA  1 
ATOM   84   C C   . LYS A 1 16 ? -6.933  -19.065 12.755  1.00 22.33 ? 24  LYS A C   1 
ATOM   85   O O   . LYS A 1 16 ? -5.854  -19.329 13.291  1.00 23.07 ? 24  LYS A O   1 
ATOM   86   C CB  . LYS A 1 16 ? -8.910  -18.402 14.123  1.00 22.95 ? 24  LYS A CB  1 
ATOM   87   C CG  . LYS A 1 16 ? -9.507  -17.315 14.916  1.00 24.27 ? 24  LYS A CG  1 
ATOM   88   C CD  . LYS A 1 16 ? -10.503 -17.859 15.888  1.00 27.53 ? 24  LYS A CD  1 
ATOM   89   C CE  . LYS A 1 16 ? -11.220 -16.725 16.585  1.00 30.64 ? 24  LYS A CE  1 
ATOM   90   N NZ  . LYS A 1 16 ? -12.349 -17.335 17.419  1.00 31.83 ? 24  LYS A NZ  1 
ATOM   91   N N   . SER A 1 17 ? -7.408  -19.753 11.720  1.00 21.70 ? 25  SER A N   1 
ATOM   92   C CA  . SER A 1 17 ? -6.715  -20.945 11.183  1.00 22.13 ? 25  SER A CA  1 
ATOM   93   C C   . SER A 1 17 ? -5.419  -20.594 10.472  1.00 21.29 ? 25  SER A C   1 
ATOM   94   O O   . SER A 1 17 ? -4.570  -21.440 10.238  1.00 19.64 ? 25  SER A O   1 
ATOM   95   C CB  . SER A 1 17 ? -7.625  -21.688 10.192  1.00 23.57 ? 25  SER A CB  1 
ATOM   96   O OG  . SER A 1 17 ? -8.711  -22.255 10.904  1.00 24.41 ? 25  SER A OG  1 
ATOM   97   N N   . ASN A 1 18 ? -5.263  -19.331 10.128  1.00 19.50 ? 26  ASN A N   1 
ATOM   98   C CA  . ASN A 1 18 ? -4.099  -18.941 9.367   1.00 19.09 ? 26  ASN A CA  1 
ATOM   99   C C   . ASN A 1 18 ? -3.245  -17.905 10.108  1.00 18.28 ? 26  ASN A C   1 
ATOM   100  O O   . ASN A 1 18 ? -2.507  -17.159 9.476   1.00 16.78 ? 26  ASN A O   1 
ATOM   101  C CB  . ASN A 1 18 ? -4.532  -18.450 7.966   1.00 19.46 ? 26  ASN A CB  1 
ATOM   102  C CG  . ASN A 1 18 ? -5.102  -19.591 7.092   1.00 21.35 ? 26  ASN A CG  1 
ATOM   103  O OD1 . ASN A 1 18 ? -6.341  -19.774 6.973   1.00 22.40 ? 26  ASN A OD1 1 
ATOM   104  N ND2 . ASN A 1 18 ? -4.213  -20.381 6.519   1.00 18.00 ? 26  ASN A ND2 1 
ATOM   105  N N   . ARG A 1 19 ? -3.361  -17.860 11.432  1.00 16.82 ? 27  ARG A N   1 
ATOM   106  C CA  . ARG A 1 19 ? -2.650  -16.869 12.199  1.00 18.90 ? 27  ARG A CA  1 
ATOM   107  C C   . ARG A 1 19 ? -1.172  -16.860 11.861  1.00 19.38 ? 27  ARG A C   1 
ATOM   108  O O   . ARG A 1 19 ? -0.629  -15.823 11.471  1.00 18.71 ? 27  ARG A O   1 
ATOM   109  C CB  . ARG A 1 19 ? -2.838  -17.068 13.695  1.00 19.09 ? 27  ARG A CB  1 
ATOM   110  C CG  . ARG A 1 19 ? -2.217  -15.919 14.504  1.00 21.43 ? 27  ARG A CG  1 
ATOM   111  C CD  . ARG A 1 19 ? -2.549  -16.076 15.974  1.00 25.03 ? 27  ARG A CD  1 
ATOM   112  N NE  . ARG A 1 19 ? -2.129  -14.926 16.785  1.00 28.89 ? 27  ARG A NE  1 
ATOM   113  C CZ  . ARG A 1 19 ? -2.888  -13.852 17.026  1.00 29.14 ? 27  ARG A CZ  1 
ATOM   114  N NH1 . ARG A 1 19 ? -4.107  -13.730 16.493  1.00 27.26 ? 27  ARG A NH1 1 
ATOM   115  N NH2 . ARG A 1 19 ? -2.410  -12.890 17.815  1.00 29.80 ? 27  ARG A NH2 1 
ATOM   116  N N   . GLU A 1 20 ? -0.514  -18.000 11.982  1.00 19.65 ? 28  GLU A N   1 
ATOM   117  C CA  . GLU A 1 20 ? 0.939   -18.040 11.716  1.00 21.26 ? 28  GLU A CA  1 
ATOM   118  C C   . GLU A 1 20 ? 1.339   -17.782 10.261  1.00 20.41 ? 28  GLU A C   1 
ATOM   119  O O   . GLU A 1 20 ? 2.368   -17.140 9.989   1.00 19.21 ? 28  GLU A O   1 
ATOM   120  C CB  . GLU A 1 20 ? 1.574   -19.343 12.213  1.00 23.48 ? 28  GLU A CB  1 
ATOM   121  C CG  . GLU A 1 20 ? 1.652   -19.442 13.740  1.00 28.13 ? 28  GLU A CG  1 
ATOM   122  C CD  . GLU A 1 20 ? 2.143   -18.159 14.401  1.00 31.65 ? 28  GLU A CD  1 
ATOM   123  O OE1 . GLU A 1 20 ? 3.297   -17.723 14.096  1.00 32.82 ? 28  GLU A OE1 1 
ATOM   124  O OE2 . GLU A 1 20 ? 1.362   -17.600 15.234  1.00 33.20 ? 28  GLU A OE2 1 
ATOM   125  N N   . LEU A 1 21 ? 0.544   -18.276 9.326   1.00 18.89 ? 29  LEU A N   1 
ATOM   126  C CA  . LEU A 1 21 ? 0.752   -17.932 7.922   1.00 20.61 ? 29  LEU A CA  1 
ATOM   127  C C   . LEU A 1 21 ? 0.800   -16.405 7.703   1.00 19.15 ? 29  LEU A C   1 
ATOM   128  O O   . LEU A 1 21 ? 1.701   -15.901 7.088   1.00 18.44 ? 29  LEU A O   1 
ATOM   129  C CB  . LEU A 1 21 ? -0.318  -18.575 7.012   1.00 19.81 ? 29  LEU A CB  1 
ATOM   130  C CG  . LEU A 1 21 ? -0.326  -18.163 5.534   1.00 22.48 ? 29  LEU A CG  1 
ATOM   131  C CD1 . LEU A 1 21 ? 0.784   -18.880 4.834   1.00 23.40 ? 29  LEU A CD1 1 
ATOM   132  C CD2 . LEU A 1 21 ? -1.652  -18.570 4.901   1.00 22.72 ? 29  LEU A CD2 1 
ATOM   133  N N   . LEU A 1 22 ? -0.166  -15.701 8.252   1.00 18.95 ? 30  LEU A N   1 
ATOM   134  C CA  . LEU A 1 22 ? -0.259  -14.277 8.087   1.00 18.83 ? 30  LEU A CA  1 
ATOM   135  C C   . LEU A 1 22 ? 0.801   -13.510 8.840   1.00 19.65 ? 30  LEU A C   1 
ATOM   136  O O   . LEU A 1 22 ? 1.422   -12.612 8.285   1.00 19.62 ? 30  LEU A O   1 
ATOM   137  C CB  . LEU A 1 22 ? -1.662  -13.824 8.510   1.00 17.90 ? 30  LEU A CB  1 
ATOM   138  C CG  . LEU A 1 22 ? -2.789  -14.342 7.605   1.00 16.63 ? 30  LEU A CG  1 
ATOM   139  C CD1 . LEU A 1 22 ? -4.209  -14.166 8.318   1.00 16.91 ? 30  LEU A CD1 1 
ATOM   140  C CD2 . LEU A 1 22 ? -2.714  -13.798 6.162   1.00 18.30 ? 30  LEU A CD2 1 
ATOM   141  N N   . VAL A 1 23 ? 0.984   -13.831 10.109  1.00 20.02 ? 31  VAL A N   1 
ATOM   142  C CA  . VAL A 1 23 ? 2.030   -13.212 10.936  1.00 20.83 ? 31  VAL A CA  1 
ATOM   143  C C   . VAL A 1 23 ? 3.402   -13.292 10.258  1.00 22.47 ? 31  VAL A C   1 
ATOM   144  O O   . VAL A 1 23 ? 4.165   -12.320 10.236  1.00 21.67 ? 31  VAL A O   1 
ATOM   145  C CB  . VAL A 1 23 ? 2.033   -13.845 12.344  1.00 20.45 ? 31  VAL A CB  1 
ATOM   146  C CG1 . VAL A 1 23 ? 3.252   -13.382 13.196  1.00 21.57 ? 31  VAL A CG1 1 
ATOM   147  C CG2 . VAL A 1 23 ? 0.736   -13.463 13.058  1.00 18.55 ? 31  VAL A CG2 1 
ATOM   148  N N   . THR A 1 24 ? 3.703   -14.436 9.657   1.00 22.98 ? 32  THR A N   1 
ATOM   149  C CA  . THR A 1 24 ? 5.048   -14.642 9.135   1.00 23.54 ? 32  THR A CA  1 
ATOM   150  C C   . THR A 1 24 ? 5.250   -14.183 7.695   1.00 24.51 ? 32  THR A C   1 
ATOM   151  O O   . THR A 1 24 ? 6.372   -14.220 7.189   1.00 24.20 ? 32  THR A O   1 
ATOM   152  C CB  . THR A 1 24 ? 5.490   -16.119 9.326   1.00 23.62 ? 32  THR A CB  1 
ATOM   153  O OG1 . THR A 1 24 ? 4.575   -16.976 8.649   1.00 22.20 ? 32  THR A OG1 1 
ATOM   154  C CG2 . THR A 1 24 ? 5.536   -16.481 10.787  1.00 21.71 ? 32  THR A CG2 1 
ATOM   155  N N   . HIS A 1 25 ? 4.186   -13.752 7.025   1.00 24.24 ? 33  HIS A N   1 
ATOM   156  C CA  . HIS A 1 25 ? 4.261   -13.388 5.595   1.00 26.00 ? 33  HIS A CA  1 
ATOM   157  C C   . HIS A 1 25 ? 3.759   -11.991 5.249   1.00 26.66 ? 33  HIS A C   1 
ATOM   158  O O   . HIS A 1 25 ? 3.777   -11.582 4.085   1.00 26.86 ? 33  HIS A O   1 
ATOM   159  C CB  . HIS A 1 25 ? 3.563   -14.426 4.722   1.00 24.77 ? 33  HIS A CB  1 
ATOM   160  C CG  . HIS A 1 25 ? 4.209   -15.766 4.791   1.00 24.63 ? 33  HIS A CG  1 
ATOM   161  N ND1 . HIS A 1 25 ? 5.333   -16.086 4.055   1.00 25.00 ? 33  HIS A ND1 1 
ATOM   162  C CD2 . HIS A 1 25 ? 3.931   -16.849 5.546   1.00 23.56 ? 33  HIS A CD2 1 
ATOM   163  C CE1 . HIS A 1 25 ? 5.693   -17.334 4.327   1.00 23.72 ? 33  HIS A CE1 1 
ATOM   164  N NE2 . HIS A 1 25 ? 4.844   -17.825 5.207   1.00 25.23 ? 33  HIS A NE2 1 
ATOM   165  N N   . ILE A 1 26 ? 3.325   -11.281 6.271   1.00 27.66 ? 34  ILE A N   1 
ATOM   166  C CA  . ILE A 1 26 ? 2.937   -9.868  6.099   1.00 29.06 ? 34  ILE A CA  1 
ATOM   167  C C   . ILE A 1 26 ? 4.083   -8.905  6.430   1.00 31.32 ? 34  ILE A C   1 
ATOM   168  O O   . ILE A 1 26 ? 4.478   -8.805  7.573   1.00 31.22 ? 34  ILE A O   1 
ATOM   169  C CB  . ILE A 1 26 ? 1.633   -9.534  6.879   1.00 28.16 ? 34  ILE A CB  1 
ATOM   170  C CG1 . ILE A 1 26 ? 0.479   -10.340 6.269   1.00 23.92 ? 34  ILE A CG1 1 
ATOM   171  C CG2 . ILE A 1 26 ? 1.388   -8.013  6.871   1.00 28.03 ? 34  ILE A CG2 1 
ATOM   172  C CD1 . ILE A 1 26 ? -0.906  -10.067 6.833   1.00 24.71 ? 34  ILE A CD1 1 
ATOM   173  N N   . ARG A 1 27 ? 4.574   -8.186  5.405   1.00 33.79 ? 35  ARG A N   1 
ATOM   174  C CA  . ARG A 1 27 ? 5.747   -7.331  5.564   1.00 36.92 ? 35  ARG A CA  1 
ATOM   175  C C   . ARG A 1 27 ? 5.471   -5.848  5.780   1.00 37.82 ? 35  ARG A C   1 
ATOM   176  O O   . ARG A 1 27 ? 6.391   -5.090  6.142   1.00 38.49 ? 35  ARG A O   1 
ATOM   177  C CB  . ARG A 1 27 ? 6.718   -7.515  4.403   1.00 37.10 ? 35  ARG A CB  1 
ATOM   178  C CG  . ARG A 1 27 ? 7.206   -8.929  4.324   1.00 39.00 ? 35  ARG A CG  1 
ATOM   179  C CD  . ARG A 1 27 ? 8.349   -9.024  3.385   1.00 41.98 ? 35  ARG A CD  1 
ATOM   180  N NE  . ARG A 1 27 ? 8.133   -10.110 2.428   1.00 43.86 ? 35  ARG A NE  1 
ATOM   181  C CZ  . ARG A 1 27 ? 8.818   -10.258 1.296   1.00 44.15 ? 35  ARG A CZ  1 
ATOM   182  N NH1 . ARG A 1 27 ? 9.788   -9.386  0.981   1.00 43.51 ? 35  ARG A NH1 1 
ATOM   183  N NH2 . ARG A 1 27 ? 8.539   -11.275 0.481   1.00 41.91 ? 35  ARG A NH2 1 
ATOM   184  N N   . ASN A 1 28 ? 4.234   -5.437  5.543   1.00 37.49 ? 36  ASN A N   1 
ATOM   185  C CA  . ASN A 1 28 ? 3.842   -4.068  5.792   1.00 37.67 ? 36  ASN A CA  1 
ATOM   186  C C   . ASN A 1 28 ? 2.486   -4.077  6.468   1.00 36.97 ? 36  ASN A C   1 
ATOM   187  O O   . ASN A 1 28 ? 1.533   -4.632  5.920   1.00 35.41 ? 36  ASN A O   1 
ATOM   188  C CB  . ASN A 1 28 ? 3.809   -3.263  4.472   1.00 38.54 ? 36  ASN A CB  1 
ATOM   189  C CG  . ASN A 1 28 ? 3.235   -1.817  4.642   1.00 39.77 ? 36  ASN A CG  1 
ATOM   190  O OD1 . ASN A 1 28 ? 2.393   -1.542  5.518   1.00 39.82 ? 36  ASN A OD1 1 
ATOM   191  N ND2 . ASN A 1 28 ? 3.676   -0.908  3.780   1.00 38.94 ? 36  ASN A ND2 1 
ATOM   192  N N   . THR A 1 29 ? 2.414   -3.453  7.642   1.00 36.53 ? 37  THR A N   1 
ATOM   193  C CA  . THR A 1 29 ? 1.130   -3.238  8.323   1.00 37.50 ? 37  THR A CA  1 
ATOM   194  C C   . THR A 1 29 ? 0.509   -1.826  8.196   1.00 37.68 ? 37  THR A C   1 
ATOM   195  O O   . THR A 1 29 ? -0.672  -1.635  8.516   1.00 36.86 ? 37  THR A O   1 
ATOM   196  C CB  . THR A 1 29 ? 1.232   -3.548  9.781   1.00 36.98 ? 37  THR A CB  1 
ATOM   197  O OG1 . THR A 1 29 ? 2.316   -2.798  10.326  1.00 36.99 ? 37  THR A OG1 1 
ATOM   198  C CG2 . THR A 1 29 ? 1.487   -5.031  9.988   1.00 36.41 ? 37  THR A CG2 1 
ATOM   199  N N   . GLN A 1 30 ? 1.301   -0.854  7.750   1.00 38.04 ? 38  GLN A N   1 
ATOM   200  C CA  . GLN A 1 30 ? 0.840   0.535   7.571   1.00 38.03 ? 38  GLN A CA  1 
ATOM   201  C C   . GLN A 1 30 ? -0.358  0.686   6.638   1.00 36.26 ? 38  GLN A C   1 
ATOM   202  O O   . GLN A 1 30 ? -1.348  1.326   6.992   1.00 34.36 ? 38  GLN A O   1 
ATOM   203  C CB  . GLN A 1 30 ? 1.983   1.459   7.096   1.00 39.17 ? 38  GLN A CB  1 
ATOM   204  C CG  . GLN A 1 30 ? 1.610   2.950   7.144   1.00 41.93 ? 38  GLN A CG  1 
ATOM   205  C CD  . GLN A 1 30 ? 1.566   3.465   8.567   1.00 46.95 ? 38  GLN A CD  1 
ATOM   206  O OE1 . GLN A 1 30 ? 2.595   3.821   9.129   1.00 49.93 ? 38  GLN A OE1 1 
ATOM   207  N NE2 . GLN A 1 30 ? 0.378   3.485   9.169   1.00 48.50 ? 38  GLN A NE2 1 
ATOM   208  N N   . CYS A 1 31 ? -0.239  0.135   5.433   1.00 35.26 ? 39  CYS A N   1 
ATOM   209  C CA  . CYS A 1 31 ? -1.325  0.059   4.458   1.00 34.72 ? 39  CYS A CA  1 
ATOM   210  C C   . CYS A 1 31 ? -2.624  -0.477  5.080   1.00 32.70 ? 39  CYS A C   1 
ATOM   211  O O   . CYS A 1 31 ? -3.705  0.002   4.770   1.00 30.31 ? 39  CYS A O   1 
ATOM   212  C CB  . CYS A 1 31 ? -0.922  -0.891  3.322   1.00 36.13 ? 39  CYS A CB  1 
ATOM   213  S SG  . CYS A 1 31 ? 0.588   -0.381  2.424   1.00 41.26 ? 39  CYS A SG  1 
ATOM   214  N N   . LEU A 1 32 ? -2.478  -1.475  5.946   1.00 30.75 ? 40  LEU A N   1 
ATOM   215  C CA  . LEU A 1 32 ? -3.614  -2.204  6.521   1.00 29.61 ? 40  LEU A CA  1 
ATOM   216  C C   . LEU A 1 32 ? -4.332  -1.352  7.555   1.00 27.94 ? 40  LEU A C   1 
ATOM   217  O O   . LEU A 1 32 ? -5.536  -1.170  7.472   1.00 26.31 ? 40  LEU A O   1 
ATOM   218  C CB  . LEU A 1 32 ? -3.128  -3.512  7.169   1.00 29.87 ? 40  LEU A CB  1 
ATOM   219  C CG  . LEU A 1 32 ? -2.718  -4.677  6.269   1.00 29.30 ? 40  LEU A CG  1 
ATOM   220  C CD1 . LEU A 1 32 ? -2.315  -5.884  7.152   1.00 26.37 ? 40  LEU A CD1 1 
ATOM   221  C CD2 . LEU A 1 32 ? -3.870  -5.034  5.350   1.00 28.84 ? 40  LEU A CD2 1 
ATOM   222  N N   . VAL A 1 33 ? -3.579  -0.829  8.512   1.00 26.18 ? 41  VAL A N   1 
ATOM   223  C CA  . VAL A 1 33 ? -4.112  0.019   9.566   1.00 26.37 ? 41  VAL A CA  1 
ATOM   224  C C   . VAL A 1 33 ? -4.755  1.246   8.929   1.00 26.09 ? 41  VAL A C   1 
ATOM   225  O O   . VAL A 1 33 ? -5.864  1.632   9.294   1.00 24.99 ? 41  VAL A O   1 
ATOM   226  C CB  . VAL A 1 33 ? -2.998  0.422   10.610  1.00 26.08 ? 41  VAL A CB  1 
ATOM   227  C CG1 . VAL A 1 33 ? -3.510  1.465   11.652  1.00 26.15 ? 41  VAL A CG1 1 
ATOM   228  C CG2 . VAL A 1 33 ? -2.428  -0.813  11.315  1.00 26.40 ? 41  VAL A CG2 1 
ATOM   229  N N   . ASP A 1 34 ? -4.065  1.866   7.978   1.00 25.62 ? 42  ASP A N   1 
ATOM   230  C CA  . ASP A 1 34 ? -4.622  3.064   7.353   1.00 25.42 ? 42  ASP A CA  1 
ATOM   231  C C   . ASP A 1 34 ? -5.965  2.821   6.679   1.00 24.32 ? 42  ASP A C   1 
ATOM   232  O O   . ASP A 1 34 ? -6.837  3.673   6.758   1.00 22.79 ? 42  ASP A O   1 
ATOM   233  C CB  . ASP A 1 34 ? -3.650  3.676   6.356   1.00 26.24 ? 42  ASP A CB  1 
ATOM   234  C CG  . ASP A 1 34 ? -2.451  4.345   7.030   1.00 29.44 ? 42  ASP A CG  1 
ATOM   235  O OD1 . ASP A 1 34 ? -2.484  4.639   8.273   1.00 27.89 ? 42  ASP A OD1 1 
ATOM   236  O OD2 . ASP A 1 34 ? -1.457  4.561   6.282   1.00 31.15 ? 42  ASP A OD2 1 
ATOM   237  N N   . ASN A 1 35 ? -6.120  1.678   6.008   1.00 23.29 ? 43  ASN A N   1 
ATOM   238  C CA  . ASN A 1 35 ? -7.366  1.388   5.280   1.00 24.38 ? 43  ASN A CA  1 
ATOM   239  C C   . ASN A 1 35 ? -8.523  0.994   6.225   1.00 23.51 ? 43  ASN A C   1 
ATOM   240  O O   . ASN A 1 35 ? -9.714  1.320   5.976   1.00 21.64 ? 43  ASN A O   1 
ATOM   241  C CB  . ASN A 1 35 ? -7.154  0.354   4.174   1.00 25.46 ? 43  ASN A CB  1 
ATOM   242  C CG  . ASN A 1 35 ? -8.167  0.507   3.036   1.00 30.75 ? 43  ASN A CG  1 
ATOM   243  O OD1 . ASN A 1 35 ? -9.024  -0.344  2.833   1.00 36.49 ? 43  ASN A OD1 1 
ATOM   244  N ND2 . ASN A 1 35 ? -8.087  1.604   2.315   1.00 33.36 ? 43  ASN A ND2 1 
ATOM   245  N N   . LEU A 1 36 ? -8.166  0.328   7.311   1.00 22.07 ? 44  LEU A N   1 
ATOM   246  C CA  . LEU A 1 36 ? -9.107  0.019   8.408   1.00 22.36 ? 44  LEU A CA  1 
ATOM   247  C C   . LEU A 1 36 ? -9.578  1.293   9.101   1.00 23.42 ? 44  LEU A C   1 
ATOM   248  O O   . LEU A 1 36 ? -10.747 1.453   9.365   1.00 22.47 ? 44  LEU A O   1 
ATOM   249  C CB  . LEU A 1 36 ? -8.451  -0.939  9.412   1.00 21.84 ? 44  LEU A CB  1 
ATOM   250  C CG  . LEU A 1 36 ? -8.229  -2.354  8.841   1.00 19.69 ? 44  LEU A CG  1 
ATOM   251  C CD1 . LEU A 1 36 ? -7.270  -3.115  9.677   1.00 16.58 ? 44  LEU A CD1 1 
ATOM   252  C CD2 . LEU A 1 36 ? -9.593  -3.105  8.717   1.00 17.75 ? 44  LEU A CD2 1 
ATOM   253  N N   . LEU A 1 37 ? -8.649  2.193   9.387   1.00 24.59 ? 45  LEU A N   1 
ATOM   254  C CA  . LEU A 1 37 ? -8.999  3.546   9.844   1.00 27.07 ? 45  LEU A CA  1 
ATOM   255  C C   . LEU A 1 37 ? -9.909  4.322   8.870   1.00 28.14 ? 45  LEU A C   1 
ATOM   256  O O   . LEU A 1 37 ? -10.985 4.762   9.235   1.00 26.78 ? 45  LEU A O   1 
ATOM   257  C CB  . LEU A 1 37 ? -7.734  4.338   10.139  1.00 27.22 ? 45  LEU A CB  1 
ATOM   258  C CG  . LEU A 1 37 ? -6.941  4.054   11.426  1.00 28.09 ? 45  LEU A CG  1 
ATOM   259  C CD1 . LEU A 1 37 ? -5.553  4.756   11.345  1.00 29.84 ? 45  LEU A CD1 1 
ATOM   260  C CD2 . LEU A 1 37 ? -7.687  4.497   12.720  1.00 28.67 ? 45  LEU A CD2 1 
ATOM   261  N N   . LYS A 1 38 ? -9.486  4.457   7.621   1.00 29.84 ? 46  LYS A N   1 
ATOM   262  C CA  . LYS A 1 38 ? -10.285 5.130   6.593   1.00 32.98 ? 46  LYS A CA  1 
ATOM   263  C C   . LYS A 1 38 ? -11.733 4.606   6.440   1.00 32.22 ? 46  LYS A C   1 
ATOM   264  O O   . LYS A 1 38 ? -12.659 5.380   6.204   1.00 31.12 ? 46  LYS A O   1 
ATOM   265  C CB  . LYS A 1 38 ? -9.546  5.036   5.256   1.00 33.42 ? 46  LYS A CB  1 
ATOM   266  C CG  . LYS A 1 38 ? -10.366 5.495   4.025   1.00 36.72 ? 46  LYS A CG  1 
ATOM   267  C CD  . LYS A 1 38 ? -9.616  5.244   2.676   1.00 36.84 ? 46  LYS A CD  1 
ATOM   268  C CE  . LYS A 1 38 ? -10.285 6.044   1.536   1.00 40.20 ? 46  LYS A CE  1 
ATOM   269  N NZ  . LYS A 1 38 ? -10.222 7.506   1.842   1.00 43.28 ? 46  LYS A NZ  1 
ATOM   270  N N   . ASN A 1 39 ? -11.918 3.295   6.555   1.00 31.12 ? 47  ASN A N   1 
ATOM   271  C CA  . ASN A 1 39 ? -13.220 2.672   6.391   1.00 31.41 ? 47  ASN A CA  1 
ATOM   272  C C   . ASN A 1 39 ? -14.035 2.513   7.693   1.00 29.97 ? 47  ASN A C   1 
ATOM   273  O O   . ASN A 1 39 ? -15.058 1.806   7.732   1.00 28.56 ? 47  ASN A O   1 
ATOM   274  C CB  . ASN A 1 39 ? -13.039 1.361   5.642   1.00 32.46 ? 47  ASN A CB  1 
ATOM   275  C CG  . ASN A 1 39 ? -12.604 1.596   4.200   1.00 35.19 ? 47  ASN A CG  1 
ATOM   276  O OD1 . ASN A 1 39 ? -11.455 1.328   3.807   1.00 37.53 ? 47  ASN A OD1 1 
ATOM   277  N ND2 . ASN A 1 39 ? -13.507 2.153   3.418   1.00 34.85 ? 47  ASN A ND2 1 
ATOM   278  N N   . ASP A 1 40 ? -13.553 3.192   8.737   1.00 27.97 ? 48  ASP A N   1 
ATOM   279  C CA  . ASP A 1 40 ? -14.187 3.279   10.073  1.00 27.67 ? 48  ASP A CA  1 
ATOM   280  C C   . ASP A 1 40 ? -14.361 1.917   10.774  1.00 26.16 ? 48  ASP A C   1 
ATOM   281  O O   . ASP A 1 40 ? -15.284 1.732   11.569  1.00 23.31 ? 48  ASP A O   1 
ATOM   282  C CB  . ASP A 1 40 ? -15.534 4.016   10.008  1.00 27.97 ? 48  ASP A CB  1 
ATOM   283  C CG  . ASP A 1 40 ? -15.392 5.482   9.641   1.00 31.38 ? 48  ASP A CG  1 
ATOM   284  O OD1 . ASP A 1 40 ? -14.323 6.076   9.854   1.00 29.14 ? 48  ASP A OD1 1 
ATOM   285  O OD2 . ASP A 1 40 ? -16.388 6.040   9.131   1.00 34.60 ? 48  ASP A OD2 1 
ATOM   286  N N   . TYR A 1 41 ? -13.457 0.993   10.475  1.00 24.56 ? 49  TYR A N   1 
ATOM   287  C CA  . TYR A 1 41 ? -13.419 -0.300  11.098  1.00 25.20 ? 49  TYR A CA  1 
ATOM   288  C C   . TYR A 1 41 ? -12.520 -0.359  12.287  1.00 25.27 ? 49  TYR A C   1 
ATOM   289  O O   . TYR A 1 41 ? -12.744 -1.188  13.162  1.00 24.35 ? 49  TYR A O   1 
ATOM   290  C CB  . TYR A 1 41 ? -13.009 -1.398  10.114  1.00 25.32 ? 49  TYR A CB  1 
ATOM   291  C CG  . TYR A 1 41 ? -14.061 -1.711  9.096   1.00 26.80 ? 49  TYR A CG  1 
ATOM   292  C CD1 . TYR A 1 41 ? -15.396 -1.937  9.487   1.00 28.78 ? 49  TYR A CD1 1 
ATOM   293  C CD2 . TYR A 1 41 ? -13.749 -1.808  7.749   1.00 27.41 ? 49  TYR A CD2 1 
ATOM   294  C CE1 . TYR A 1 41 ? -16.379 -2.270  8.548   1.00 28.99 ? 49  TYR A CE1 1 
ATOM   295  C CE2 . TYR A 1 41 ? -14.745 -2.130  6.803   1.00 28.13 ? 49  TYR A CE2 1 
ATOM   296  C CZ  . TYR A 1 41 ? -16.039 -2.361  7.218   1.00 28.65 ? 49  TYR A CZ  1 
ATOM   297  O OH  . TYR A 1 41 ? -17.009 -2.682  6.309   1.00 28.37 ? 49  TYR A OH  1 
ATOM   298  N N   . PHE A 1 42 ? -11.494 0.478   12.277  1.00 24.76 ? 50  PHE A N   1 
ATOM   299  C CA  . PHE A 1 42 ? -10.579 0.674   13.373  1.00 25.64 ? 50  PHE A CA  1 
ATOM   300  C C   . PHE A 1 42 ? -10.790 2.092   13.858  1.00 27.16 ? 50  PHE A C   1 
ATOM   301  O O   . PHE A 1 42 ? -11.023 2.990   13.039  1.00 24.47 ? 50  PHE A O   1 
ATOM   302  C CB  . PHE A 1 42 ? -9.118  0.575   12.903  1.00 25.31 ? 50  PHE A CB  1 
ATOM   303  C CG  . PHE A 1 42 ? -8.466  -0.760  13.169  1.00 25.54 ? 50  PHE A CG  1 
ATOM   304  C CD1 . PHE A 1 42 ? -9.228  -1.931  13.277  1.00 24.62 ? 50  PHE A CD1 1 
ATOM   305  C CD2 . PHE A 1 42 ? -7.086  -0.863  13.242  1.00 25.10 ? 50  PHE A CD2 1 
ATOM   306  C CE1 . PHE A 1 42 ? -8.625  -3.186  13.480  1.00 24.32 ? 50  PHE A CE1 1 
ATOM   307  C CE2 . PHE A 1 42 ? -6.472  -2.118  13.468  1.00 26.07 ? 50  PHE A CE2 1 
ATOM   308  C CZ  . PHE A 1 42 ? -7.256  -3.281  13.587  1.00 25.20 ? 50  PHE A CZ  1 
ATOM   309  N N   . SER A 1 43 ? -10.696 2.280   15.176  1.00 28.84 ? 51  SER A N   1 
ATOM   310  C CA  . SER A 1 43 ? -10.770 3.603   15.806  1.00 31.05 ? 51  SER A CA  1 
ATOM   311  C C   . SER A 1 43 ? -9.354  4.137   16.001  1.00 31.89 ? 51  SER A C   1 
ATOM   312  O O   . SER A 1 43 ? -8.397  3.395   15.872  1.00 31.19 ? 51  SER A O   1 
ATOM   313  C CB  . SER A 1 43 ? -11.462 3.509   17.169  1.00 30.67 ? 51  SER A CB  1 
ATOM   314  O OG  . SER A 1 43 ? -10.637 2.779   18.091  1.00 30.26 ? 51  SER A OG  1 
ATOM   315  N N   . ALA A 1 44 ? -9.229  5.418   16.352  1.00 33.63 ? 52  ALA A N   1 
ATOM   316  C CA  . ALA A 1 44 ? -7.914  6.001   16.739  1.00 34.93 ? 52  ALA A CA  1 
ATOM   317  C C   . ALA A 1 44 ? -7.231  5.153   17.814  1.00 35.38 ? 52  ALA A C   1 
ATOM   318  O O   . ALA A 1 44 ? -6.056  4.811   17.698  1.00 34.12 ? 52  ALA A O   1 
ATOM   319  C CB  . ALA A 1 44 ? -8.089  7.436   17.221  1.00 35.64 ? 52  ALA A CB  1 
ATOM   320  N N   . GLU A 1 45 ? -7.994  4.765   18.831  1.00 35.87 ? 53  GLU A N   1 
ATOM   321  C CA  . GLU A 1 45 ? -7.484  3.882   19.877  1.00 37.63 ? 53  GLU A CA  1 
ATOM   322  C C   . GLU A 1 45 ? -6.987  2.498   19.401  1.00 37.02 ? 53  GLU A C   1 
ATOM   323  O O   . GLU A 1 45 ? -5.977  1.995   19.897  1.00 36.33 ? 53  GLU A O   1 
ATOM   324  C CB  . GLU A 1 45 ? -8.515  3.696   20.982  1.00 38.31 ? 53  GLU A CB  1 
ATOM   325  C CG  . GLU A 1 45 ? -7.943  2.927   22.155  1.00 42.21 ? 53  GLU A CG  1 
ATOM   326  C CD  . GLU A 1 45 ? -8.814  3.023   23.394  1.00 46.34 ? 53  GLU A CD  1 
ATOM   327  O OE1 . GLU A 1 45 ? -9.546  4.040   23.567  1.00 47.81 ? 53  GLU A OE1 1 
ATOM   328  O OE2 . GLU A 1 45 ? -8.754  2.072   24.201  1.00 47.62 ? 53  GLU A OE2 1 
ATOM   329  N N   . ASP A 1 46 ? -7.693  1.882   18.459  1.00 36.04 ? 54  ASP A N   1 
ATOM   330  C CA  . ASP A 1 46 ? -7.198  0.649   17.842  1.00 35.48 ? 54  ASP A CA  1 
ATOM   331  C C   . ASP A 1 46 ? -5.813  0.837   17.240  1.00 35.54 ? 54  ASP A C   1 
ATOM   332  O O   . ASP A 1 46 ? -4.905  0.046   17.508  1.00 33.72 ? 54  ASP A O   1 
ATOM   333  C CB  . ASP A 1 46 ? -8.179  0.137   16.775  1.00 34.44 ? 54  ASP A CB  1 
ATOM   334  C CG  . ASP A 1 46 ? -9.495  -0.305  17.373  1.00 32.46 ? 54  ASP A CG  1 
ATOM   335  O OD1 . ASP A 1 46 ? -9.454  -0.890  18.474  1.00 29.52 ? 54  ASP A OD1 1 
ATOM   336  O OD2 . ASP A 1 46 ? -10.564 -0.057  16.766  1.00 27.22 ? 54  ASP A OD2 1 
ATOM   337  N N   . ALA A 1 47 ? -5.664  1.869   16.421  1.00 36.51 ? 55  ALA A N   1 
ATOM   338  C CA  . ALA A 1 47 ? -4.397  2.162   15.760  1.00 39.35 ? 55  ALA A CA  1 
ATOM   339  C C   . ALA A 1 47 ? -3.251  2.503   16.749  1.00 41.31 ? 55  ALA A C   1 
ATOM   340  O O   . ALA A 1 47 ? -2.100  2.195   16.452  1.00 41.13 ? 55  ALA A O   1 
ATOM   341  C CB  . ALA A 1 47 ? -4.559  3.260   14.744  1.00 38.93 ? 55  ALA A CB  1 
ATOM   342  N N   . GLU A 1 48 ? -3.581  3.128   17.890  1.00 43.34 ? 56  GLU A N   1 
ATOM   343  C CA  . GLU A 1 48 ? -2.619  3.409   18.979  1.00 45.75 ? 56  GLU A CA  1 
ATOM   344  C C   . GLU A 1 48 ? -2.165  2.115   19.654  1.00 45.64 ? 56  GLU A C   1 
ATOM   345  O O   . GLU A 1 48 ? -0.975  1.937   19.928  1.00 45.16 ? 56  GLU A O   1 
ATOM   346  C CB  . GLU A 1 48 ? -3.231  4.340   20.034  1.00 45.70 ? 56  GLU A CB  1 
ATOM   347  C CG  . GLU A 1 48 ? -3.229  5.846   19.671  1.00 48.06 ? 56  GLU A CG  1 
ATOM   348  C CD  . GLU A 1 48 ? -4.271  6.683   20.434  1.00 48.53 ? 56  GLU A CD  1 
ATOM   349  O OE1 . GLU A 1 48 ? -4.717  6.286   21.533  1.00 50.84 ? 56  GLU A OE1 1 
ATOM   350  O OE2 . GLU A 1 48 ? -4.646  7.765   19.924  1.00 52.11 ? 56  GLU A OE2 1 
ATOM   351  N N   . ILE A 1 49 ? -3.125  1.227   19.921  1.00 45.19 ? 57  ILE A N   1 
ATOM   352  C CA  . ILE A 1 49 ? -2.856  -0.096  20.466  1.00 45.46 ? 57  ILE A CA  1 
ATOM   353  C C   . ILE A 1 49 ? -1.895  -0.843  19.545  1.00 45.61 ? 57  ILE A C   1 
ATOM   354  O O   . ILE A 1 49 ? -0.999  -1.546  20.020  1.00 44.63 ? 57  ILE A O   1 
ATOM   355  C CB  . ILE A 1 49 ? -4.167  -0.902  20.680  1.00 45.46 ? 57  ILE A CB  1 
ATOM   356  C CG1 . ILE A 1 49 ? -4.989  -0.299  21.822  1.00 45.79 ? 57  ILE A CG1 1 
ATOM   357  C CG2 . ILE A 1 49 ? -3.886  -2.382  20.954  1.00 45.56 ? 57  ILE A CG2 1 
ATOM   358  C CD1 . ILE A 1 49 ? -6.219  -1.142  22.229  1.00 45.77 ? 57  ILE A CD1 1 
ATOM   359  N N   . VAL A 1 50 ? -2.070  -0.678  18.232  1.00 45.81 ? 58  VAL A N   1 
ATOM   360  C CA  . VAL A 1 50 ? -1.173  -1.311  17.271  1.00 46.50 ? 58  VAL A CA  1 
ATOM   361  C C   . VAL A 1 50 ? 0.238   -0.691  17.302  1.00 48.28 ? 58  VAL A C   1 
ATOM   362  O O   . VAL A 1 50 ? 1.208   -1.412  17.173  1.00 47.78 ? 58  VAL A O   1 
ATOM   363  C CB  . VAL A 1 50 ? -1.791  -1.424  15.828  1.00 45.98 ? 58  VAL A CB  1 
ATOM   364  C CG1 . VAL A 1 50 ? -0.749  -1.879  14.777  1.00 43.61 ? 58  VAL A CG1 1 
ATOM   365  C CG2 . VAL A 1 50 ? -2.978  -2.395  15.836  1.00 42.88 ? 58  VAL A CG2 1 
ATOM   366  N N   . CYS A 1 51 ? 0.346   0.625   17.484  1.00 50.57 ? 59  CYS A N   1 
ATOM   367  C CA  . CYS A 1 51 ? 1.665   1.302   17.624  1.00 52.37 ? 59  CYS A CA  1 
ATOM   368  C C   . CYS A 1 51 ? 2.495   0.841   18.811  1.00 52.73 ? 59  CYS A C   1 
ATOM   369  O O   . CYS A 1 51 ? 3.682   0.578   18.672  1.00 52.70 ? 59  CYS A O   1 
ATOM   370  C CB  . CYS A 1 51 ? 1.490   2.808   17.714  1.00 52.99 ? 59  CYS A CB  1 
ATOM   371  S SG  . CYS A 1 51 ? 1.072   3.463   16.144  1.00 56.27 ? 59  CYS A SG  1 
ATOM   372  N N   . ALA A 1 52 ? 1.853   0.759   19.975  1.00 53.44 ? 60  ALA A N   1 
ATOM   373  C CA  . ALA A 1 52 ? 2.466   0.298   21.219  1.00 54.00 ? 60  ALA A CA  1 
ATOM   374  C C   . ALA A 1 52 ? 3.070   -1.109  21.107  1.00 54.31 ? 60  ALA A C   1 
ATOM   375  O O   . ALA A 1 52 ? 3.630   -1.622  22.080  1.00 54.22 ? 60  ALA A O   1 
ATOM   376  C CB  . ALA A 1 52 ? 1.436   0.359   22.359  1.00 53.93 ? 60  ALA A CB  1 
ATOM   377  N N   . CYS A 1 53 ? 2.943   -1.727  19.926  1.00 54.40 ? 61  CYS A N   1 
ATOM   378  C CA  . CYS A 1 53 ? 3.549   -3.030  19.615  1.00 53.97 ? 61  CYS A CA  1 
ATOM   379  C C   . CYS A 1 53 ? 4.951   -2.830  18.995  1.00 55.57 ? 61  CYS A C   1 
ATOM   380  O O   . CYS A 1 53 ? 5.098   -2.131  17.979  1.00 54.99 ? 61  CYS A O   1 
ATOM   381  C CB  . CYS A 1 53 ? 2.642   -3.884  18.690  1.00 53.39 ? 61  CYS A CB  1 
ATOM   382  S SG  . CYS A 1 53 ? 1.020   -4.421  19.377  1.00 45.52 ? 61  CYS A SG  1 
ATOM   383  N N   . PRO A 1 54 ? 5.986   -3.439  19.618  1.00 56.88 ? 62  PRO A N   1 
ATOM   384  C CA  . PRO A 1 54 ? 7.368   -3.187  19.179  1.00 57.50 ? 62  PRO A CA  1 
ATOM   385  C C   . PRO A 1 54 ? 7.619   -3.746  17.775  1.00 57.78 ? 62  PRO A C   1 
ATOM   386  O O   . PRO A 1 54 ? 7.816   -2.977  16.809  1.00 58.06 ? 62  PRO A O   1 
ATOM   387  C CB  . PRO A 1 54 ? 8.220   -3.932  20.222  1.00 57.55 ? 62  PRO A CB  1 
ATOM   388  C CG  . PRO A 1 54 ? 7.297   -4.983  20.819  1.00 57.70 ? 62  PRO A CG  1 
ATOM   389  C CD  . PRO A 1 54 ? 5.910   -4.402  20.745  1.00 57.06 ? 62  PRO A CD  1 
ATOM   390  N N   . THR A 1 55 ? 7.557   -5.073  17.667  1.00 57.16 ? 63  THR A N   1 
ATOM   391  C CA  . THR A 1 55 ? 7.969   -5.798  16.467  1.00 56.41 ? 63  THR A CA  1 
ATOM   392  C C   . THR A 1 55 ? 6.884   -5.793  15.372  1.00 55.41 ? 63  THR A C   1 
ATOM   393  O O   . THR A 1 55 ? 5.709   -5.547  15.663  1.00 54.85 ? 63  THR A O   1 
ATOM   394  C CB  . THR A 1 55 ? 8.384   -7.247  16.853  1.00 56.80 ? 63  THR A CB  1 
ATOM   395  O OG1 . THR A 1 55 ? 7.257   -7.941  17.406  1.00 55.66 ? 63  THR A OG1 1 
ATOM   396  C CG2 . THR A 1 55 ? 9.512   -7.226  17.911  1.00 56.52 ? 63  THR A CG2 1 
ATOM   397  N N   . GLN A 1 56 ? 7.275   -6.044  14.124  1.00 53.99 ? 64  GLN A N   1 
ATOM   398  C CA  . GLN A 1 56 ? 6.298   -6.184  13.036  1.00 52.83 ? 64  GLN A CA  1 
ATOM   399  C C   . GLN A 1 56 ? 5.321   -7.403  13.181  1.00 51.30 ? 64  GLN A C   1 
ATOM   400  O O   . GLN A 1 56 ? 4.093   -7.227  12.986  1.00 50.15 ? 64  GLN A O   1 
ATOM   401  C CB  . GLN A 1 56 ? 6.992   -6.189  11.673  1.00 53.32 ? 64  GLN A CB  1 
ATOM   402  C CG  . GLN A 1 56 ? 6.054   -6.218  10.494  1.00 54.88 ? 64  GLN A CG  1 
ATOM   403  C CD  . GLN A 1 56 ? 5.620   -4.825  10.032  1.00 58.15 ? 64  GLN A CD  1 
ATOM   404  O OE1 . GLN A 1 56 ? 5.220   -3.955  10.837  1.00 58.75 ? 64  GLN A OE1 1 
ATOM   405  N NE2 . GLN A 1 56 ? 5.686   -4.609  8.721   1.00 58.52 ? 64  GLN A NE2 1 
ATOM   406  N N   . PRO A 1 57 ? 5.851   -8.628  13.493  1.00 49.41 ? 65  PRO A N   1 
ATOM   407  C CA  . PRO A 1 57 ? 4.961   -9.746  13.820  1.00 47.27 ? 65  PRO A CA  1 
ATOM   408  C C   . PRO A 1 57 ? 4.022   -9.462  15.001  1.00 45.16 ? 65  PRO A C   1 
ATOM   409  O O   . PRO A 1 57 ? 2.871   -9.890  14.956  1.00 43.90 ? 65  PRO A O   1 
ATOM   410  C CB  . PRO A 1 57 ? 5.935   -10.886 14.158  1.00 47.24 ? 65  PRO A CB  1 
ATOM   411  C CG  . PRO A 1 57 ? 7.152   -10.561 13.369  1.00 48.38 ? 65  PRO A CG  1 
ATOM   412  C CD  . PRO A 1 57 ? 7.264   -9.072  13.526  1.00 49.58 ? 65  PRO A CD  1 
ATOM   413  N N   . ASP A 1 58 ? 4.484   -8.751  16.032  1.00 42.61 ? 66  ASP A N   1 
ATOM   414  C CA  . ASP A 1 58 ? 3.600   -8.396  17.143  1.00 41.45 ? 66  ASP A CA  1 
ATOM   415  C C   . ASP A 1 58 ? 2.414   -7.563  16.656  1.00 38.84 ? 66  ASP A C   1 
ATOM   416  O O   . ASP A 1 58 ? 1.295   -7.719  17.130  1.00 37.73 ? 66  ASP A O   1 
ATOM   417  C CB  . ASP A 1 58 ? 4.320   -7.627  18.257  1.00 42.39 ? 66  ASP A CB  1 
ATOM   418  C CG  . ASP A 1 58 ? 5.027   -8.549  19.282  1.00 45.96 ? 66  ASP A CG  1 
ATOM   419  O OD1 . ASP A 1 58 ? 4.668   -9.750  19.423  1.00 47.45 ? 66  ASP A OD1 1 
ATOM   420  O OD2 . ASP A 1 58 ? 5.954   -8.039  19.958  1.00 48.85 ? 66  ASP A OD2 1 
ATOM   421  N N   . LYS A 1 59 ? 2.697   -6.669  15.721  1.00 36.23 ? 67  LYS A N   1 
ATOM   422  C CA  . LYS A 1 59 ? 1.692   -5.797  15.129  1.00 34.00 ? 67  LYS A CA  1 
ATOM   423  C C   . LYS A 1 59 ? 0.661   -6.581  14.311  1.00 31.52 ? 67  LYS A C   1 
ATOM   424  O O   . LYS A 1 59 ? -0.525  -6.286  14.414  1.00 30.20 ? 67  LYS A O   1 
ATOM   425  C CB  . LYS A 1 59 ? 2.354   -4.723  14.260  1.00 34.53 ? 67  LYS A CB  1 
ATOM   426  C CG  . LYS A 1 59 ? 2.984   -3.572  15.047  1.00 35.32 ? 67  LYS A CG  1 
ATOM   427  C CD  . LYS A 1 59 ? 3.384   -2.438  14.138  1.00 37.87 ? 67  LYS A CD  1 
ATOM   428  C CE  . LYS A 1 59 ? 4.184   -1.424  14.905  1.00 39.16 ? 67  LYS A CE  1 
ATOM   429  N NZ  . LYS A 1 59 ? 5.118   -0.837  13.941  1.00 41.32 ? 67  LYS A NZ  1 
ATOM   430  N N   . VAL A 1 60 ? 1.102   -7.535  13.487  1.00 28.97 ? 68  VAL A N   1 
ATOM   431  C CA  . VAL A 1 60 ? 0.171   -8.409  12.738  1.00 27.28 ? 68  VAL A CA  1 
ATOM   432  C C   . VAL A 1 60 ? -0.699  -9.177  13.750  1.00 27.15 ? 68  VAL A C   1 
ATOM   433  O O   . VAL A 1 60 ? -1.941  -9.220  13.629  1.00 25.17 ? 68  VAL A O   1 
ATOM   434  C CB  . VAL A 1 60 ? 0.883   -9.364  11.739  1.00 27.05 ? 68  VAL A CB  1 
ATOM   435  C CG1 . VAL A 1 60 ? -0.127  -10.195 10.967  1.00 24.75 ? 68  VAL A CG1 1 
ATOM   436  C CG2 . VAL A 1 60 ? 1.724   -8.571  10.747  1.00 23.93 ? 68  VAL A CG2 1 
ATOM   437  N N   . ARG A 1 61 ? -0.075  -9.724  14.792  1.00 26.41 ? 69  ARG A N   1 
ATOM   438  C CA  . ARG A 1 61 ? -0.850  -10.466 15.799  1.00 27.24 ? 69  ARG A CA  1 
ATOM   439  C C   . ARG A 1 61 ? -1.952  -9.599  16.381  1.00 26.08 ? 69  ARG A C   1 
ATOM   440  O O   . ARG A 1 61 ? -3.076  -10.033 16.561  1.00 24.84 ? 69  ARG A O   1 
ATOM   441  C CB  . ARG A 1 61 ? 0.059   -11.005 16.920  1.00 27.58 ? 69  ARG A CB  1 
ATOM   442  C CG  . ARG A 1 61 ? 0.889   -12.205 16.499  1.00 27.91 ? 69  ARG A CG  1 
ATOM   443  C CD  . ARG A 1 61 ? 1.808   -12.725 17.635  1.00 30.51 ? 69  ARG A CD  1 
ATOM   444  N NE  . ARG A 1 61 ? 2.705   -13.750 17.107  1.00 38.11 ? 69  ARG A NE  1 
ATOM   445  C CZ  . ARG A 1 61 ? 2.331   -15.007 16.820  1.00 40.98 ? 69  ARG A CZ  1 
ATOM   446  N NH1 . ARG A 1 61 ? 1.084   -15.420 17.048  1.00 42.23 ? 69  ARG A NH1 1 
ATOM   447  N NH2 . ARG A 1 61 ? 3.205   -15.861 16.302  1.00 42.28 ? 69  ARG A NH2 1 
ATOM   448  N N   . LYS A 1 62 ? -1.600  -8.366  16.697  1.00 25.36 ? 70  LYS A N   1 
ATOM   449  C CA  . LYS A 1 62 ? -2.525  -7.436  17.326  1.00 25.06 ? 70  LYS A CA  1 
ATOM   450  C C   . LYS A 1 62 ? -3.604  -7.000  16.314  1.00 23.62 ? 70  LYS A C   1 
ATOM   451  O O   . LYS A 1 62 ? -4.763  -6.839  16.690  1.00 23.51 ? 70  LYS A O   1 
ATOM   452  C CB  . LYS A 1 62 ? -1.756  -6.201  17.834  1.00 25.45 ? 70  LYS A CB  1 
ATOM   453  C CG  . LYS A 1 62 ? -2.622  -5.220  18.608  1.00 27.07 ? 70  LYS A CG  1 
ATOM   454  C CD  . LYS A 1 62 ? -3.299  -5.910  19.786  1.00 31.04 ? 70  LYS A CD  1 
ATOM   455  C CE  . LYS A 1 62 ? -2.346  -5.971  20.956  1.00 33.65 ? 70  LYS A CE  1 
ATOM   456  N NZ  . LYS A 1 62 ? -2.969  -6.606  22.128  1.00 35.38 ? 70  LYS A NZ  1 
ATOM   457  N N   . ILE A 1 63 ? -3.222  -6.775  15.055  1.00 22.00 ? 71  ILE A N   1 
ATOM   458  C CA  . ILE A 1 63 ? -4.199  -6.391  14.020  1.00 20.59 ? 71  ILE A CA  1 
ATOM   459  C C   . ILE A 1 63 ? -5.216  -7.540  13.871  1.00 19.91 ? 71  ILE A C   1 
ATOM   460  O O   . ILE A 1 63 ? -6.430  -7.323  13.875  1.00 18.33 ? 71  ILE A O   1 
ATOM   461  C CB  . ILE A 1 63 ? -3.520  -6.068  12.669  1.00 20.46 ? 71  ILE A CB  1 
ATOM   462  C CG1 . ILE A 1 63 ? -2.794  -4.713  12.698  1.00 20.16 ? 71  ILE A CG1 1 
ATOM   463  C CG2 . ILE A 1 63 ? -4.558  -6.058  11.518  1.00 18.32 ? 71  ILE A CG2 1 
ATOM   464  C CD1 . ILE A 1 63 ? -1.767  -4.574  11.556  1.00 20.67 ? 71  ILE A CD1 1 
ATOM   465  N N   . LEU A 1 64 ? -4.722  -8.772  13.779  1.00 18.87 ? 72  LEU A N   1 
ATOM   466  C CA  . LEU A 1 64 ? -5.616  -9.943  13.658  1.00 19.11 ? 72  LEU A CA  1 
ATOM   467  C C   . LEU A 1 64 ? -6.558  -10.099 14.885  1.00 19.00 ? 72  LEU A C   1 
ATOM   468  O O   . LEU A 1 64 ? -7.737  -10.301 14.712  1.00 16.85 ? 72  LEU A O   1 
ATOM   469  C CB  . LEU A 1 64 ? -4.807  -11.221 13.462  1.00 18.66 ? 72  LEU A CB  1 
ATOM   470  C CG  . LEU A 1 64 ? -4.039  -11.265 12.160  1.00 17.88 ? 72  LEU A CG  1 
ATOM   471  C CD1 . LEU A 1 64 ? -2.989  -12.392 12.213  1.00 19.95 ? 72  LEU A CD1 1 
ATOM   472  C CD2 . LEU A 1 64 ? -5.028  -11.441 10.990  1.00 17.64 ? 72  LEU A CD2 1 
ATOM   473  N N   . ASP A 1 65 ? -6.022  -10.016 16.101  1.00 19.44 ? 73  ASP A N   1 
ATOM   474  C CA  . ASP A 1 65 ? -6.857  -10.024 17.324  1.00 21.93 ? 73  ASP A CA  1 
ATOM   475  C C   . ASP A 1 65 ? -7.985  -8.970  17.304  1.00 21.20 ? 73  ASP A C   1 
ATOM   476  O O   . ASP A 1 65 ? -9.123  -9.271  17.669  1.00 22.19 ? 73  ASP A O   1 
ATOM   477  C CB  . ASP A 1 65 ? -6.012  -9.786  18.585  1.00 22.89 ? 73  ASP A CB  1 
ATOM   478  C CG  . ASP A 1 65 ? -5.096  -10.928 18.923  1.00 27.27 ? 73  ASP A CG  1 
ATOM   479  O OD1 . ASP A 1 65 ? -5.233  -12.034 18.349  1.00 30.09 ? 73  ASP A OD1 1 
ATOM   480  O OD2 . ASP A 1 65 ? -4.209  -10.693 19.784  1.00 29.77 ? 73  ASP A OD2 1 
ATOM   481  N N   . LEU A 1 66 ? -7.663  -7.750  16.868  1.00 19.63 ? 74  LEU A N   1 
ATOM   482  C CA  . LEU A 1 66 ? -8.644  -6.647  16.776  1.00 19.69 ? 74  LEU A CA  1 
ATOM   483  C C   . LEU A 1 66 ? -9.668  -6.896  15.694  1.00 19.02 ? 74  LEU A C   1 
ATOM   484  O O   . LEU A 1 66 ? -10.880 -6.738  15.902  1.00 18.26 ? 74  LEU A O   1 
ATOM   485  C CB  . LEU A 1 66 ? -7.940  -5.298  16.528  1.00 19.46 ? 74  LEU A CB  1 
ATOM   486  C CG  . LEU A 1 66 ? -7.209  -4.697  17.751  1.00 21.82 ? 74  LEU A CG  1 
ATOM   487  C CD1 . LEU A 1 66 ? -6.274  -3.578  17.320  1.00 21.37 ? 74  LEU A CD1 1 
ATOM   488  C CD2 . LEU A 1 66 ? -8.254  -4.190  18.738  1.00 21.79 ? 74  LEU A CD2 1 
ATOM   489  N N   . VAL A 1 67 ? -9.182  -7.283  14.518  1.00 18.49 ? 75  VAL A N   1 
ATOM   490  C CA  . VAL A 1 67 ? -10.073 -7.587  13.387  1.00 17.25 ? 75  VAL A CA  1 
ATOM   491  C C   . VAL A 1 67 ? -11.086 -8.689  13.798  1.00 17.82 ? 75  VAL A C   1 
ATOM   492  O O   . VAL A 1 67 ? -12.294 -8.538  13.659  1.00 16.55 ? 75  VAL A O   1 
ATOM   493  C CB  . VAL A 1 67 ? -9.215  -7.992  12.151  1.00 16.54 ? 75  VAL A CB  1 
ATOM   494  C CG1 . VAL A 1 67 ? -10.069 -8.685  11.142  1.00 14.77 ? 75  VAL A CG1 1 
ATOM   495  C CG2 . VAL A 1 67 ? -8.505  -6.714  11.581  1.00 14.09 ? 75  VAL A CG2 1 
ATOM   496  N N   . GLN A 1 68 ? -10.568 -9.801  14.313  1.00 17.18 ? 76  GLN A N   1 
ATOM   497  C CA  . GLN A 1 68 ? -11.414 -10.896 14.777  1.00 18.98 ? 76  GLN A CA  1 
ATOM   498  C C   . GLN A 1 68 ? -12.449 -10.465 15.836  1.00 19.28 ? 76  GLN A C   1 
ATOM   499  O O   . GLN A 1 68 ? -13.631 -10.791 15.730  1.00 18.28 ? 76  GLN A O   1 
ATOM   500  C CB  . GLN A 1 68 ? -10.549 -12.022 15.312  1.00 18.23 ? 76  GLN A CB  1 
ATOM   501  C CG  . GLN A 1 68 ? -9.816  -12.795 14.199  1.00 16.49 ? 76  GLN A CG  1 
ATOM   502  C CD  . GLN A 1 68 ? -8.619  -13.618 14.764  1.00 24.53 ? 76  GLN A CD  1 
ATOM   503  O OE1 . GLN A 1 68 ? -7.593  -13.790 14.080  1.00 16.53 ? 76  GLN A OE1 1 
ATOM   504  N NE2 . GLN A 1 68 ? -8.747  -14.101 16.030  1.00 17.96 ? 76  GLN A NE2 1 
ATOM   505  N N   . SER A 1 69 ? -12.013 -9.747  16.845  1.00 19.15 ? 77  SER A N   1 
ATOM   506  C CA  . SER A 1 69 ? -12.943 -9.344  17.902  1.00 21.24 ? 77  SER A CA  1 
ATOM   507  C C   . SER A 1 69 ? -13.991 -8.355  17.346  1.00 21.31 ? 77  SER A C   1 
ATOM   508  O O   . SER A 1 69 ? -15.079 -8.182  17.939  1.00 20.04 ? 77  SER A O   1 
ATOM   509  C CB  . SER A 1 69 ? -12.186 -8.678  19.011  1.00 21.83 ? 77  SER A CB  1 
ATOM   510  O OG  . SER A 1 69 ? -11.917 -7.348  18.621  1.00 26.15 ? 77  SER A OG  1 
ATOM   511  N N   . LYS A 1 70 ? -13.666 -7.682  16.246  1.00 18.90 ? 78  LYS A N   1 
ATOM   512  C CA  . LYS A 1 70 ? -14.652 -6.778  15.638  1.00 19.93 ? 78  LYS A CA  1 
ATOM   513  C C   . LYS A 1 70 ? -15.749 -7.481  14.800  1.00 19.05 ? 78  LYS A C   1 
ATOM   514  O O   . LYS A 1 70 ? -16.747 -6.852  14.419  1.00 18.51 ? 78  LYS A O   1 
ATOM   515  C CB  . LYS A 1 70 ? -13.971 -5.670  14.850  1.00 19.32 ? 78  LYS A CB  1 
ATOM   516  C CG  . LYS A 1 70 ? -13.319 -4.605  15.782  1.00 20.54 ? 78  LYS A CG  1 
ATOM   517  C CD  . LYS A 1 70 ? -12.395 -3.767  14.997  1.00 20.54 ? 78  LYS A CD  1 
ATOM   518  C CE  . LYS A 1 70 ? -11.602 -2.865  15.895  1.00 21.67 ? 78  LYS A CE  1 
ATOM   519  N NZ  . LYS A 1 70 ? -12.462 -1.874  16.547  1.00 22.16 ? 78  LYS A NZ  1 
ATOM   520  N N   . GLY A 1 71 ? -15.519 -8.743  14.465  1.00 17.77 ? 79  GLY A N   1 
ATOM   521  C CA  . GLY A 1 71 ? -16.572 -9.568  13.944  1.00 17.83 ? 79  GLY A CA  1 
ATOM   522  C C   . GLY A 1 71 ? -16.389 -9.976  12.493  1.00 17.66 ? 79  GLY A C   1 
ATOM   523  O O   . GLY A 1 71 ? -15.376 -9.675  11.874  1.00 16.56 ? 79  GLY A O   1 
ATOM   524  N N   . GLU A 1 72 ? -17.386 -10.665 11.959  1.00 17.39 ? 80  GLU A N   1 
ATOM   525  C CA  . GLU A 1 72 ? -17.343 -11.226 10.578  1.00 17.10 ? 80  GLU A CA  1 
ATOM   526  C C   . GLU A 1 72 ? -17.176 -10.158 9.498   1.00 17.73 ? 80  GLU A C   1 
ATOM   527  O O   . GLU A 1 72 ? -16.377 -10.331 8.547   1.00 16.41 ? 80  GLU A O   1 
ATOM   528  C CB  . GLU A 1 72 ? -18.613 -12.052 10.302  1.00 17.98 ? 80  GLU A CB  1 
ATOM   529  C CG  . GLU A 1 72 ? -18.806 -12.469 8.860   1.00 17.91 ? 80  GLU A CG  1 
ATOM   530  C CD  . GLU A 1 72 ? -17.762 -13.460 8.332   1.00 18.72 ? 80  GLU A CD  1 
ATOM   531  O OE1 . GLU A 1 72 ? -16.959 -14.013 9.109   1.00 16.93 ? 80  GLU A OE1 1 
ATOM   532  O OE2 . GLU A 1 72 ? -17.770 -13.714 7.110   1.00 19.37 ? 80  GLU A OE2 1 
ATOM   533  N N   . GLU A 1 73 ? -17.931 -9.063  9.591   1.00 17.47 ? 81  GLU A N   1 
ATOM   534  C CA  . GLU A 1 73 ? -17.839 -8.029  8.526   1.00 19.14 ? 81  GLU A CA  1 
ATOM   535  C C   . GLU A 1 73 ? -16.405 -7.460  8.415   1.00 16.09 ? 81  GLU A C   1 
ATOM   536  O O   . GLU A 1 73 ? -15.806 -7.293  7.323   1.00 13.31 ? 81  GLU A O   1 
ATOM   537  C CB  . GLU A 1 73 ? -18.851 -6.901  8.785   1.00 20.03 ? 81  GLU A CB  1 
ATOM   538  C CG  . GLU A 1 73 ? -18.764 -5.761  7.747   1.00 24.44 ? 81  GLU A CG  1 
ATOM   539  C CD  . GLU A 1 73 ? -19.605 -4.502  8.067   1.00 26.31 ? 81  GLU A CD  1 
ATOM   540  O OE1 . GLU A 1 73 ? -20.491 -4.538  8.971   1.00 32.82 ? 81  GLU A OE1 1 
ATOM   541  O OE2 . GLU A 1 73 ? -19.367 -3.476  7.389   1.00 31.50 ? 81  GLU A OE2 1 
ATOM   542  N N   . VAL A 1 74 ? -15.836 -7.127  9.548   1.00 14.81 ? 82  VAL A N   1 
ATOM   543  C CA  . VAL A 1 74 ? -14.468 -6.599  9.508   1.00 14.41 ? 82  VAL A CA  1 
ATOM   544  C C   . VAL A 1 74 ? -13.425 -7.668  9.079   1.00 14.21 ? 82  VAL A C   1 
ATOM   545  O O   . VAL A 1 74 ? -12.458 -7.351  8.346   1.00 13.31 ? 82  VAL A O   1 
ATOM   546  C CB  . VAL A 1 74 ? -14.111 -5.997  10.908  1.00 14.20 ? 82  VAL A CB  1 
ATOM   547  C CG1 . VAL A 1 74 ? -12.669 -5.480  10.902  1.00 12.35 ? 82  VAL A CG1 1 
ATOM   548  C CG2 . VAL A 1 74 ? -15.117 -4.903  11.239  1.00 16.61 ? 82  VAL A CG2 1 
ATOM   549  N N   . SER A 1 75 ? -13.606 -8.914  9.537   1.00 12.98 ? 83  SER A N   1 
ATOM   550  C CA  . SER A 1 75 ? -12.710 -10.029 9.150   1.00 13.08 ? 83  SER A CA  1 
ATOM   551  C C   . SER A 1 75 ? -12.784 -10.244 7.638   1.00 12.98 ? 83  SER A C   1 
ATOM   552  O O   . SER A 1 75 ? -11.764 -10.469 6.972   1.00 11.15 ? 83  SER A O   1 
ATOM   553  C CB  . SER A 1 75 ? -13.056 -11.299 9.892   1.00 12.88 ? 83  SER A CB  1 
ATOM   554  O OG  . SER A 1 75 ? -12.770 -11.072 11.247  1.00 12.68 ? 83  SER A OG  1 
ATOM   555  N N   . GLU A 1 76 ? -13.995 -10.185 7.098   1.00 13.15 ? 84  GLU A N   1 
ATOM   556  C CA  . GLU A 1 76 ? -14.160 -10.341 5.652   1.00 15.16 ? 84  GLU A CA  1 
ATOM   557  C C   . GLU A 1 76 ? -13.494 -9.155  4.935   1.00 15.42 ? 84  GLU A C   1 
ATOM   558  O O   . GLU A 1 76 ? -12.810 -9.310  3.907   1.00 13.89 ? 84  GLU A O   1 
ATOM   559  C CB  . GLU A 1 76 ? -15.665 -10.438 5.267   1.00 15.03 ? 84  GLU A CB  1 
ATOM   560  C CG  . GLU A 1 76 ? -15.838 -10.973 3.803   1.00 16.80 ? 84  GLU A CG  1 
ATOM   561  C CD  . GLU A 1 76 ? -15.702 -9.855  2.775   1.00 24.58 ? 84  GLU A CD  1 
ATOM   562  O OE1 . GLU A 1 76 ? -15.911 -8.673  3.166   1.00 23.22 ? 84  GLU A OE1 1 
ATOM   563  O OE2 . GLU A 1 76 ? -15.416 -10.145 1.590   1.00 25.70 ? 84  GLU A OE2 1 
ATOM   564  N N   . PHE A 1 77 ? -13.694 -7.967  5.468   1.00 15.70 ? 85  PHE A N   1 
ATOM   565  C CA  . PHE A 1 77 ? -13.088 -6.811  4.833   1.00 17.22 ? 85  PHE A CA  1 
ATOM   566  C C   . PHE A 1 77 ? -11.559 -6.893  4.829   1.00 16.75 ? 85  PHE A C   1 
ATOM   567  O O   . PHE A 1 77 ? -10.924 -6.638  3.796   1.00 15.65 ? 85  PHE A O   1 
ATOM   568  C CB  . PHE A 1 77 ? -13.516 -5.522  5.499   1.00 18.23 ? 85  PHE A CB  1 
ATOM   569  C CG  . PHE A 1 77 ? -12.809 -4.316  4.944   1.00 19.48 ? 85  PHE A CG  1 
ATOM   570  C CD1 . PHE A 1 77 ? -13.274 -3.707  3.782   1.00 23.32 ? 85  PHE A CD1 1 
ATOM   571  C CD2 . PHE A 1 77 ? -11.675 -3.814  5.562   1.00 23.31 ? 85  PHE A CD2 1 
ATOM   572  C CE1 . PHE A 1 77 ? -12.613 -2.575  3.264   1.00 24.33 ? 85  PHE A CE1 1 
ATOM   573  C CE2 . PHE A 1 77 ? -11.007 -2.681  5.040   1.00 23.23 ? 85  PHE A CE2 1 
ATOM   574  C CZ  . PHE A 1 77 ? -11.472 -2.092  3.910   1.00 21.23 ? 85  PHE A CZ  1 
ATOM   575  N N   . PHE A 1 78 ? -10.974 -7.185  5.993   1.00 16.00 ? 86  PHE A N   1 
ATOM   576  C CA  . PHE A 1 78 ? -9.518  -7.401  6.105   1.00 15.26 ? 86  PHE A CA  1 
ATOM   577  C C   . PHE A 1 78 ? -8.982  -8.375  5.043   1.00 14.88 ? 86  PHE A C   1 
ATOM   578  O O   . PHE A 1 78 ? -7.937  -8.138  4.402   1.00 13.42 ? 86  PHE A O   1 
ATOM   579  C CB  . PHE A 1 78 ? -9.219  -7.949  7.514   1.00 15.65 ? 86  PHE A CB  1 
ATOM   580  C CG  . PHE A 1 78 ? -7.765  -8.115  7.794   1.00 16.20 ? 86  PHE A CG  1 
ATOM   581  C CD1 . PHE A 1 78 ? -6.966  -6.992  8.069   1.00 17.06 ? 86  PHE A CD1 1 
ATOM   582  C CD2 . PHE A 1 78 ? -7.184  -9.366  7.725   1.00 15.20 ? 86  PHE A CD2 1 
ATOM   583  C CE1 . PHE A 1 78 ? -5.599  -7.128  8.345   1.00 19.27 ? 86  PHE A CE1 1 
ATOM   584  C CE2 . PHE A 1 78 ? -5.812  -9.528  7.938   1.00 19.95 ? 86  PHE A CE2 1 
ATOM   585  C CZ  . PHE A 1 78 ? -4.998  -8.406  8.262   1.00 18.84 ? 86  PHE A CZ  1 
ATOM   586  N N   . LEU A 1 79 ? -9.652  -9.505  4.845   1.00 13.14 ? 87  LEU A N   1 
ATOM   587  C CA  . LEU A 1 79 ? -9.185  -10.448 3.787   1.00 14.33 ? 87  LEU A CA  1 
ATOM   588  C C   . LEU A 1 79 ? -9.360  -9.923  2.357   1.00 16.05 ? 87  LEU A C   1 
ATOM   589  O O   . LEU A 1 79 ? -8.512  -10.155 1.451   1.00 13.94 ? 87  LEU A O   1 
ATOM   590  C CB  . LEU A 1 79 ? -9.887  -11.784 3.944   1.00 14.52 ? 87  LEU A CB  1 
ATOM   591  C CG  . LEU A 1 79 ? -9.434  -12.559 5.180   1.00 14.70 ? 87  LEU A CG  1 
ATOM   592  C CD1 . LEU A 1 79 ? -10.402 -13.665 5.552   1.00 17.03 ? 87  LEU A CD1 1 
ATOM   593  C CD2 . LEU A 1 79 ? -8.041  -13.190 4.961   1.00 18.13 ? 87  LEU A CD2 1 
ATOM   594  N N   . TYR A 1 80 ? -10.456 -9.212  2.123   1.00 16.35 ? 88  TYR A N   1 
ATOM   595  C CA  . TYR A 1 80 ? -10.604 -8.526  0.864   1.00 18.81 ? 88  TYR A CA  1 
ATOM   596  C C   . TYR A 1 80 ? -9.494  -7.486  0.692   1.00 17.14 ? 88  TYR A C   1 
ATOM   597  O O   . TYR A 1 80 ? -8.862  -7.430  -0.375  1.00 16.73 ? 88  TYR A O   1 
ATOM   598  C CB  . TYR A 1 80 ? -11.987 -7.885  0.769   1.00 21.97 ? 88  TYR A CB  1 
ATOM   599  C CG  . TYR A 1 80 ? -12.126 -6.883  -0.338  1.00 26.11 ? 88  TYR A CG  1 
ATOM   600  C CD1 . TYR A 1 80 ? -12.338 -7.309  -1.655  1.00 29.89 ? 88  TYR A CD1 1 
ATOM   601  C CD2 . TYR A 1 80 ? -12.070 -5.513  -0.078  1.00 29.52 ? 88  TYR A CD2 1 
ATOM   602  C CE1 . TYR A 1 80 ? -12.498 -6.395  -2.705  1.00 30.87 ? 88  TYR A CE1 1 
ATOM   603  C CE2 . TYR A 1 80 ? -12.226 -4.574  -1.131  1.00 32.29 ? 88  TYR A CE2 1 
ATOM   604  C CZ  . TYR A 1 80 ? -12.449 -5.052  -2.437  1.00 30.30 ? 88  TYR A CZ  1 
ATOM   605  O OH  . TYR A 1 80 ? -12.616 -4.186  -3.491  1.00 31.11 ? 88  TYR A OH  1 
ATOM   606  N N   . LEU A 1 81 ? -9.227  -6.703  1.737   1.00 15.45 ? 89  LEU A N   1 
ATOM   607  C CA  . LEU A 1 81 ? -8.089  -5.771  1.721   1.00 15.57 ? 89  LEU A CA  1 
ATOM   608  C C   . LEU A 1 81 ? -6.726  -6.448  1.378   1.00 15.01 ? 89  LEU A C   1 
ATOM   609  O O   . LEU A 1 81 ? -5.964  -5.936  0.528   1.00 12.95 ? 89  LEU A O   1 
ATOM   610  C CB  . LEU A 1 81 ? -8.003  -5.037  3.055   1.00 15.95 ? 89  LEU A CB  1 
ATOM   611  C CG  . LEU A 1 81 ? -6.902  -4.006  3.280   1.00 18.78 ? 89  LEU A CG  1 
ATOM   612  C CD1 . LEU A 1 81 ? -6.993  -2.884  2.253   1.00 20.68 ? 89  LEU A CD1 1 
ATOM   613  C CD2 . LEU A 1 81 ? -7.136  -3.426  4.680   1.00 17.98 ? 89  LEU A CD2 1 
ATOM   614  N N   . LEU A 1 82 ? -6.410  -7.587  1.988   1.00 13.48 ? 90  LEU A N   1 
ATOM   615  C CA  . LEU A 1 82 ? -5.144  -8.244  1.639   1.00 14.76 ? 90  LEU A CA  1 
ATOM   616  C C   . LEU A 1 82 ? -5.112  -8.660  0.175   1.00 16.70 ? 90  LEU A C   1 
ATOM   617  O O   . LEU A 1 82 ? -4.038  -8.499  -0.499  1.00 16.93 ? 90  LEU A O   1 
ATOM   618  C CB  . LEU A 1 82 ? -4.894  -9.466  2.552   1.00 15.52 ? 90  LEU A CB  1 
ATOM   619  C CG  . LEU A 1 82 ? -4.550  -9.182  4.006   1.00 18.37 ? 90  LEU A CG  1 
ATOM   620  C CD1 . LEU A 1 82 ? -4.583  -10.573 4.738   1.00 17.25 ? 90  LEU A CD1 1 
ATOM   621  C CD2 . LEU A 1 82 ? -3.123  -8.548  4.135   1.00 18.44 ? 90  LEU A CD2 1 
ATOM   622  N N   . GLN A 1 83 ? -6.247  -9.174  -0.341  1.00 16.23 ? 91  GLN A N   1 
ATOM   623  C CA  . GLN A 1 83 ? -6.361  -9.497  -1.772  1.00 19.05 ? 91  GLN A CA  1 
ATOM   624  C C   . GLN A 1 83 ? -6.071  -8.280  -2.672  1.00 17.71 ? 91  GLN A C   1 
ATOM   625  O O   . GLN A 1 83 ? -5.291  -8.362  -3.612  1.00 15.96 ? 91  GLN A O   1 
ATOM   626  C CB  . GLN A 1 83 ? -7.737  -10.118 -2.105  1.00 17.87 ? 91  GLN A CB  1 
ATOM   627  C CG  . GLN A 1 83 ? -7.888  -11.491 -1.416  1.00 22.51 ? 91  GLN A CG  1 
ATOM   628  C CD  . GLN A 1 83 ? -9.255  -12.158 -1.549  1.00 26.58 ? 91  GLN A CD  1 
ATOM   629  O OE1 . GLN A 1 83 ? -9.598  -12.666 -2.628  1.00 34.69 ? 91  GLN A OE1 1 
ATOM   630  N NE2 . GLN A 1 83 ? -10.024 -12.222 -0.437  1.00 29.26 ? 91  GLN A NE2 1 
ATOM   631  N N   . GLN A 1 84 ? -6.692  -7.153  -2.366  1.00 17.21 ? 92  GLN A N   1 
ATOM   632  C CA  . GLN A 1 84 ? -6.500  -5.923  -3.167  1.00 18.79 ? 92  GLN A CA  1 
ATOM   633  C C   . GLN A 1 84 ? -5.054  -5.404  -3.103  1.00 18.72 ? 92  GLN A C   1 
ATOM   634  O O   . GLN A 1 84 ? -4.442  -5.035  -4.117  1.00 18.34 ? 92  GLN A O   1 
ATOM   635  C CB  . GLN A 1 84 ? -7.487  -4.828  -2.683  1.00 19.37 ? 92  GLN A CB  1 
ATOM   636  C CG  . GLN A 1 84 ? -8.962  -5.241  -2.911  1.00 25.72 ? 92  GLN A CG  1 
ATOM   637  C CD  . GLN A 1 84 ? -9.331  -5.427  -4.400  1.00 34.16 ? 92  GLN A CD  1 
ATOM   638  O OE1 . GLN A 1 84 ? -9.483  -6.563  -4.892  1.00 38.50 ? 92  GLN A OE1 1 
ATOM   639  N NE2 . GLN A 1 84 ? -9.482  -4.307  -5.122  1.00 37.68 ? 92  GLN A NE2 1 
ATOM   640  N N   . LEU A 1 85 ? -4.504  -5.359  -1.905  1.00 17.69 ? 93  LEU A N   1 
ATOM   641  C CA  . LEU A 1 85 ? -3.139  -4.862  -1.742  1.00 18.03 ? 93  LEU A CA  1 
ATOM   642  C C   . LEU A 1 85 ? -2.122  -5.812  -2.405  1.00 18.15 ? 93  LEU A C   1 
ATOM   643  O O   . LEU A 1 85 ? -1.101  -5.372  -2.905  1.00 16.63 ? 93  LEU A O   1 
ATOM   644  C CB  . LEU A 1 85 ? -2.836  -4.732  -0.258  1.00 19.15 ? 93  LEU A CB  1 
ATOM   645  C CG  . LEU A 1 85 ? -3.525  -3.593  0.482   1.00 19.20 ? 93  LEU A CG  1 
ATOM   646  C CD1 . LEU A 1 85 ? -3.118  -3.693  1.955   1.00 20.57 ? 93  LEU A CD1 1 
ATOM   647  C CD2 . LEU A 1 85 ? -3.199  -2.231  -0.114  1.00 22.63 ? 93  LEU A CD2 1 
ATOM   648  N N   . ALA A 1 86 ? -2.418  -7.109  -2.422  1.00 17.32 ? 94  ALA A N   1 
ATOM   649  C CA  . ALA A 1 86 ? -1.523  -8.091  -3.039  1.00 18.28 ? 94  ALA A CA  1 
ATOM   650  C C   . ALA A 1 86 ? -1.627  -8.036  -4.543  1.00 19.23 ? 94  ALA A C   1 
ATOM   651  O O   . ALA A 1 86 ? -0.741  -8.506  -5.250  1.00 21.18 ? 94  ALA A O   1 
ATOM   652  C CB  . ALA A 1 86 ? -1.794  -9.520  -2.517  1.00 18.22 ? 94  ALA A CB  1 
ATOM   653  N N   . ASP A 1 87 ? -2.722  -7.506  -5.038  1.00 19.04 ? 95  ASP A N   1 
ATOM   654  C CA  . ASP A 1 87 ? -2.942  -7.335  -6.464  1.00 20.78 ? 95  ASP A CA  1 
ATOM   655  C C   . ASP A 1 87 ? -2.586  -5.961  -7.042  1.00 19.54 ? 95  ASP A C   1 
ATOM   656  O O   . ASP A 1 87 ? -2.489  -5.799  -8.279  1.00 19.88 ? 95  ASP A O   1 
ATOM   657  C CB  . ASP A 1 87 ? -4.401  -7.526  -6.756  1.00 21.54 ? 95  ASP A CB  1 
ATOM   658  C CG  . ASP A 1 87 ? -4.607  -8.260  -8.012  1.00 26.31 ? 95  ASP A CG  1 
ATOM   659  O OD1 . ASP A 1 87 ? -4.247  -9.468  -8.010  1.00 31.63 ? 95  ASP A OD1 1 
ATOM   660  O OD2 . ASP A 1 87 ? -5.093  -7.629  -8.982  1.00 29.37 ? 95  ASP A OD2 1 
ATOM   661  N N   . ALA A 1 88 ? -2.414  -4.990  -6.163  1.00 18.17 ? 96  ALA A N   1 
ATOM   662  C CA  . ALA A 1 88 ? -2.340  -3.601  -6.571  1.00 19.93 ? 96  ALA A CA  1 
ATOM   663  C C   . ALA A 1 88 ? -1.158  -3.301  -7.545  1.00 21.42 ? 96  ALA A C   1 
ATOM   664  O O   . ALA A 1 88 ? -1.326  -2.496  -8.472  1.00 20.88 ? 96  ALA A O   1 
ATOM   665  C CB  . ALA A 1 88 ? -2.269  -2.692  -5.355  1.00 20.10 ? 96  ALA A CB  1 
ATOM   666  N N   . TYR A 1 89 ? 0.003   -3.928  -7.303  1.00 22.12 ? 97  TYR A N   1 
ATOM   667  C CA  . TYR A 1 89 ? 1.279   -3.635  -8.021  1.00 23.44 ? 97  TYR A CA  1 
ATOM   668  C C   . TYR A 1 89 ? 1.841   -4.879  -8.690  1.00 23.61 ? 97  TYR A C   1 
ATOM   669  O O   . TYR A 1 89 ? 2.881   -4.821  -9.337  1.00 24.21 ? 97  TYR A O   1 
ATOM   670  C CB  . TYR A 1 89 ? 2.319   -2.924  -7.103  1.00 24.66 ? 97  TYR A CB  1 
ATOM   671  C CG  . TYR A 1 89 ? 1.646   -1.812  -6.304  1.00 26.62 ? 97  TYR A CG  1 
ATOM   672  C CD1 . TYR A 1 89 ? 1.244   -0.607  -6.908  1.00 28.55 ? 97  TYR A CD1 1 
ATOM   673  C CD2 . TYR A 1 89 ? 1.312   -2.005  -4.985  1.00 26.40 ? 97  TYR A CD2 1 
ATOM   674  C CE1 . TYR A 1 89 ? 0.560   0.402   -6.162  1.00 29.03 ? 97  TYR A CE1 1 
ATOM   675  C CE2 . TYR A 1 89 ? 0.624   -1.036  -4.239  1.00 29.26 ? 97  TYR A CE2 1 
ATOM   676  C CZ  . TYR A 1 89 ? 0.230   0.175   -4.824  1.00 29.14 ? 97  TYR A CZ  1 
ATOM   677  O OH  . TYR A 1 89 ? -0.453  1.124   -4.020  1.00 27.41 ? 97  TYR A OH  1 
ATOM   678  N N   . VAL A 1 90 ? 1.121   -5.993  -8.579  1.00 22.52 ? 98  VAL A N   1 
ATOM   679  C CA  . VAL A 1 90 ? 1.548   -7.294  -9.113  1.00 22.42 ? 98  VAL A CA  1 
ATOM   680  C C   . VAL A 1 90 ? 1.941   -7.323  -10.610 1.00 22.18 ? 98  VAL A C   1 
ATOM   681  O O   . VAL A 1 90 ? 2.900   -7.994  -10.953 1.00 22.70 ? 98  VAL A O   1 
ATOM   682  C CB  . VAL A 1 90 ? 0.500   -8.446  -8.792  1.00 21.94 ? 98  VAL A CB  1 
ATOM   683  C CG1 . VAL A 1 90 ? -0.737  -8.340  -9.638  1.00 22.25 ? 98  VAL A CG1 1 
ATOM   684  C CG2 . VAL A 1 90 ? 1.107   -9.796  -8.948  1.00 23.03 ? 98  VAL A CG2 1 
ATOM   685  N N   . ASP A 1 91 ? 1.192   -6.656  -11.489 1.00 21.38 ? 99  ASP A N   1 
ATOM   686  C CA  . ASP A 1 91 ? 1.511   -6.622  -12.917 1.00 21.57 ? 99  ASP A CA  1 
ATOM   687  C C   . ASP A 1 91 ? 2.864   -5.916  -13.138 1.00 21.13 ? 99  ASP A C   1 
ATOM   688  O O   . ASP A 1 91 ? 3.506   -6.116  -14.187 1.00 18.77 ? 99  ASP A O   1 
ATOM   689  C CB  . ASP A 1 91 ? 0.525   -5.739  -13.675 1.00 21.50 ? 99  ASP A CB  1 
ATOM   690  C CG  . ASP A 1 91 ? -0.879  -6.279  -13.686 1.00 23.73 ? 99  ASP A CG  1 
ATOM   691  O OD1 . ASP A 1 91 ? -1.110  -7.351  -13.124 1.00 23.99 ? 99  ASP A OD1 1 
ATOM   692  O OD2 . ASP A 1 91 ? -1.740  -5.609  -14.269 1.00 25.16 ? 99  ASP A OD2 1 
ATOM   693  N N   . LEU A 1 92 ? 3.228   -5.049  -12.199 1.00 19.39 ? 100 LEU A N   1 
ATOM   694  C CA  . LEU A 1 92 ? 4.469   -4.285  -12.303 1.00 21.71 ? 100 LEU A CA  1 
ATOM   695  C C   . LEU A 1 92 ? 5.724   -5.039  -11.868 1.00 21.94 ? 100 LEU A C   1 
ATOM   696  O O   . LEU A 1 92 ? 6.861   -4.621  -12.138 1.00 19.61 ? 100 LEU A O   1 
ATOM   697  C CB  . LEU A 1 92 ? 4.376   -3.022  -11.459 1.00 22.55 ? 100 LEU A CB  1 
ATOM   698  C CG  . LEU A 1 92 ? 3.572   -1.836  -11.920 1.00 24.68 ? 100 LEU A CG  1 
ATOM   699  C CD1 . LEU A 1 92 ? 3.871   -0.698  -10.921 1.00 26.53 ? 100 LEU A CD1 1 
ATOM   700  C CD2 . LEU A 1 92 ? 3.904   -1.455  -13.413 1.00 25.90 ? 100 LEU A CD2 1 
ATOM   701  N N   . ARG A 1 93 ? 5.527   -6.117  -11.119 1.00 22.24 ? 101 ARG A N   1 
ATOM   702  C CA  . ARG A 1 93 ? 6.637   -6.790  -10.449 1.00 23.18 ? 101 ARG A CA  1 
ATOM   703  C C   . ARG A 1 93 ? 7.814   -7.161  -11.371 1.00 23.11 ? 101 ARG A C   1 
ATOM   704  O O   . ARG A 1 93 ? 8.966   -6.937  -10.992 1.00 23.00 ? 101 ARG A O   1 
ATOM   705  C CB  . ARG A 1 93 ? 6.134   -8.009  -9.659  1.00 23.48 ? 101 ARG A CB  1 
ATOM   706  C CG  . ARG A 1 93 ? 7.023   -8.306  -8.479  1.00 24.10 ? 101 ARG A CG  1 
ATOM   707  C CD  . ARG A 1 93 ? 6.448   -9.397  -7.502  1.00 24.53 ? 101 ARG A CD  1 
ATOM   708  N NE  . ARG A 1 93 ? 7.463   -9.475  -6.459  1.00 25.19 ? 101 ARG A NE  1 
ATOM   709  C CZ  . ARG A 1 93 ? 8.468   -10.353 -6.433  1.00 27.25 ? 101 ARG A CZ  1 
ATOM   710  N NH1 . ARG A 1 93 ? 8.510   -11.300 -7.352  1.00 25.85 ? 101 ARG A NH1 1 
ATOM   711  N NH2 . ARG A 1 93 ? 9.414   -10.298 -5.459  1.00 23.67 ? 101 ARG A NH2 1 
ATOM   712  N N   . PRO A 1 94 ? 7.547   -7.681  -12.578 1.00 22.81 ? 102 PRO A N   1 
ATOM   713  C CA  . PRO A 1 94 ? 8.650   -8.006  -13.498 1.00 22.50 ? 102 PRO A CA  1 
ATOM   714  C C   . PRO A 1 94 ? 9.591   -6.820  -13.766 1.00 21.19 ? 102 PRO A C   1 
ATOM   715  O O   . PRO A 1 94 ? 10.795  -6.974  -13.688 1.00 19.61 ? 102 PRO A O   1 
ATOM   716  C CB  . PRO A 1 94 ? 7.920   -8.352  -14.790 1.00 23.46 ? 102 PRO A CB  1 
ATOM   717  C CG  . PRO A 1 94 ? 6.558   -8.862  -14.312 1.00 24.67 ? 102 PRO A CG  1 
ATOM   718  C CD  . PRO A 1 94 ? 6.244   -7.969  -13.203 1.00 24.00 ? 102 PRO A CD  1 
ATOM   719  N N   . TRP A 1 95 ? 9.010   -5.665  -14.105 1.00 19.35 ? 103 TRP A N   1 
ATOM   720  C CA  . TRP A 1 95 ? 9.736   -4.420  -14.342 1.00 17.53 ? 103 TRP A CA  1 
ATOM   721  C C   . TRP A 1 95 ? 10.431  -3.914  -13.064 1.00 15.93 ? 103 TRP A C   1 
ATOM   722  O O   . TRP A 1 95 ? 11.638  -3.507  -13.091 1.00 12.77 ? 103 TRP A O   1 
ATOM   723  C CB  . TRP A 1 95 ? 8.781   -3.380  -14.963 1.00 17.52 ? 103 TRP A CB  1 
ATOM   724  C CG  . TRP A 1 95 ? 9.408   -2.029  -15.256 1.00 17.84 ? 103 TRP A CG  1 
ATOM   725  C CD1 . TRP A 1 95 ? 10.091  -1.684  -16.380 1.00 18.19 ? 103 TRP A CD1 1 
ATOM   726  C CD2 . TRP A 1 95 ? 9.398   -0.873  -14.415 1.00 16.27 ? 103 TRP A CD2 1 
ATOM   727  N NE1 . TRP A 1 95 ? 10.527  -0.364  -16.297 1.00 17.09 ? 103 TRP A NE1 1 
ATOM   728  C CE2 . TRP A 1 95 ? 10.098  0.160   -15.108 1.00 17.93 ? 103 TRP A CE2 1 
ATOM   729  C CE3 . TRP A 1 95 ? 8.855   -0.594  -13.150 1.00 18.78 ? 103 TRP A CE3 1 
ATOM   730  C CZ2 . TRP A 1 95 ? 10.309  1.407   -14.563 1.00 16.45 ? 103 TRP A CZ2 1 
ATOM   731  C CZ3 . TRP A 1 95 ? 9.040   0.682   -12.618 1.00 18.60 ? 103 TRP A CZ3 1 
ATOM   732  C CH2 . TRP A 1 95 ? 9.758   1.662   -13.324 1.00 19.27 ? 103 TRP A CH2 1 
ATOM   733  N N   . LEU A 1 96 ? 9.699   -3.955  -11.940 1.00 15.11 ? 104 LEU A N   1 
ATOM   734  C CA  . LEU A 1 96 ? 10.285  -3.590  -10.649 1.00 15.14 ? 104 LEU A CA  1 
ATOM   735  C C   . LEU A 1 96 ? 11.515  -4.429  -10.290 1.00 15.87 ? 104 LEU A C   1 
ATOM   736  O O   . LEU A 1 96 ? 12.533  -3.893  -9.783  1.00 13.49 ? 104 LEU A O   1 
ATOM   737  C CB  . LEU A 1 96 ? 9.230   -3.620  -9.494  1.00 14.88 ? 104 LEU A CB  1 
ATOM   738  C CG  . LEU A 1 96 ? 8.091   -2.567  -9.611  1.00 14.04 ? 104 LEU A CG  1 
ATOM   739  C CD1 . LEU A 1 96 ? 6.910   -2.914  -8.667  1.00 13.71 ? 104 LEU A CD1 1 
ATOM   740  C CD2 . LEU A 1 96 ? 8.569   -1.127  -9.382  1.00 14.56 ? 104 LEU A CD2 1 
ATOM   741  N N   . LEU A 1 97 ? 11.420  -5.739  -10.534 1.00 15.71 ? 105 LEU A N   1 
ATOM   742  C CA  . LEU A 1 97 ? 12.535  -6.650  -10.237 1.00 17.94 ? 105 LEU A CA  1 
ATOM   743  C C   . LEU A 1 97 ? 13.801  -6.267  -11.021 1.00 18.40 ? 105 LEU A C   1 
ATOM   744  O O   . LEU A 1 97 ? 14.895  -6.466  -10.531 1.00 18.73 ? 105 LEU A O   1 
ATOM   745  C CB  . LEU A 1 97 ? 12.172  -8.111  -10.555 1.00 17.28 ? 105 LEU A CB  1 
ATOM   746  C CG  . LEU A 1 97 ? 11.206  -8.853  -9.606  1.00 18.97 ? 105 LEU A CG  1 
ATOM   747  C CD1 . LEU A 1 97 ? 10.615  -10.207 -10.186 1.00 18.93 ? 105 LEU A CD1 1 
ATOM   748  C CD2 . LEU A 1 97 ? 11.981  -9.079  -8.311  1.00 20.12 ? 105 LEU A CD2 1 
ATOM   749  N N   . GLU A 1 98 ? 13.650  -5.777  -12.257 1.00 19.38 ? 106 GLU A N   1 
ATOM   750  C CA  . GLU A 1 98 ? 14.817  -5.347  -13.084 1.00 21.25 ? 106 GLU A CA  1 
ATOM   751  C C   . GLU A 1 98 ? 15.463  -3.998  -12.664 1.00 23.32 ? 106 GLU A C   1 
ATOM   752  O O   . GLU A 1 98 ? 16.602  -3.710  -13.058 1.00 21.05 ? 106 GLU A O   1 
ATOM   753  C CB  . GLU A 1 98 ? 14.439  -5.330  -14.562 1.00 19.52 ? 106 GLU A CB  1 
ATOM   754  C CG  . GLU A 1 98 ? 14.050  -6.719  -15.068 1.00 19.52 ? 106 GLU A CG  1 
ATOM   755  C CD  . GLU A 1 98 ? 13.765  -6.790  -16.566 1.00 22.97 ? 106 GLU A CD  1 
ATOM   756  O OE1 . GLU A 1 98 ? 13.355  -5.793  -17.172 1.00 20.73 ? 106 GLU A OE1 1 
ATOM   757  O OE2 . GLU A 1 98 ? 13.963  -7.878  -17.172 1.00 25.14 ? 106 GLU A OE2 1 
ATOM   758  N N   . MET B 1 1  ? 21.715  22.987  -26.088 1.00 28.96 ? 9   MET B N   1 
ATOM   759  C CA  . MET B 1 1  ? 22.224  21.985  -27.021 1.00 31.00 ? 9   MET B CA  1 
ATOM   760  C C   . MET B 1 1  ? 23.148  21.178  -26.172 1.00 29.23 ? 9   MET B C   1 
ATOM   761  O O   . MET B 1 1  ? 23.064  19.977  -26.255 1.00 28.42 ? 9   MET B O   1 
ATOM   762  C CB  . MET B 1 1  ? 22.965  22.495  -28.256 1.00 33.47 ? 9   MET B CB  1 
ATOM   763  C CG  . MET B 1 1  ? 23.980  21.492  -28.853 1.00 39.26 ? 9   MET B CG  1 
ATOM   764  S SD  . MET B 1 1  ? 23.396  20.677  -30.356 1.00 52.59 ? 9   MET B SD  1 
ATOM   765  C CE  . MET B 1 1  ? 24.521  21.447  -31.565 1.00 52.73 ? 9   MET B CE  1 
ATOM   766  N N   . GLU B 1 2  ? 24.001  21.821  -25.364 1.00 26.82 ? 10  GLU B N   1 
ATOM   767  C CA  . GLU B 1 2  ? 24.771  21.054  -24.380 1.00 25.85 ? 10  GLU B CA  1 
ATOM   768  C C   . GLU B 1 2  ? 23.824  20.353  -23.410 1.00 23.52 ? 10  GLU B C   1 
ATOM   769  O O   . GLU B 1 2  ? 22.892  20.957  -22.909 1.00 19.86 ? 10  GLU B O   1 
ATOM   770  C CB  . GLU B 1 2  ? 25.796  21.881  -23.593 1.00 26.38 ? 10  GLU B CB  1 
ATOM   771  C CG  . GLU B 1 2  ? 26.551  20.992  -22.591 1.00 29.45 ? 10  GLU B CG  1 
ATOM   772  C CD  . GLU B 1 2  ? 27.451  21.759  -21.649 1.00 32.27 ? 10  GLU B CD  1 
ATOM   773  O OE1 . GLU B 1 2  ? 27.478  22.994  -21.733 1.00 31.86 ? 10  GLU B OE1 1 
ATOM   774  O OE2 . GLU B 1 2  ? 28.140  21.098  -20.833 1.00 36.40 ? 10  GLU B OE2 1 
ATOM   775  N N   . ILE B 1 3  ? 24.051  19.063  -23.166 1.00 22.59 ? 11  ILE B N   1 
ATOM   776  C CA  . ILE B 1 3  ? 23.267  18.324  -22.181 1.00 23.19 ? 11  ILE B CA  1 
ATOM   777  C C   . ILE B 1 3  ? 24.107  18.296  -20.898 1.00 22.29 ? 11  ILE B C   1 
ATOM   778  O O   . ILE B 1 3  ? 25.126  17.611  -20.826 1.00 22.65 ? 11  ILE B O   1 
ATOM   779  C CB  . ILE B 1 3  ? 22.902  16.877  -22.701 1.00 23.83 ? 11  ILE B CB  1 
ATOM   780  C CG1 . ILE B 1 3  ? 22.042  16.995  -23.946 1.00 26.19 ? 11  ILE B CG1 1 
ATOM   781  C CG2 . ILE B 1 3  ? 22.129  16.063  -21.657 1.00 25.25 ? 11  ILE B CG2 1 
ATOM   782  C CD1 . ILE B 1 3  ? 22.075  15.782  -24.818 1.00 31.54 ? 11  ILE B CD1 1 
ATOM   783  N N   . ILE B 1 4  ? 23.695  19.079  -19.907 1.00 20.44 ? 12  ILE B N   1 
ATOM   784  C CA  . ILE B 1 4  ? 24.423  19.193  -18.652 1.00 18.60 ? 12  ILE B CA  1 
ATOM   785  C C   . ILE B 1 4  ? 24.066  17.998  -17.753 1.00 18.63 ? 12  ILE B C   1 
ATOM   786  O O   . ILE B 1 4  ? 22.906  17.819  -17.408 1.00 18.11 ? 12  ILE B O   1 
ATOM   787  C CB  . ILE B 1 4  ? 24.113  20.541  -17.958 1.00 17.91 ? 12  ILE B CB  1 
ATOM   788  C CG1 . ILE B 1 4  ? 24.506  21.708  -18.877 1.00 17.30 ? 12  ILE B CG1 1 
ATOM   789  C CG2 . ILE B 1 4  ? 24.786  20.609  -16.615 1.00 17.02 ? 12  ILE B CG2 1 
ATOM   790  C CD1 . ILE B 1 4  ? 24.243  23.010  -18.298 1.00 20.27 ? 12  ILE B CD1 1 
ATOM   791  N N   . PRO B 1 5  ? 25.059  17.143  -17.420 1.00 18.24 ? 13  PRO B N   1 
ATOM   792  C CA  . PRO B 1 5  ? 24.715  15.935  -16.632 1.00 18.60 ? 13  PRO B CA  1 
ATOM   793  C C   . PRO B 1 5  ? 23.970  16.159  -15.312 1.00 18.66 ? 13  PRO B C   1 
ATOM   794  O O   . PRO B 1 5  ? 23.070  15.382  -14.994 1.00 18.22 ? 13  PRO B O   1 
ATOM   795  C CB  . PRO B 1 5  ? 26.086  15.205  -16.434 1.00 16.62 ? 13  PRO B CB  1 
ATOM   796  C CG  . PRO B 1 5  ? 26.909  15.725  -17.672 1.00 16.84 ? 13  PRO B CG  1 
ATOM   797  C CD  . PRO B 1 5  ? 26.506  17.191  -17.773 1.00 18.43 ? 13  PRO B CD  1 
ATOM   798  N N   . SER B 1 6  ? 24.311  17.227  -14.572 1.00 18.38 ? 14  SER B N   1 
ATOM   799  C CA  . SER B 1 6  ? 23.686  17.465  -13.303 1.00 19.13 ? 14  SER B CA  1 
ATOM   800  C C   . SER B 1 6  ? 22.209  17.885  -13.423 1.00 19.65 ? 14  SER B C   1 
ATOM   801  O O   . SER B 1 6  ? 21.547  18.016  -12.395 1.00 20.57 ? 14  SER B O   1 
ATOM   802  C CB  . SER B 1 6  ? 24.472  18.524  -12.564 1.00 20.29 ? 14  SER B CB  1 
ATOM   803  O OG  . SER B 1 6  ? 24.245  19.775  -13.182 1.00 22.23 ? 14  SER B OG  1 
ATOM   804  N N   . GLU B 1 7  ? 21.728  18.125  -14.651 1.00 17.84 ? 15  GLU B N   1 
ATOM   805  C CA  . GLU B 1 7  ? 20.340  18.499  -14.944 1.00 21.16 ? 15  GLU B CA  1 
ATOM   806  C C   . GLU B 1 7  ? 19.498  17.304  -15.443 1.00 20.36 ? 15  GLU B C   1 
ATOM   807  O O   . GLU B 1 7  ? 18.316  17.473  -15.723 1.00 18.17 ? 15  GLU B O   1 
ATOM   808  C CB  . GLU B 1 7  ? 20.291  19.617  -16.015 1.00 20.78 ? 15  GLU B CB  1 
ATOM   809  C CG  . GLU B 1 7  ? 20.839  20.951  -15.537 1.00 22.93 ? 15  GLU B CG  1 
ATOM   810  C CD  . GLU B 1 7  ? 20.621  22.139  -16.510 1.00 25.62 ? 15  GLU B CD  1 
ATOM   811  O OE1 . GLU B 1 7  ? 20.311  21.946  -17.715 1.00 32.68 ? 15  GLU B OE1 1 
ATOM   812  O OE2 . GLU B 1 7  ? 20.797  23.290  -16.051 1.00 31.68 ? 15  GLU B OE2 1 
ATOM   813  N N   . SER B 1 8  ? 20.136  16.137  -15.630 1.00 21.03 ? 16  SER B N   1 
ATOM   814  C CA  . SER B 1 8  ? 19.420  14.894  -15.975 1.00 21.39 ? 16  SER B CA  1 
ATOM   815  C C   . SER B 1 8  ? 19.361  14.015  -14.700 1.00 20.76 ? 16  SER B C   1 
ATOM   816  O O   . SER B 1 8  ? 20.352  13.934  -13.952 1.00 18.27 ? 16  SER B O   1 
ATOM   817  C CB  . SER B 1 8  ? 20.062  14.136  -17.162 1.00 22.52 ? 16  SER B CB  1 
ATOM   818  O OG  . SER B 1 8  ? 19.860  14.783  -18.443 1.00 24.16 ? 16  SER B OG  1 
ATOM   819  N N   . HIS B 1 9  ? 18.199  13.398  -14.457 1.00 18.54 ? 17  HIS B N   1 
ATOM   820  C CA  . HIS B 1 9  ? 17.942  12.716  -13.186 1.00 18.50 ? 17  HIS B CA  1 
ATOM   821  C C   . HIS B 1 9  ? 17.337  11.357  -13.500 1.00 18.12 ? 17  HIS B C   1 
ATOM   822  O O   . HIS B 1 9  ? 16.215  11.297  -14.032 1.00 16.14 ? 17  HIS B O   1 
ATOM   823  C CB  . HIS B 1 9  ? 17.009  13.529  -12.307 1.00 19.72 ? 17  HIS B CB  1 
ATOM   824  C CG  . HIS B 1 9  ? 17.551  14.881  -12.004 1.00 19.13 ? 17  HIS B CG  1 
ATOM   825  N ND1 . HIS B 1 9  ? 18.719  15.058  -11.304 1.00 20.59 ? 17  HIS B ND1 1 
ATOM   826  C CD2 . HIS B 1 9  ? 17.125  16.116  -12.355 1.00 21.44 ? 17  HIS B CD2 1 
ATOM   827  C CE1 . HIS B 1 9  ? 18.980  16.344  -11.216 1.00 20.03 ? 17  HIS B CE1 1 
ATOM   828  N NE2 . HIS B 1 9  ? 18.047  17.007  -11.866 1.00 19.96 ? 17  HIS B NE2 1 
ATOM   829  N N   . PRO B 1 10 ? 18.110  10.290  -13.226 1.00 16.77 ? 18  PRO B N   1 
ATOM   830  C CA  . PRO B 1 10 ? 17.721  9.001   -13.798 1.00 16.50 ? 18  PRO B CA  1 
ATOM   831  C C   . PRO B 1 10 ? 16.395  8.467   -13.235 1.00 16.73 ? 18  PRO B C   1 
ATOM   832  O O   . PRO B 1 10 ? 15.668  7.784   -13.958 1.00 14.64 ? 18  PRO B O   1 
ATOM   833  C CB  . PRO B 1 10 ? 18.860  8.061   -13.395 1.00 16.83 ? 18  PRO B CB  1 
ATOM   834  C CG  . PRO B 1 10 ? 19.539  8.754   -12.191 1.00 17.50 ? 18  PRO B CG  1 
ATOM   835  C CD  . PRO B 1 10 ? 19.388  10.229  -12.475 1.00 16.33 ? 18  PRO B CD  1 
ATOM   836  N N   . HIS B 1 11 ? 16.065  8.784   -11.979 1.00 16.10 ? 19  HIS B N   1 
ATOM   837  C CA  . HIS B 1 11 ? 14.780  8.246   -11.453 1.00 16.90 ? 19  HIS B CA  1 
ATOM   838  C C   . HIS B 1 11 ? 13.540  8.990   -11.984 1.00 16.31 ? 19  HIS B C   1 
ATOM   839  O O   . HIS B 1 11 ? 12.482  8.391   -12.163 1.00 14.41 ? 19  HIS B O   1 
ATOM   840  C CB  . HIS B 1 11 ? 14.799  8.054   -9.956  1.00 16.19 ? 19  HIS B CB  1 
ATOM   841  C CG  . HIS B 1 11 ? 15.908  7.142   -9.497  1.00 16.91 ? 19  HIS B CG  1 
ATOM   842  N ND1 . HIS B 1 11 ? 15.772  5.769   -9.422  1.00 19.12 ? 19  HIS B ND1 1 
ATOM   843  C CD2 . HIS B 1 11 ? 17.173  7.411   -9.113  1.00 15.10 ? 19  HIS B CD2 1 
ATOM   844  C CE1 . HIS B 1 11 ? 16.913  5.231   -9.015  1.00 19.00 ? 19  HIS B CE1 1 
ATOM   845  N NE2 . HIS B 1 11 ? 17.775  6.211   -8.803  1.00 20.33 ? 19  HIS B NE2 1 
ATOM   846  N N   . ILE B 1 12 ? 13.669  10.299  -12.231 1.00 16.67 ? 20  ILE B N   1 
ATOM   847  C CA  . ILE B 1 12 ? 12.647  11.049  -12.994 1.00 15.90 ? 20  ILE B CA  1 
ATOM   848  C C   . ILE B 1 12 ? 12.480  10.478  -14.376 1.00 16.90 ? 20  ILE B C   1 
ATOM   849  O O   . ILE B 1 12 ? 11.362  10.305  -14.844 1.00 16.04 ? 20  ILE B O   1 
ATOM   850  C CB  . ILE B 1 12 ? 12.979  12.574  -13.114 1.00 16.81 ? 20  ILE B CB  1 
ATOM   851  C CG1 . ILE B 1 12 ? 13.358  13.176  -11.740 1.00 14.35 ? 20  ILE B CG1 1 
ATOM   852  C CG2 . ILE B 1 12 ? 11.823  13.309  -13.792 1.00 16.01 ? 20  ILE B CG2 1 
ATOM   853  C CD1 . ILE B 1 12 ? 13.529  14.706  -11.734 1.00 16.50 ? 20  ILE B CD1 1 
ATOM   854  N N   . GLN B 1 13 ? 13.589  10.194  -15.043 1.00 16.08 ? 21  GLN B N   1 
ATOM   855  C CA  . GLN B 1 13 ? 13.542  9.696   -16.422 1.00 18.36 ? 21  GLN B CA  1 
ATOM   856  C C   . GLN B 1 13 ? 12.850  8.329   -16.487 1.00 17.78 ? 21  GLN B C   1 
ATOM   857  O O   . GLN B 1 13 ? 12.108  8.053   -17.446 1.00 17.16 ? 21  GLN B O   1 
ATOM   858  C CB  . GLN B 1 13 ? 14.966  9.571   -17.029 1.00 18.46 ? 21  GLN B CB  1 
ATOM   859  C CG  . GLN B 1 13 ? 15.664  10.943  -17.241 1.00 19.13 ? 21  GLN B CG  1 
ATOM   860  C CD  . GLN B 1 13 ? 17.188  10.902  -17.546 1.00 19.73 ? 21  GLN B CD  1 
ATOM   861  O OE1 . GLN B 1 13 ? 17.979  10.210  -16.896 1.00 20.28 ? 21  GLN B OE1 1 
ATOM   862  N NE2 . GLN B 1 13 ? 17.595  11.732  -18.492 1.00 21.97 ? 21  GLN B NE2 1 
ATOM   863  N N   . LEU B 1 14 ? 13.155  7.467   -15.507 1.00 18.00 ? 22  LEU B N   1 
ATOM   864  C CA  . LEU B 1 14 ? 12.481  6.140   -15.380 1.00 18.73 ? 22  LEU B CA  1 
ATOM   865  C C   . LEU B 1 14 ? 10.956  6.274   -15.283 1.00 17.55 ? 22  LEU B C   1 
ATOM   866  O O   . LEU B 1 14 ? 10.210  5.525   -15.934 1.00 16.53 ? 22  LEU B O   1 
ATOM   867  C CB  . LEU B 1 14 ? 12.988  5.342   -14.166 1.00 18.04 ? 22  LEU B CB  1 
ATOM   868  C CG  . LEU B 1 14 ? 14.325  4.650   -14.395 1.00 19.57 ? 22  LEU B CG  1 
ATOM   869  C CD1 . LEU B 1 14 ? 14.951  4.131   -13.120 1.00 17.74 ? 22  LEU B CD1 1 
ATOM   870  C CD2 . LEU B 1 14 ? 14.116  3.508   -15.401 1.00 19.45 ? 22  LEU B CD2 1 
ATOM   871  N N   . LEU B 1 15 ? 10.518  7.203   -14.448 1.00 17.17 ? 23  LEU B N   1 
ATOM   872  C CA  . LEU B 1 15 ? 9.085   7.499   -14.336 1.00 16.99 ? 23  LEU B CA  1 
ATOM   873  C C   . LEU B 1 15 ? 8.529   8.000   -15.670 1.00 18.11 ? 23  LEU B C   1 
ATOM   874  O O   . LEU B 1 15 ? 7.520   7.498   -16.134 1.00 17.05 ? 23  LEU B O   1 
ATOM   875  C CB  . LEU B 1 15 ? 8.779   8.452   -13.164 1.00 15.85 ? 23  LEU B CB  1 
ATOM   876  C CG  . LEU B 1 15 ? 9.089   7.826   -11.787 1.00 16.49 ? 23  LEU B CG  1 
ATOM   877  C CD1 . LEU B 1 15 ? 8.779   8.789   -10.610 1.00 15.07 ? 23  LEU B CD1 1 
ATOM   878  C CD2 . LEU B 1 15 ? 8.347   6.480   -11.584 1.00 13.76 ? 23  LEU B CD2 1 
ATOM   879  N N   . LYS B 1 16 ? 9.200   8.959   -16.311 1.00 18.83 ? 24  LYS B N   1 
ATOM   880  C CA  . LYS B 1 16 ? 8.654   9.531   -17.544 1.00 20.52 ? 24  LYS B CA  1 
ATOM   881  C C   . LYS B 1 16 ? 8.568   8.483   -18.635 1.00 20.33 ? 24  LYS B C   1 
ATOM   882  O O   . LYS B 1 16 ? 7.560   8.410   -19.349 1.00 20.48 ? 24  LYS B O   1 
ATOM   883  C CB  . LYS B 1 16 ? 9.433   10.802  -17.972 1.00 20.44 ? 24  LYS B CB  1 
ATOM   884  C CG  . LYS B 1 16 ? 9.402   11.863  -16.903 1.00 20.96 ? 24  LYS B CG  1 
ATOM   885  C CD  . LYS B 1 16 ? 10.251  13.102  -17.315 1.00 24.38 ? 24  LYS B CD  1 
ATOM   886  C CE  . LYS B 1 16 ? 9.705   13.753  -18.536 1.00 30.11 ? 24  LYS B CE  1 
ATOM   887  N NZ  . LYS B 1 16 ? 8.720   14.832  -18.165 1.00 33.34 ? 24  LYS B NZ  1 
ATOM   888  N N   . SER B 1 17 ? 9.586   7.630   -18.748 1.00 20.02 ? 25  SER B N   1 
ATOM   889  C CA  . SER B 1 17 ? 9.594   6.563   -19.773 1.00 20.60 ? 25  SER B CA  1 
ATOM   890  C C   . SER B 1 17 ? 8.511   5.507   -19.607 1.00 20.46 ? 25  SER B C   1 
ATOM   891  O O   . SER B 1 17 ? 8.264   4.714   -20.521 1.00 19.14 ? 25  SER B O   1 
ATOM   892  C CB  . SER B 1 17 ? 10.952  5.864   -19.797 1.00 21.13 ? 25  SER B CB  1 
ATOM   893  O OG  . SER B 1 17 ? 11.929  6.826   -20.188 1.00 22.96 ? 25  SER B OG  1 
ATOM   894  N N   . ASN B 1 18 ? 7.903   5.489   -18.429 1.00 17.88 ? 26  ASN B N   1 
ATOM   895  C CA  . ASN B 1 18 ? 6.990   4.430   -18.030 1.00 18.57 ? 26  ASN B CA  1 
ATOM   896  C C   . ASN B 1 18 ? 5.606   4.948   -17.603 1.00 17.53 ? 26  ASN B C   1 
ATOM   897  O O   . ASN B 1 18 ? 4.824   4.249   -16.957 1.00 16.77 ? 26  ASN B O   1 
ATOM   898  C CB  . ASN B 1 18 ? 7.657   3.568   -16.956 1.00 17.30 ? 26  ASN B CB  1 
ATOM   899  C CG  . ASN B 1 18 ? 8.804   2.778   -17.539 1.00 20.14 ? 26  ASN B CG  1 
ATOM   900  O OD1 . ASN B 1 18 ? 9.980   3.189   -17.460 1.00 20.60 ? 26  ASN B OD1 1 
ATOM   901  N ND2 . ASN B 1 18 ? 8.469   1.669   -18.209 1.00 17.97 ? 26  ASN B ND2 1 
ATOM   902  N N   . ARG B 1 19 ? 5.305   6.160   -18.050 1.00 16.63 ? 27  ARG B N   1 
ATOM   903  C CA  . ARG B 1 19 ? 4.029   6.775   -17.806 1.00 17.83 ? 27  ARG B CA  1 
ATOM   904  C C   . ARG B 1 19 ? 2.847   5.799   -18.006 1.00 17.75 ? 27  ARG B C   1 
ATOM   905  O O   . ARG B 1 19 ? 2.079   5.564   -17.078 1.00 16.90 ? 27  ARG B O   1 
ATOM   906  C CB  . ARG B 1 19 ? 3.891   8.024   -18.695 1.00 17.86 ? 27  ARG B CB  1 
ATOM   907  C CG  . ARG B 1 19 ? 2.589   8.836   -18.566 1.00 20.44 ? 27  ARG B CG  1 
ATOM   908  C CD  . ARG B 1 19 ? 2.169   9.111   -17.144 1.00 21.76 ? 27  ARG B CD  1 
ATOM   909  N NE  . ARG B 1 19 ? 3.059   9.995   -16.388 1.00 24.50 ? 27  ARG B NE  1 
ATOM   910  C CZ  . ARG B 1 19 ? 2.762   11.246  -16.041 1.00 25.03 ? 27  ARG B CZ  1 
ATOM   911  N NH1 . ARG B 1 19 ? 1.600   11.791  -16.404 1.00 21.29 ? 27  ARG B NH1 1 
ATOM   912  N NH2 . ARG B 1 19 ? 3.628   11.939  -15.319 1.00 23.96 ? 27  ARG B NH2 1 
ATOM   913  N N   . GLU B 1 20 ? 2.655   5.302   -19.222 1.00 18.38 ? 28  GLU B N   1 
ATOM   914  C CA  . GLU B 1 20 ? 1.438   4.568   -19.544 1.00 20.21 ? 28  GLU B CA  1 
ATOM   915  C C   . GLU B 1 20 ? 1.461   3.188   -18.884 1.00 20.54 ? 28  GLU B C   1 
ATOM   916  O O   . GLU B 1 20 ? 0.396   2.664   -18.502 1.00 19.76 ? 28  GLU B O   1 
ATOM   917  C CB  . GLU B 1 20 ? 1.201   4.469   -21.065 1.00 21.32 ? 28  GLU B CB  1 
ATOM   918  C CG  . GLU B 1 20 ? 1.007   5.832   -21.786 1.00 23.24 ? 28  GLU B CG  1 
ATOM   919  C CD  . GLU B 1 20 ? -0.127  6.705   -21.252 1.00 26.71 ? 28  GLU B CD  1 
ATOM   920  O OE1 . GLU B 1 20 ? -1.107  6.136   -20.716 1.00 26.80 ? 28  GLU B OE1 1 
ATOM   921  O OE2 . GLU B 1 20 ? -0.022  7.971   -21.351 1.00 25.07 ? 28  GLU B OE2 1 
ATOM   922  N N   . LEU B 1 21 ? 2.655   2.596   -18.761 1.00 19.68 ? 29  LEU B N   1 
ATOM   923  C CA  . LEU B 1 21 ? 2.819   1.342   -18.009 1.00 19.28 ? 29  LEU B CA  1 
ATOM   924  C C   . LEU B 1 21 ? 2.350   1.504   -16.564 1.00 18.32 ? 29  LEU B C   1 
ATOM   925  O O   . LEU B 1 21 ? 1.585   0.697   -16.090 1.00 17.97 ? 29  LEU B O   1 
ATOM   926  C CB  . LEU B 1 21 ? 4.246   0.854   -18.039 1.00 20.13 ? 29  LEU B CB  1 
ATOM   927  C CG  . LEU B 1 21 ? 4.573   -0.365  -17.160 1.00 21.91 ? 29  LEU B CG  1 
ATOM   928  C CD1 . LEU B 1 21 ? 4.509   -1.605  -18.027 1.00 26.10 ? 29  LEU B CD1 1 
ATOM   929  C CD2 . LEU B 1 21 ? 5.963   -0.205  -16.529 1.00 23.67 ? 29  LEU B CD2 1 
ATOM   930  N N   . LEU B 1 22 ? 2.763   2.579   -15.915 1.00 16.72 ? 30  LEU B N   1 
ATOM   931  C CA  . LEU B 1 22 ? 2.397   2.817   -14.543 1.00 17.51 ? 30  LEU B CA  1 
ATOM   932  C C   . LEU B 1 22 ? 0.905   3.140   -14.415 1.00 19.62 ? 30  LEU B C   1 
ATOM   933  O O   . LEU B 1 22 ? 0.203   2.550   -13.541 1.00 18.47 ? 30  LEU B O   1 
ATOM   934  C CB  . LEU B 1 22 ? 3.258   3.953   -13.928 1.00 17.22 ? 30  LEU B CB  1 
ATOM   935  C CG  . LEU B 1 22 ? 4.741   3.575   -13.798 1.00 15.12 ? 30  LEU B CG  1 
ATOM   936  C CD1 . LEU B 1 22 ? 5.596   4.749   -13.513 1.00 14.09 ? 30  LEU B CD1 1 
ATOM   937  C CD2 . LEU B 1 22 ? 4.958   2.416   -12.780 1.00 17.15 ? 30  LEU B CD2 1 
ATOM   938  N N   . VAL B 1 23 ? 0.413   4.019   -15.305 1.00 19.24 ? 31  VAL B N   1 
ATOM   939  C CA  . VAL B 1 23 ? -0.998  4.426   -15.286 1.00 22.05 ? 31  VAL B CA  1 
ATOM   940  C C   . VAL B 1 23 ? -1.904  3.216   -15.503 1.00 23.67 ? 31  VAL B C   1 
ATOM   941  O O   . VAL B 1 23 ? -2.959  3.111   -14.885 1.00 23.88 ? 31  VAL B O   1 
ATOM   942  C CB  . VAL B 1 23 ? -1.281  5.537   -16.346 1.00 21.62 ? 31  VAL B CB  1 
ATOM   943  C CG1 . VAL B 1 23 ? -2.767  5.718   -16.603 1.00 24.50 ? 31  VAL B CG1 1 
ATOM   944  C CG2 . VAL B 1 23 ? -0.667  6.861   -15.901 1.00 20.40 ? 31  VAL B CG2 1 
ATOM   945  N N   . THR B 1 24 ? -1.515  2.318   -16.394 1.00 24.57 ? 32  THR B N   1 
ATOM   946  C CA  . THR B 1 24 ? -2.407  1.228   -16.748 1.00 26.59 ? 32  THR B CA  1 
ATOM   947  C C   . THR B 1 24 ? -2.294  0.023   -15.816 1.00 27.79 ? 32  THR B C   1 
ATOM   948  O O   . THR B 1 24 ? -3.141  -0.890  -15.864 1.00 28.25 ? 32  THR B O   1 
ATOM   949  C CB  . THR B 1 24 ? -2.279  0.830   -18.262 1.00 26.72 ? 32  THR B CB  1 
ATOM   950  O OG1 . THR B 1 24 ? -0.968  0.320   -18.535 1.00 27.93 ? 32  THR B OG1 1 
ATOM   951  C CG2 . THR B 1 24 ? -2.539  2.020   -19.168 1.00 25.32 ? 32  THR B CG2 1 
ATOM   952  N N   . HIS B 1 25 ? -1.255  -0.013  -14.989 1.00 27.11 ? 33  HIS B N   1 
ATOM   953  C CA  . HIS B 1 25 ? -0.961  -1.211  -14.206 1.00 28.12 ? 33  HIS B CA  1 
ATOM   954  C C   . HIS B 1 25 ? -0.912  -1.056  -12.678 1.00 28.47 ? 33  HIS B C   1 
ATOM   955  O O   . HIS B 1 25 ? -0.658  -2.034  -11.986 1.00 28.42 ? 33  HIS B O   1 
ATOM   956  C CB  . HIS B 1 25 ? 0.317   -1.894  -14.700 1.00 26.71 ? 33  HIS B CB  1 
ATOM   957  C CG  . HIS B 1 25 ? 0.110   -2.680  -15.948 1.00 27.86 ? 33  HIS B CG  1 
ATOM   958  N ND1 . HIS B 1 25 ? 0.654   -2.308  -17.157 1.00 27.51 ? 33  HIS B ND1 1 
ATOM   959  C CD2 . HIS B 1 25 ? -0.633  -3.788  -16.190 1.00 26.63 ? 33  HIS B CD2 1 
ATOM   960  C CE1 . HIS B 1 25 ? 0.283   -3.171  -18.087 1.00 29.04 ? 33  HIS B CE1 1 
ATOM   961  N NE2 . HIS B 1 25 ? -0.509  -4.074  -17.529 1.00 28.53 ? 33  HIS B NE2 1 
ATOM   962  N N   . ILE B 1 26 ? -1.138  0.162   -12.184 1.00 28.92 ? 34  ILE B N   1 
ATOM   963  C CA  . ILE B 1 26 ? -1.203  0.452   -10.754 1.00 29.91 ? 34  ILE B CA  1 
ATOM   964  C C   . ILE B 1 26 ? -2.706  0.489   -10.401 1.00 32.11 ? 34  ILE B C   1 
ATOM   965  O O   . ILE B 1 26 ? -3.476  1.299   -10.949 1.00 31.15 ? 34  ILE B O   1 
ATOM   966  C CB  . ILE B 1 26 ? -0.466  1.774   -10.393 1.00 29.30 ? 34  ILE B CB  1 
ATOM   967  C CG1 . ILE B 1 26 ? 1.053   1.616   -10.519 1.00 27.31 ? 34  ILE B CG1 1 
ATOM   968  C CG2 . ILE B 1 26 ? -0.801  2.234   -8.986  1.00 28.40 ? 34  ILE B CG2 1 
ATOM   969  C CD1 . ILE B 1 26 ? 1.821   2.877   -10.100 1.00 28.07 ? 34  ILE B CD1 1 
ATOM   970  N N   . ARG B 1 27 ? -3.120  -0.407  -9.509  1.00 33.91 ? 35  ARG B N   1 
ATOM   971  C CA  . ARG B 1 27 ? -4.536  -0.545  -9.211  1.00 36.38 ? 35  ARG B CA  1 
ATOM   972  C C   . ARG B 1 27 ? -4.987  0.037   -7.886  1.00 37.31 ? 35  ARG B C   1 
ATOM   973  O O   . ARG B 1 27 ? -6.160  -0.058  -7.555  1.00 37.87 ? 35  ARG B O   1 
ATOM   974  C CB  . ARG B 1 27 ? -4.954  -1.999  -9.330  1.00 36.34 ? 35  ARG B CB  1 
ATOM   975  C CG  . ARG B 1 27 ? -4.952  -2.425  -10.776 1.00 38.96 ? 35  ARG B CG  1 
ATOM   976  C CD  . ARG B 1 27 ? -5.864  -3.577  -11.025 1.00 40.97 ? 35  ARG B CD  1 
ATOM   977  N NE  . ARG B 1 27 ? -5.156  -4.835  -10.851 1.00 41.55 ? 35  ARG B NE  1 
ATOM   978  C CZ  . ARG B 1 27 ? -4.248  -5.297  -11.702 1.00 42.01 ? 35  ARG B CZ  1 
ATOM   979  N NH1 . ARG B 1 27 ? -3.924  -4.580  -12.776 1.00 41.52 ? 35  ARG B NH1 1 
ATOM   980  N NH2 . ARG B 1 27 ? -3.669  -6.470  -11.480 1.00 39.80 ? 35  ARG B NH2 1 
ATOM   981  N N   . ASN B 1 28 ? -4.069  0.606   -7.108  1.00 37.29 ? 36  ASN B N   1 
ATOM   982  C CA  . ASN B 1 28 ? -4.439  1.262   -5.859  1.00 37.67 ? 36  ASN B CA  1 
ATOM   983  C C   . ASN B 1 28 ? -3.485  2.407   -5.594  1.00 37.55 ? 36  ASN B C   1 
ATOM   984  O O   . ASN B 1 28 ? -2.296  2.208   -5.477  1.00 38.36 ? 36  ASN B O   1 
ATOM   985  C CB  . ASN B 1 28 ? -4.487  0.265   -4.661  1.00 37.61 ? 36  ASN B CB  1 
ATOM   986  C CG  . ASN B 1 28 ? -4.590  0.970   -3.283  1.00 39.02 ? 36  ASN B CG  1 
ATOM   987  O OD1 . ASN B 1 28 ? -3.880  1.965   -2.985  1.00 38.30 ? 36  ASN B OD1 1 
ATOM   988  N ND2 . ASN B 1 28 ? -5.466  0.452   -2.439  1.00 38.80 ? 36  ASN B ND2 1 
ATOM   989  N N   . THR B 1 29 ? -3.999  3.615   -5.518  1.00 37.40 ? 37  THR B N   1 
ATOM   990  C CA  . THR B 1 29 ? -3.139  4.772   -5.285  1.00 37.90 ? 37  THR B CA  1 
ATOM   991  C C   . THR B 1 29 ? -3.155  5.155   -3.797  1.00 38.43 ? 37  THR B C   1 
ATOM   992  O O   . THR B 1 29 ? -2.319  5.936   -3.326  1.00 37.53 ? 37  THR B O   1 
ATOM   993  C CB  . THR B 1 29 ? -3.591  5.936   -6.139  1.00 37.44 ? 37  THR B CB  1 
ATOM   994  O OG1 . THR B 1 29 ? -4.989  6.165   -5.945  1.00 37.62 ? 37  THR B OG1 1 
ATOM   995  C CG2 . THR B 1 29 ? -3.379  5.629   -7.585  1.00 37.89 ? 37  THR B CG2 1 
ATOM   996  N N   . GLN B 1 30 ? -4.117  4.591   -3.056  1.00 38.72 ? 38  GLN B N   1 
ATOM   997  C CA  . GLN B 1 30 ? -4.234  4.880   -1.624  1.00 38.46 ? 38  GLN B CA  1 
ATOM   998  C C   . GLN B 1 30 ? -2.985  4.608   -0.768  1.00 36.59 ? 38  GLN B C   1 
ATOM   999  O O   . GLN B 1 30 ? -2.553  5.524   -0.058  1.00 33.66 ? 38  GLN B O   1 
ATOM   1000 C CB  . GLN B 1 30 ? -5.459  4.194   -1.009  1.00 39.62 ? 38  GLN B CB  1 
ATOM   1001 C CG  . GLN B 1 30 ? -5.738  4.758   0.366   1.00 42.59 ? 38  GLN B CG  1 
ATOM   1002 C CD  . GLN B 1 30 ? -6.390  6.111   0.275   1.00 46.67 ? 38  GLN B CD  1 
ATOM   1003 O OE1 . GLN B 1 30 ? -7.588  6.201   -0.005  1.00 48.56 ? 38  GLN B OE1 1 
ATOM   1004 N NE2 . GLN B 1 30 ? -5.617  7.178   0.510   1.00 47.77 ? 38  GLN B NE2 1 
ATOM   1005 N N   . CYS B 1 31 ? -2.423  3.383   -0.817  1.00 36.54 ? 39  CYS B N   1 
ATOM   1006 C CA  . CYS B 1 31 ? -1.185  3.092   -0.033  1.00 35.75 ? 39  CYS B CA  1 
ATOM   1007 C C   . CYS B 1 31 ? 0.044   3.947   -0.447  1.00 33.96 ? 39  CYS B C   1 
ATOM   1008 O O   . CYS B 1 31 ? 0.938   4.202   0.362   1.00 32.46 ? 39  CYS B O   1 
ATOM   1009 C CB  . CYS B 1 31 ? -0.827  1.569   0.207   1.00 36.71 ? 39  CYS B CB  1 
ATOM   1010 S SG  . CYS B 1 31 ? -0.014  1.492   1.927   1.00 39.42 ? 39  CYS B SG  1 
ATOM   1011 N N   . LEU B 1 32 ? 0.047   4.408   -1.693  1.00 32.37 ? 40  LEU B N   1 
ATOM   1012 C CA  . LEU B 1 32 ? 1.107   5.290   -2.206  1.00 31.00 ? 40  LEU B CA  1 
ATOM   1013 C C   . LEU B 1 32 ? 0.995   6.664   -1.595  1.00 29.61 ? 40  LEU B C   1 
ATOM   1014 O O   . LEU B 1 32 ? 1.954   7.190   -1.054  1.00 28.58 ? 40  LEU B O   1 
ATOM   1015 C CB  . LEU B 1 32 ? 1.005   5.459   -3.722  1.00 31.03 ? 40  LEU B CB  1 
ATOM   1016 C CG  . LEU B 1 32 ? 1.319   4.314   -4.669  1.00 31.02 ? 40  LEU B CG  1 
ATOM   1017 C CD1 . LEU B 1 32 ? 1.211   4.827   -6.107  1.00 28.35 ? 40  LEU B CD1 1 
ATOM   1018 C CD2 . LEU B 1 32 ? 2.695   3.726   -4.386  1.00 29.48 ? 40  LEU B CD2 1 
ATOM   1019 N N   . VAL B 1 33 ? -0.189  7.257   -1.699  1.00 28.35 ? 41  VAL B N   1 
ATOM   1020 C CA  . VAL B 1 33 ? -0.382  8.593   -1.187  1.00 27.94 ? 41  VAL B CA  1 
ATOM   1021 C C   . VAL B 1 33 ? -0.100  8.559   0.308   1.00 27.70 ? 41  VAL B C   1 
ATOM   1022 O O   . VAL B 1 33 ? 0.603   9.411   0.834   1.00 27.15 ? 41  VAL B O   1 
ATOM   1023 C CB  . VAL B 1 33 ? -1.797  9.093   -1.462  1.00 28.56 ? 41  VAL B CB  1 
ATOM   1024 C CG1 . VAL B 1 33 ? -2.026  10.433  -0.756  1.00 28.37 ? 41  VAL B CG1 1 
ATOM   1025 C CG2 . VAL B 1 33 ? -2.026  9.225   -2.971  1.00 28.50 ? 41  VAL B CG2 1 
ATOM   1026 N N   . ASP B 1 34 ? -0.588  7.541   0.989   1.00 27.52 ? 42  ASP B N   1 
ATOM   1027 C CA  . ASP B 1 34 ? -0.443  7.539   2.451   1.00 28.61 ? 42  ASP B CA  1 
ATOM   1028 C C   . ASP B 1 34 ? 1.019   7.462   2.868   1.00 27.79 ? 42  ASP B C   1 
ATOM   1029 O O   . ASP B 1 34 ? 1.426   8.065   3.831   1.00 25.66 ? 42  ASP B O   1 
ATOM   1030 C CB  . ASP B 1 34 ? -1.251  6.427   3.073   1.00 29.48 ? 42  ASP B CB  1 
ATOM   1031 C CG  . ASP B 1 34 ? -2.761  6.689   3.010   1.00 32.95 ? 42  ASP B CG  1 
ATOM   1032 O OD1 . ASP B 1 34 ? -3.186  7.830   2.662   1.00 36.42 ? 42  ASP B OD1 1 
ATOM   1033 O OD2 . ASP B 1 34 ? -3.531  5.747   3.319   1.00 37.13 ? 42  ASP B OD2 1 
ATOM   1034 N N   . ASN B 1 35 ? 1.813   6.719   2.100   1.00 26.94 ? 43  ASN B N   1 
ATOM   1035 C CA  . ASN B 1 35 ? 3.231   6.629   2.374   1.00 27.18 ? 43  ASN B CA  1 
ATOM   1036 C C   . ASN B 1 35 ? 4.034   7.873   2.018   1.00 26.24 ? 43  ASN B C   1 
ATOM   1037 O O   . ASN B 1 35 ? 4.971   8.224   2.707   1.00 24.83 ? 43  ASN B O   1 
ATOM   1038 C CB  . ASN B 1 35 ? 3.808   5.432   1.647   1.00 28.62 ? 43  ASN B CB  1 
ATOM   1039 C CG  . ASN B 1 35 ? 4.679   4.641   2.521   1.00 31.79 ? 43  ASN B CG  1 
ATOM   1040 O OD1 . ASN B 1 35 ? 5.856   4.954   2.669   1.00 39.16 ? 43  ASN B OD1 1 
ATOM   1041 N ND2 . ASN B 1 35 ? 4.118   3.633   3.152   1.00 32.41 ? 43  ASN B ND2 1 
ATOM   1042 N N   . LEU B 1 36 ? 3.677   8.506   0.908   1.00 25.13 ? 44  LEU B N   1 
ATOM   1043 C CA  . LEU B 1 36 ? 4.242   9.799   0.545   1.00 25.88 ? 44  LEU B CA  1 
ATOM   1044 C C   . LEU B 1 36 ? 3.958   10.882  1.609   1.00 27.00 ? 44  LEU B C   1 
ATOM   1045 O O   . LEU B 1 36 ? 4.860   11.668  1.949   1.00 26.98 ? 44  LEU B O   1 
ATOM   1046 C CB  . LEU B 1 36 ? 3.749   10.208  -0.835  1.00 24.09 ? 44  LEU B CB  1 
ATOM   1047 C CG  . LEU B 1 36 ? 4.328   9.293   -1.948  1.00 22.64 ? 44  LEU B CG  1 
ATOM   1048 C CD1 . LEU B 1 36 ? 3.570   9.470   -3.227  1.00 18.40 ? 44  LEU B CD1 1 
ATOM   1049 C CD2 . LEU B 1 36 ? 5.800   9.597   -2.207  1.00 21.17 ? 44  LEU B CD2 1 
ATOM   1050 N N   . LEU B 1 37 ? 2.721   10.910  2.123   1.00 28.52 ? 45  LEU B N   1 
ATOM   1051 C CA  . LEU B 1 37 ? 2.351   11.766  3.291   1.00 30.17 ? 45  LEU B CA  1 
ATOM   1052 C C   . LEU B 1 37 ? 3.159   11.465  4.547   1.00 31.45 ? 45  LEU B C   1 
ATOM   1053 O O   . LEU B 1 37 ? 3.828   12.335  5.086   1.00 30.55 ? 45  LEU B O   1 
ATOM   1054 C CB  . LEU B 1 37 ? 0.868   11.605  3.651   1.00 29.91 ? 45  LEU B CB  1 
ATOM   1055 C CG  . LEU B 1 37 ? -0.172  12.085  2.641   1.00 30.94 ? 45  LEU B CG  1 
ATOM   1056 C CD1 . LEU B 1 37 ? -1.563  11.644  3.084   1.00 31.23 ? 45  LEU B CD1 1 
ATOM   1057 C CD2 . LEU B 1 37 ? -0.119  13.603  2.452   1.00 29.91 ? 45  LEU B CD2 1 
ATOM   1058 N N   . LYS B 1 38 ? 3.065   10.228  5.034   1.00 33.50 ? 46  LYS B N   1 
ATOM   1059 C CA  . LYS B 1 38 ? 3.807   9.821   6.236   1.00 36.07 ? 46  LYS B CA  1 
ATOM   1060 C C   . LYS B 1 38 ? 5.282   10.203  6.173   1.00 35.79 ? 46  LYS B C   1 
ATOM   1061 O O   . LYS B 1 38 ? 5.891   10.494  7.203   1.00 35.81 ? 46  LYS B O   1 
ATOM   1062 C CB  . LYS B 1 38 ? 3.673   8.318   6.507   1.00 36.32 ? 46  LYS B CB  1 
ATOM   1063 C CG  . LYS B 1 38 ? 4.293   7.915   7.861   1.00 38.43 ? 46  LYS B CG  1 
ATOM   1064 C CD  . LYS B 1 38 ? 4.385   6.419   8.054   1.00 38.92 ? 46  LYS B CD  1 
ATOM   1065 C CE  . LYS B 1 38 ? 4.643   6.108   9.547   1.00 42.72 ? 46  LYS B CE  1 
ATOM   1066 N NZ  . LYS B 1 38 ? 3.572   6.673   10.436  1.00 44.90 ? 46  LYS B NZ  1 
ATOM   1067 N N   . ASN B 1 39 ? 5.857   10.194  4.968   1.00 34.76 ? 47  ASN B N   1 
ATOM   1068 C CA  . ASN B 1 39 ? 7.268   10.467  4.804   1.00 35.06 ? 47  ASN B CA  1 
ATOM   1069 C C   . ASN B 1 39 ? 7.550   11.910  4.389   1.00 34.48 ? 47  ASN B C   1 
ATOM   1070 O O   . ASN B 1 39 ? 8.679   12.237  4.016   1.00 34.38 ? 47  ASN B O   1 
ATOM   1071 C CB  . ASN B 1 39 ? 7.883   9.481   3.803   1.00 35.49 ? 47  ASN B CB  1 
ATOM   1072 C CG  . ASN B 1 39 ? 8.177   8.125   4.419   1.00 37.19 ? 47  ASN B CG  1 
ATOM   1073 O OD1 . ASN B 1 39 ? 7.287   7.277   4.591   1.00 39.81 ? 47  ASN B OD1 1 
ATOM   1074 N ND2 . ASN B 1 39 ? 9.440   7.891   4.716   1.00 37.67 ? 47  ASN B ND2 1 
ATOM   1075 N N   . ASP B 1 40 ? 6.517   12.763  4.454   1.00 33.31 ? 48  ASP B N   1 
ATOM   1076 C CA  . ASP B 1 40 ? 6.607   14.204  4.145   1.00 33.11 ? 48  ASP B CA  1 
ATOM   1077 C C   . ASP B 1 40 ? 7.209   14.503  2.783   1.00 31.90 ? 48  ASP B C   1 
ATOM   1078 O O   . ASP B 1 40 ? 7.958   15.468  2.633   1.00 31.50 ? 48  ASP B O   1 
ATOM   1079 C CB  . ASP B 1 40 ? 7.349   14.986  5.258   1.00 33.88 ? 48  ASP B CB  1 
ATOM   1080 C CG  . ASP B 1 40 ? 6.800   14.684  6.649   1.00 36.60 ? 48  ASP B CG  1 
ATOM   1081 O OD1 . ASP B 1 40 ? 5.644   15.082  6.949   1.00 37.95 ? 48  ASP B OD1 1 
ATOM   1082 O OD2 . ASP B 1 40 ? 7.522   14.032  7.446   1.00 40.43 ? 48  ASP B OD2 1 
ATOM   1083 N N   . TYR B 1 41 ? 6.917   13.652  1.800   1.00 30.19 ? 49  TYR B N   1 
ATOM   1084 C CA  . TYR B 1 41 ? 7.188   13.981  0.419   1.00 29.67 ? 49  TYR B CA  1 
ATOM   1085 C C   . TYR B 1 41 ? 5.961   14.562  -0.224  1.00 28.86 ? 49  TYR B C   1 
ATOM   1086 O O   . TYR B 1 41 ? 6.086   15.325  -1.174  1.00 28.81 ? 49  TYR B O   1 
ATOM   1087 C CB  . TYR B 1 41 ? 7.673   12.762  -0.365  1.00 29.79 ? 49  TYR B CB  1 
ATOM   1088 C CG  . TYR B 1 41 ? 9.072   12.318  0.008   1.00 30.03 ? 49  TYR B CG  1 
ATOM   1089 C CD1 . TYR B 1 41 ? 10.148  13.218  -0.009  1.00 31.20 ? 49  TYR B CD1 1 
ATOM   1090 C CD2 . TYR B 1 41 ? 9.319   11.013  0.357   1.00 30.44 ? 49  TYR B CD2 1 
ATOM   1091 C CE1 . TYR B 1 41 ? 11.423  12.818  0.319   1.00 31.10 ? 49  TYR B CE1 1 
ATOM   1092 C CE2 . TYR B 1 41 ? 10.597  10.605  0.691   1.00 30.34 ? 49  TYR B CE2 1 
ATOM   1093 C CZ  . TYR B 1 41 ? 11.635  11.502  0.651   1.00 30.70 ? 49  TYR B CZ  1 
ATOM   1094 O OH  . TYR B 1 41 ? 12.900  11.069  0.991   1.00 32.50 ? 49  TYR B OH  1 
ATOM   1095 N N   . PHE B 1 42 ? 4.783   14.171  0.283   1.00 28.61 ? 50  PHE B N   1 
ATOM   1096 C CA  . PHE B 1 42 ? 3.486   14.737  -0.096  1.00 28.49 ? 50  PHE B CA  1 
ATOM   1097 C C   . PHE B 1 42 ? 2.984   15.581  1.077   1.00 29.75 ? 50  PHE B C   1 
ATOM   1098 O O   . PHE B 1 42 ? 3.183   15.223  2.239   1.00 28.13 ? 50  PHE B O   1 
ATOM   1099 C CB  . PHE B 1 42 ? 2.455   13.632  -0.437  1.00 27.53 ? 50  PHE B CB  1 
ATOM   1100 C CG  . PHE B 1 42 ? 2.378   13.303  -1.915  1.00 26.76 ? 50  PHE B CG  1 
ATOM   1101 C CD1 . PHE B 1 42 ? 3.504   13.429  -2.744  1.00 25.91 ? 50  PHE B CD1 1 
ATOM   1102 C CD2 . PHE B 1 42 ? 1.189   12.851  -2.485  1.00 25.20 ? 50  PHE B CD2 1 
ATOM   1103 C CE1 . PHE B 1 42 ? 3.431   13.110  -4.122  1.00 25.79 ? 50  PHE B CE1 1 
ATOM   1104 C CE2 . PHE B 1 42 ? 1.097   12.541  -3.859  1.00 25.51 ? 50  PHE B CE2 1 
ATOM   1105 C CZ  . PHE B 1 42 ? 2.213   12.675  -4.681  1.00 26.21 ? 50  PHE B CZ  1 
ATOM   1106 N N   . SER B 1 43 ? 2.398   16.719  0.737   1.00 31.32 ? 51  SER B N   1 
ATOM   1107 C CA  . SER B 1 43 ? 1.695   17.568  1.701   1.00 33.34 ? 51  SER B CA  1 
ATOM   1108 C C   . SER B 1 43 ? 0.210   17.179  1.751   1.00 34.46 ? 51  SER B C   1 
ATOM   1109 O O   . SER B 1 43 ? -0.301  16.516  0.839   1.00 33.49 ? 51  SER B O   1 
ATOM   1110 C CB  . SER B 1 43 ? 1.836   19.046  1.316   1.00 33.19 ? 51  SER B CB  1 
ATOM   1111 O OG  . SER B 1 43 ? 1.209   19.353  0.079   1.00 31.91 ? 51  SER B OG  1 
ATOM   1112 N N   . ALA B 1 44 ? -0.477  17.599  2.816   1.00 35.45 ? 52  ALA B N   1 
ATOM   1113 C CA  . ALA B 1 44 ? -1.928  17.485  2.912   1.00 36.55 ? 52  ALA B CA  1 
ATOM   1114 C C   . ALA B 1 44 ? -2.551  18.005  1.629   1.00 36.86 ? 52  ALA B C   1 
ATOM   1115 O O   . ALA B 1 44 ? -3.450  17.380  1.075   1.00 36.44 ? 52  ALA B O   1 
ATOM   1116 C CB  . ALA B 1 44 ? -2.442  18.288  4.116   1.00 36.94 ? 52  ALA B CB  1 
ATOM   1117 N N   . GLU B 1 45 ? -2.049  19.138  1.143   1.00 37.25 ? 53  GLU B N   1 
ATOM   1118 C CA  . GLU B 1 45 ? -2.500  19.690  -0.133  1.00 37.78 ? 53  GLU B CA  1 
ATOM   1119 C C   . GLU B 1 45 ? -2.331  18.746  -1.337  1.00 37.50 ? 53  GLU B C   1 
ATOM   1120 O O   . GLU B 1 45 ? -3.249  18.602  -2.150  1.00 36.65 ? 53  GLU B O   1 
ATOM   1121 C CB  . GLU B 1 45 ? -1.804  21.008  -0.389  1.00 38.26 ? 53  GLU B CB  1 
ATOM   1122 C CG  . GLU B 1 45 ? -2.106  21.589  -1.750  1.00 40.80 ? 53  GLU B CG  1 
ATOM   1123 C CD  . GLU B 1 45 ? -1.642  23.005  -1.861  1.00 44.26 ? 53  GLU B CD  1 
ATOM   1124 O OE1 . GLU B 1 45 ? -0.891  23.459  -0.968  1.00 46.34 ? 53  GLU B OE1 1 
ATOM   1125 O OE2 . GLU B 1 45 ? -2.021  23.656  -2.845  1.00 43.16 ? 53  GLU B OE2 1 
ATOM   1126 N N   . ASP B 1 46 ? -1.136  18.159  -1.475  1.00 37.17 ? 54  ASP B N   1 
ATOM   1127 C CA  . ASP B 1 46 ? -0.871  17.110  -2.495  1.00 36.55 ? 54  ASP B CA  1 
ATOM   1128 C C   . ASP B 1 46 ? -1.912  15.979  -2.466  1.00 36.75 ? 54  ASP B C   1 
ATOM   1129 O O   . ASP B 1 46 ? -2.481  15.640  -3.498  1.00 34.91 ? 54  ASP B O   1 
ATOM   1130 C CB  . ASP B 1 46 ? 0.531   16.521  -2.303  1.00 35.60 ? 54  ASP B CB  1 
ATOM   1131 C CG  . ASP B 1 46 ? 1.631   17.533  -2.571  1.00 33.49 ? 54  ASP B CG  1 
ATOM   1132 O OD1 . ASP B 1 46 ? 1.426   18.377  -3.455  1.00 29.00 ? 54  ASP B OD1 1 
ATOM   1133 O OD2 . ASP B 1 46 ? 2.680   17.499  -1.890  1.00 32.41 ? 54  ASP B OD2 1 
ATOM   1134 N N   . ALA B 1 47 ? -2.163  15.422  -1.278  1.00 37.55 ? 55  ALA B N   1 
ATOM   1135 C CA  . ALA B 1 47 ? -3.140  14.333  -1.123  1.00 39.49 ? 55  ALA B CA  1 
ATOM   1136 C C   . ALA B 1 47 ? -4.580  14.754  -1.484  1.00 41.30 ? 55  ALA B C   1 
ATOM   1137 O O   . ALA B 1 47 ? -5.341  13.957  -2.020  1.00 40.19 ? 55  ALA B O   1 
ATOM   1138 C CB  . ALA B 1 47 ? -3.089  13.775  0.263   1.00 38.98 ? 55  ALA B CB  1 
ATOM   1139 N N   . GLU B 1 48 ? -4.923  16.013  -1.202  1.00 43.49 ? 56  GLU B N   1 
ATOM   1140 C CA  . GLU B 1 48 ? -6.245  16.577  -1.533  1.00 45.78 ? 56  GLU B CA  1 
ATOM   1141 C C   . GLU B 1 48 ? -6.422  16.778  -3.032  1.00 44.99 ? 56  GLU B C   1 
ATOM   1142 O O   . GLU B 1 48 ? -7.506  16.545  -3.558  1.00 44.06 ? 56  GLU B O   1 
ATOM   1143 C CB  . GLU B 1 48 ? -6.481  17.902  -0.786  1.00 46.05 ? 56  GLU B CB  1 
ATOM   1144 C CG  . GLU B 1 48 ? -6.369  17.791  0.753   1.00 48.41 ? 56  GLU B CG  1 
ATOM   1145 C CD  . GLU B 1 48 ? -6.577  19.117  1.502   1.00 49.05 ? 56  GLU B CD  1 
ATOM   1146 O OE1 . GLU B 1 48 ? -6.962  20.125  0.849   1.00 52.24 ? 56  GLU B OE1 1 
ATOM   1147 O OE2 . GLU B 1 48 ? -6.361  19.149  2.747   1.00 52.42 ? 56  GLU B OE2 1 
ATOM   1148 N N   . ILE B 1 49 ? -5.354  17.220  -3.705  1.00 44.83 ? 57  ILE B N   1 
ATOM   1149 C CA  . ILE B 1 49 ? -5.325  17.360  -5.170  1.00 44.76 ? 57  ILE B CA  1 
ATOM   1150 C C   . ILE B 1 49 ? -5.531  16.003  -5.855  1.00 44.51 ? 57  ILE B C   1 
ATOM   1151 O O   . ILE B 1 49 ? -6.293  15.922  -6.800  1.00 43.61 ? 57  ILE B O   1 
ATOM   1152 C CB  . ILE B 1 49 ? -3.999  18.028  -5.685  1.00 44.64 ? 57  ILE B CB  1 
ATOM   1153 C CG1 . ILE B 1 49 ? -3.975  19.529  -5.375  1.00 44.85 ? 57  ILE B CG1 1 
ATOM   1154 C CG2 . ILE B 1 49 ? -3.807  17.824  -7.183  1.00 44.39 ? 57  ILE B CG2 1 
ATOM   1155 C CD1 . ILE B 1 49 ? -2.558  20.135  -5.332  1.00 44.84 ? 57  ILE B CD1 1 
ATOM   1156 N N   . VAL B 1 50 ? -4.849  14.960  -5.367  1.00 44.98 ? 58  VAL B N   1 
ATOM   1157 C CA  . VAL B 1 50 ? -4.986  13.578  -5.880  1.00 46.16 ? 58  VAL B CA  1 
ATOM   1158 C C   . VAL B 1 50 ? -6.367  12.998  -5.571  1.00 48.61 ? 58  VAL B C   1 
ATOM   1159 O O   . VAL B 1 50 ? -6.951  12.273  -6.386  1.00 48.79 ? 58  VAL B O   1 
ATOM   1160 C CB  . VAL B 1 50 ? -3.921  12.602  -5.269  1.00 45.66 ? 58  VAL B CB  1 
ATOM   1161 C CG1 . VAL B 1 50 ? -4.157  11.158  -5.747  1.00 43.88 ? 58  VAL B CG1 1 
ATOM   1162 C CG2 . VAL B 1 50 ? -2.485  13.059  -5.582  1.00 41.65 ? 58  VAL B CG2 1 
ATOM   1163 N N   . CYS B 1 51 ? -6.856  13.307  -4.372  1.00 51.04 ? 59  CYS B N   1 
ATOM   1164 C CA  . CYS B 1 51 ? -8.169  12.884  -3.898  1.00 52.16 ? 59  CYS B CA  1 
ATOM   1165 C C   . CYS B 1 51 ? -9.269  13.370  -4.827  1.00 52.44 ? 59  CYS B C   1 
ATOM   1166 O O   . CYS B 1 51 ? -10.192 12.630  -5.118  1.00 52.86 ? 59  CYS B O   1 
ATOM   1167 C CB  . CYS B 1 51 ? -8.384  13.403  -2.496  1.00 52.25 ? 59  CYS B CB  1 
ATOM   1168 S SG  . CYS B 1 51 ? -9.593  12.475  -1.630  1.00 53.61 ? 59  CYS B SG  1 
ATOM   1169 N N   . ALA B 1 52 ? -9.119  14.594  -5.330  1.00 52.78 ? 60  ALA B N   1 
ATOM   1170 C CA  . ALA B 1 52 ? -10.024 15.201  -6.305  1.00 53.32 ? 60  ALA B CA  1 
ATOM   1171 C C   . ALA B 1 52 ? -10.025 14.551  -7.694  1.00 53.70 ? 60  ALA B C   1 
ATOM   1172 O O   . ALA B 1 52 ? -10.889 14.865  -8.512  1.00 53.45 ? 60  ALA B O   1 
ATOM   1173 C CB  . ALA B 1 52 ? -9.745  16.706  -6.426  1.00 53.41 ? 60  ALA B CB  1 
ATOM   1174 N N   . CYS B 1 53 ? -9.057  13.678  -7.978  1.00 53.56 ? 61  CYS B N   1 
ATOM   1175 C CA  . CYS B 1 53 ? -8.992  13.021  -9.291  1.00 53.17 ? 61  CYS B CA  1 
ATOM   1176 C C   . CYS B 1 53 ? -9.924  11.808  -9.286  1.00 54.61 ? 61  CYS B C   1 
ATOM   1177 O O   . CYS B 1 53 ? -9.800  10.937  -8.412  1.00 53.98 ? 61  CYS B O   1 
ATOM   1178 C CB  . CYS B 1 53 ? -7.541  12.635  -9.688  1.00 52.51 ? 61  CYS B CB  1 
ATOM   1179 S SG  . CYS B 1 53 ? -6.350  14.032  -9.899  1.00 42.12 ? 61  CYS B SG  1 
ATOM   1180 N N   . PRO B 1 54 ? -10.868 11.766  -10.252 1.00 55.87 ? 62  PRO B N   1 
ATOM   1181 C CA  . PRO B 1 54 ? -11.970 10.773  -10.290 1.00 56.78 ? 62  PRO B CA  1 
ATOM   1182 C C   . PRO B 1 54 ? -11.505 9.302   -10.358 1.00 57.01 ? 62  PRO B C   1 
ATOM   1183 O O   . PRO B 1 54 ? -11.764 8.527   -9.424  1.00 56.93 ? 62  PRO B O   1 
ATOM   1184 C CB  . PRO B 1 54 ? -12.769 11.156  -11.548 1.00 57.09 ? 62  PRO B CB  1 
ATOM   1185 C CG  . PRO B 1 54 ? -12.320 12.556  -11.908 1.00 56.94 ? 62  PRO B CG  1 
ATOM   1186 C CD  . PRO B 1 54 ? -10.922 12.708  -11.389 1.00 56.11 ? 62  PRO B CD  1 
ATOM   1187 N N   . THR B 1 55 ? -10.798 8.940   -11.432 1.00 56.45 ? 63  THR B N   1 
ATOM   1188 C CA  . THR B 1 55 ? -10.404 7.543   -11.678 1.00 55.64 ? 63  THR B CA  1 
ATOM   1189 C C   . THR B 1 55 ? -9.047  7.156   -11.048 1.00 54.61 ? 63  THR B C   1 
ATOM   1190 O O   . THR B 1 55 ? -8.315  8.033   -10.594 1.00 53.78 ? 63  THR B O   1 
ATOM   1191 C CB  . THR B 1 55 ? -10.485 7.239   -13.186 1.00 56.10 ? 63  THR B CB  1 
ATOM   1192 O OG1 . THR B 1 55 ? -9.670  8.161   -13.917 1.00 55.27 ? 63  THR B OG1 1 
ATOM   1193 C CG2 . THR B 1 55 ? -11.940 7.405   -13.654 1.00 56.54 ? 63  THR B CG2 1 
ATOM   1194 N N   . GLN B 1 56 ? -8.748  5.849   -10.961 1.00 53.44 ? 64  GLN B N   1 
ATOM   1195 C CA  . GLN B 1 56 ? -7.402  5.383   -10.561 1.00 52.50 ? 64  GLN B CA  1 
ATOM   1196 C C   . GLN B 1 56 ? -6.331  5.935   -11.528 1.00 50.77 ? 64  GLN B C   1 
ATOM   1197 O O   . GLN B 1 56 ? -5.335  6.495   -11.068 1.00 49.98 ? 64  GLN B O   1 
ATOM   1198 C CB  . GLN B 1 56 ? -7.270  3.845   -10.477 1.00 53.12 ? 64  GLN B CB  1 
ATOM   1199 C CG  . GLN B 1 56 ? -7.755  3.143   -9.206  1.00 54.41 ? 64  GLN B CG  1 
ATOM   1200 C CD  . GLN B 1 56 ? -7.421  3.894   -7.927  1.00 57.21 ? 64  GLN B CD  1 
ATOM   1201 O OE1 . GLN B 1 56 ? -8.288  4.521   -7.320  1.00 58.84 ? 64  GLN B OE1 1 
ATOM   1202 N NE2 . GLN B 1 56 ? -6.171  3.844   -7.518  1.00 57.16 ? 64  GLN B NE2 1 
ATOM   1203 N N   . PRO B 1 57 ? -6.536  5.771   -12.861 1.00 49.11 ? 65  PRO B N   1 
ATOM   1204 C CA  . PRO B 1 57 ? -5.600  6.307   -13.863 1.00 47.07 ? 65  PRO B CA  1 
ATOM   1205 C C   . PRO B 1 57 ? -5.364  7.806   -13.741 1.00 44.82 ? 65  PRO B C   1 
ATOM   1206 O O   . PRO B 1 57 ? -4.234  8.257   -13.847 1.00 43.29 ? 65  PRO B O   1 
ATOM   1207 C CB  . PRO B 1 57 ? -6.285  5.981   -15.194 1.00 47.13 ? 65  PRO B CB  1 
ATOM   1208 C CG  . PRO B 1 57 ? -7.119  4.802   -14.902 1.00 48.45 ? 65  PRO B CG  1 
ATOM   1209 C CD  . PRO B 1 57 ? -7.633  5.026   -13.513 1.00 49.13 ? 65  PRO B CD  1 
ATOM   1210 N N   . ASP B 1 58 ? -6.431  8.563   -13.511 1.00 42.70 ? 66  ASP B N   1 
ATOM   1211 C CA  . ASP B 1 58 ? -6.328  9.990   -13.279 1.00 40.89 ? 66  ASP B CA  1 
ATOM   1212 C C   . ASP B 1 58 ? -5.506  10.304  -12.037 1.00 37.87 ? 66  ASP B C   1 
ATOM   1213 O O   . ASP B 1 58 ? -4.684  11.211  -12.064 1.00 36.81 ? 66  ASP B O   1 
ATOM   1214 C CB  . ASP B 1 58 ? -7.705  10.655  -13.199 1.00 41.99 ? 66  ASP B CB  1 
ATOM   1215 C CG  . ASP B 1 58 ? -8.296  10.987  -14.586 1.00 45.59 ? 66  ASP B CG  1 
ATOM   1216 O OD1 . ASP B 1 58 ? -7.628  10.791  -15.630 1.00 46.76 ? 66  ASP B OD1 1 
ATOM   1217 O OD2 . ASP B 1 58 ? -9.449  11.472  -14.619 1.00 48.90 ? 66  ASP B OD2 1 
ATOM   1218 N N   . LYS B 1 59 ? -5.719  9.558   -10.962 1.00 34.74 ? 67  LYS B N   1 
ATOM   1219 C CA  . LYS B 1 59 ? -4.920  9.738   -9.757  1.00 32.91 ? 67  LYS B CA  1 
ATOM   1220 C C   . LYS B 1 59 ? -3.453  9.342   -9.973  1.00 30.54 ? 67  LYS B C   1 
ATOM   1221 O O   . LYS B 1 59 ? -2.561  10.013  -9.453  1.00 28.13 ? 67  LYS B O   1 
ATOM   1222 C CB  . LYS B 1 59 ? -5.439  8.939   -8.568  1.00 33.17 ? 67  LYS B CB  1 
ATOM   1223 C CG  . LYS B 1 59 ? -6.802  9.368   -7.984  1.00 34.84 ? 67  LYS B CG  1 
ATOM   1224 C CD  . LYS B 1 59 ? -7.387  8.139   -7.289  1.00 37.12 ? 67  LYS B CD  1 
ATOM   1225 C CE  . LYS B 1 59 ? -8.764  8.383   -6.687  1.00 39.93 ? 67  LYS B CE  1 
ATOM   1226 N NZ  . LYS B 1 59 ? -9.329  7.029   -6.294  1.00 39.81 ? 67  LYS B NZ  1 
ATOM   1227 N N   . VAL B 1 60 ? -3.218  8.247   -10.696 1.00 27.65 ? 68  VAL B N   1 
ATOM   1228 C CA  . VAL B 1 60 ? -1.837  7.813   -10.993 1.00 25.98 ? 68  VAL B CA  1 
ATOM   1229 C C   . VAL B 1 60 ? -1.100  8.915   -11.789 1.00 24.86 ? 68  VAL B C   1 
ATOM   1230 O O   . VAL B 1 60 ? -0.001  9.265   -11.450 1.00 22.87 ? 68  VAL B O   1 
ATOM   1231 C CB  . VAL B 1 60 ? -1.768  6.450   -11.768 1.00 26.15 ? 68  VAL B CB  1 
ATOM   1232 C CG1 . VAL B 1 60 ? -0.339  6.131   -12.130 1.00 24.02 ? 68  VAL B CG1 1 
ATOM   1233 C CG2 . VAL B 1 60 ? -2.327  5.312   -10.934 1.00 24.53 ? 68  VAL B CG2 1 
ATOM   1234 N N   . ARG B 1 61 ? -1.747  9.492   -12.808 1.00 24.02 ? 69  ARG B N   1 
ATOM   1235 C CA  . ARG B 1 61 ? -1.143  10.534  -13.630 1.00 24.57 ? 69  ARG B CA  1 
ATOM   1236 C C   . ARG B 1 61 ? -0.779  11.727  -12.765 1.00 24.32 ? 69  ARG B C   1 
ATOM   1237 O O   . ARG B 1 61 ? 0.331   12.256  -12.866 1.00 22.63 ? 69  ARG B O   1 
ATOM   1238 C CB  . ARG B 1 61 ? -2.085  10.985  -14.731 1.00 25.00 ? 69  ARG B CB  1 
ATOM   1239 C CG  . ARG B 1 61 ? -2.156  10.060  -15.890 1.00 26.60 ? 69  ARG B CG  1 
ATOM   1240 C CD  . ARG B 1 61 ? -2.889  10.672  -17.114 1.00 29.07 ? 69  ARG B CD  1 
ATOM   1241 N NE  . ARG B 1 61 ? -3.520  9.556   -17.832 1.00 34.48 ? 69  ARG B NE  1 
ATOM   1242 C CZ  . ARG B 1 61 ? -4.806  9.242   -17.734 1.00 39.92 ? 69  ARG B CZ  1 
ATOM   1243 N NH1 . ARG B 1 61 ? -5.628  9.993   -17.009 1.00 41.57 ? 69  ARG B NH1 1 
ATOM   1244 N NH2 . ARG B 1 61 ? -5.290  8.185   -18.381 1.00 41.62 ? 69  ARG B NH2 1 
ATOM   1245 N N   . LYS B 1 62 ? -1.709  12.133  -11.896 1.00 24.16 ? 70  LYS B N   1 
ATOM   1246 C CA  . LYS B 1 62 ? -1.463  13.218  -10.937 1.00 24.41 ? 70  LYS B CA  1 
ATOM   1247 C C   . LYS B 1 62 ? -0.317  12.888  -9.965  1.00 22.92 ? 70  LYS B C   1 
ATOM   1248 O O   . LYS B 1 62 ? 0.559   13.694  -9.739  1.00 22.89 ? 70  LYS B O   1 
ATOM   1249 C CB  . LYS B 1 62 ? -2.750  13.611  -10.169 1.00 25.54 ? 70  LYS B CB  1 
ATOM   1250 C CG  . LYS B 1 62 ? -2.610  14.871  -9.269  1.00 26.60 ? 70  LYS B CG  1 
ATOM   1251 C CD  . LYS B 1 62 ? -2.051  16.127  -10.021 1.00 31.35 ? 70  LYS B CD  1 
ATOM   1252 C CE  . LYS B 1 62 ? -3.135  16.921  -10.745 1.00 32.79 ? 70  LYS B CE  1 
ATOM   1253 N NZ  . LYS B 1 62 ? -2.561  18.100  -11.495 1.00 31.65 ? 70  LYS B NZ  1 
ATOM   1254 N N   . ILE B 1 63 ? -0.325  11.701  -9.380  1.00 21.63 ? 71  ILE B N   1 
ATOM   1255 C CA  . ILE B 1 63 ? 0.757   11.319  -8.449  1.00 19.76 ? 71  ILE B CA  1 
ATOM   1256 C C   . ILE B 1 63 ? 2.103   11.364  -9.179  1.00 18.85 ? 71  ILE B C   1 
ATOM   1257 O O   . ILE B 1 63 ? 3.087   11.918  -8.623  1.00 17.67 ? 71  ILE B O   1 
ATOM   1258 C CB  . ILE B 1 63 ? 0.511   9.914   -7.893  1.00 20.52 ? 71  ILE B CB  1 
ATOM   1259 C CG1 . ILE B 1 63 ? -0.648  9.957   -6.896  1.00 18.97 ? 71  ILE B CG1 1 
ATOM   1260 C CG2 . ILE B 1 63 ? 1.764   9.356   -7.242  1.00 18.24 ? 71  ILE B CG2 1 
ATOM   1261 C CD1 . ILE B 1 63 ? -1.262  8.581   -6.645  1.00 20.84 ? 71  ILE B CD1 1 
ATOM   1262 N N   . LEU B 1 64 ? 2.148   10.810  -10.390 1.00 16.98 ? 72  LEU B N   1 
ATOM   1263 C CA  . LEU B 1 64 ? 3.421   10.801  -11.156 1.00 17.47 ? 72  LEU B CA  1 
ATOM   1264 C C   . LEU B 1 64 ? 3.835   12.237  -11.492 1.00 18.13 ? 72  LEU B C   1 
ATOM   1265 O O   . LEU B 1 64 ? 5.017   12.597  -11.371 1.00 17.94 ? 72  LEU B O   1 
ATOM   1266 C CB  . LEU B 1 64 ? 3.318   9.970   -12.429 1.00 17.13 ? 72  LEU B CB  1 
ATOM   1267 C CG  . LEU B 1 64 ? 3.101   8.456   -12.247 1.00 15.82 ? 72  LEU B CG  1 
ATOM   1268 C CD1 . LEU B 1 64 ? 2.722   7.755   -13.561 1.00 14.54 ? 72  LEU B CD1 1 
ATOM   1269 C CD2 . LEU B 1 64 ? 4.377   7.846   -11.599 1.00 15.17 ? 72  LEU B CD2 1 
ATOM   1270 N N   . ASP B 1 65 ? 2.870   13.071  -11.861 1.00 19.51 ? 73  ASP B N   1 
ATOM   1271 C CA  . ASP B 1 65 ? 3.148   14.505  -12.129 1.00 21.33 ? 73  ASP B CA  1 
ATOM   1272 C C   . ASP B 1 65 ? 3.769   15.154  -10.918 1.00 20.87 ? 73  ASP B C   1 
ATOM   1273 O O   . ASP B 1 65 ? 4.802   15.790  -11.039 1.00 21.20 ? 73  ASP B O   1 
ATOM   1274 C CB  . ASP B 1 65 ? 1.893   15.286  -12.571 1.00 22.43 ? 73  ASP B CB  1 
ATOM   1275 C CG  . ASP B 1 65 ? 1.537   15.040  -14.015 1.00 26.58 ? 73  ASP B CG  1 
ATOM   1276 O OD1 . ASP B 1 65 ? 2.369   14.421  -14.717 1.00 27.18 ? 73  ASP B OD1 1 
ATOM   1277 O OD2 . ASP B 1 65 ? 0.434   15.486  -14.449 1.00 28.99 ? 73  ASP B OD2 1 
ATOM   1278 N N   . LEU B 1 66 ? 3.170   14.949  -9.745  1.00 19.34 ? 74  LEU B N   1 
ATOM   1279 C CA  . LEU B 1 66 ? 3.683   15.547  -8.517  1.00 20.11 ? 74  LEU B CA  1 
ATOM   1280 C C   . LEU B 1 66 ? 5.030   15.027  -8.098  1.00 19.21 ? 74  LEU B C   1 
ATOM   1281 O O   . LEU B 1 66 ? 5.935   15.798  -7.782  1.00 19.19 ? 74  LEU B O   1 
ATOM   1282 C CB  . LEU B 1 66 ? 2.707   15.366  -7.352  1.00 20.33 ? 74  LEU B CB  1 
ATOM   1283 C CG  . LEU B 1 66 ? 1.362   16.124  -7.377  1.00 23.00 ? 74  LEU B CG  1 
ATOM   1284 C CD1 . LEU B 1 66 ? 0.456   15.536  -6.242  1.00 24.12 ? 74  LEU B CD1 1 
ATOM   1285 C CD2 . LEU B 1 66 ? 1.543   17.639  -7.243  1.00 25.08 ? 74  LEU B CD2 1 
ATOM   1286 N N   . VAL B 1 67 ? 5.155   13.713  -8.081  1.00 18.09 ? 75  VAL B N   1 
ATOM   1287 C CA  . VAL B 1 67 ? 6.421   13.053  -7.763  1.00 17.88 ? 75  VAL B CA  1 
ATOM   1288 C C   . VAL B 1 67 ? 7.564   13.587  -8.656  1.00 17.69 ? 75  VAL B C   1 
ATOM   1289 O O   . VAL B 1 67 ? 8.615   14.020  -8.158  1.00 18.64 ? 75  VAL B O   1 
ATOM   1290 C CB  . VAL B 1 67 ? 6.278   11.499  -7.896  1.00 16.46 ? 75  VAL B CB  1 
ATOM   1291 C CG1 . VAL B 1 67 ? 7.665   10.822  -7.832  1.00 16.02 ? 75  VAL B CG1 1 
ATOM   1292 C CG2 . VAL B 1 67 ? 5.396   10.946  -6.756  1.00 15.67 ? 75  VAL B CG2 1 
ATOM   1293 N N   . GLN B 1 68 ? 7.360   13.555  -9.966  1.00 18.25 ? 76  GLN B N   1 
ATOM   1294 C CA  . GLN B 1 68 ? 8.366   14.066  -10.935 1.00 19.20 ? 76  GLN B CA  1 
ATOM   1295 C C   . GLN B 1 68 ? 8.750   15.546  -10.711 1.00 20.42 ? 76  GLN B C   1 
ATOM   1296 O O   . GLN B 1 68 ? 9.956   15.906  -10.724 1.00 19.57 ? 76  GLN B O   1 
ATOM   1297 C CB  . GLN B 1 68 ? 7.827   13.918  -12.348 1.00 18.28 ? 76  GLN B CB  1 
ATOM   1298 C CG  . GLN B 1 68 ? 7.721   12.451  -12.786 1.00 19.54 ? 76  GLN B CG  1 
ATOM   1299 C CD  . GLN B 1 68 ? 7.001   12.268  -14.090 1.00 16.12 ? 76  GLN B CD  1 
ATOM   1300 O OE1 . GLN B 1 68 ? 6.468   11.228  -14.327 1.00 23.61 ? 76  GLN B OE1 1 
ATOM   1301 N NE2 . GLN B 1 68 ? 6.971   13.277  -14.934 1.00 23.59 ? 76  GLN B NE2 1 
ATOM   1302 N N   . SER B 1 69 ? 7.744   16.404  -10.513 1.00 21.53 ? 77  SER B N   1 
ATOM   1303 C CA  . SER B 1 69 ? 8.037   17.836  -10.206 1.00 23.05 ? 77  SER B CA  1 
ATOM   1304 C C   . SER B 1 69 ? 8.811   18.015  -8.900  1.00 22.44 ? 77  SER B C   1 
ATOM   1305 O O   . SER B 1 69 ? 9.544   18.981  -8.753  1.00 22.03 ? 77  SER B O   1 
ATOM   1306 C CB  . SER B 1 69 ? 6.780   18.718  -10.219 1.00 24.19 ? 77  SER B CB  1 
ATOM   1307 O OG  . SER B 1 69 ? 5.987   18.440  -9.063  1.00 28.41 ? 77  SER B OG  1 
ATOM   1308 N N   . LYS B 1 70 ? 8.691   17.072  -7.966  1.00 21.73 ? 78  LYS B N   1 
ATOM   1309 C CA  . LYS B 1 70 ? 9.395   17.184  -6.667  1.00 21.88 ? 78  LYS B CA  1 
ATOM   1310 C C   . LYS B 1 70 ? 10.881  16.776  -6.783  1.00 21.56 ? 78  LYS B C   1 
ATOM   1311 O O   . LYS B 1 70 ? 11.704  17.082  -5.903  1.00 21.46 ? 78  LYS B O   1 
ATOM   1312 C CB  . LYS B 1 70 ? 8.675   16.398  -5.562  1.00 21.14 ? 78  LYS B CB  1 
ATOM   1313 C CG  . LYS B 1 70 ? 7.351   16.982  -5.200  1.00 22.97 ? 78  LYS B CG  1 
ATOM   1314 C CD  . LYS B 1 70 ? 6.563   16.098  -4.276  1.00 21.24 ? 78  LYS B CD  1 
ATOM   1315 C CE  . LYS B 1 70 ? 5.156   16.719  -3.969  1.00 23.62 ? 78  LYS B CE  1 
ATOM   1316 N NZ  . LYS B 1 70 ? 5.329   17.786  -2.952  1.00 25.74 ? 78  LYS B NZ  1 
ATOM   1317 N N   . GLY B 1 71 ? 11.204  16.089  -7.879  1.00 20.39 ? 79  GLY B N   1 
ATOM   1318 C CA  . GLY B 1 71 ? 12.580  15.846  -8.245  1.00 19.43 ? 79  GLY B CA  1 
ATOM   1319 C C   . GLY B 1 71 ? 13.113  14.438  -8.018  1.00 18.67 ? 79  GLY B C   1 
ATOM   1320 O O   . GLY B 1 71 ? 12.348  13.497  -7.795  1.00 17.22 ? 79  GLY B O   1 
ATOM   1321 N N   . GLU B 1 72 ? 14.438  14.322  -8.071  1.00 17.20 ? 80  GLU B N   1 
ATOM   1322 C CA  . GLU B 1 72 ? 15.114  13.031  -8.144  1.00 17.72 ? 80  GLU B CA  1 
ATOM   1323 C C   . GLU B 1 72 ? 14.970  12.212  -6.880  1.00 18.17 ? 80  GLU B C   1 
ATOM   1324 O O   . GLU B 1 72 ? 14.697  11.003  -6.947  1.00 18.04 ? 80  GLU B O   1 
ATOM   1325 C CB  . GLU B 1 72 ? 16.611  13.230  -8.517  1.00 17.82 ? 80  GLU B CB  1 
ATOM   1326 C CG  . GLU B 1 72 ? 17.513  12.025  -8.295  1.00 19.11 ? 80  GLU B CG  1 
ATOM   1327 C CD  . GLU B 1 72 ? 17.255  10.885  -9.232  1.00 19.51 ? 80  GLU B CD  1 
ATOM   1328 O OE1 . GLU B 1 72 ? 16.536  11.027  -10.237 1.00 17.72 ? 80  GLU B OE1 1 
ATOM   1329 O OE2 . GLU B 1 72 ? 17.851  9.824   -8.979  1.00 22.48 ? 80  GLU B OE2 1 
ATOM   1330 N N   . GLU B 1 73 ? 15.179  12.845  -5.718  1.00 17.97 ? 81  GLU B N   1 
ATOM   1331 C CA  . GLU B 1 73 ? 15.064  12.137  -4.442  1.00 19.24 ? 81  GLU B CA  1 
ATOM   1332 C C   . GLU B 1 73 ? 13.631  11.580  -4.244  1.00 17.84 ? 81  GLU B C   1 
ATOM   1333 O O   . GLU B 1 73 ? 13.473  10.440  -3.809  1.00 16.66 ? 81  GLU B O   1 
ATOM   1334 C CB  . GLU B 1 73 ? 15.378  13.087  -3.293  1.00 20.59 ? 81  GLU B CB  1 
ATOM   1335 C CG  . GLU B 1 73 ? 15.226  12.447  -1.934  1.00 25.48 ? 81  GLU B CG  1 
ATOM   1336 C CD  . GLU B 1 73 ? 15.482  13.425  -0.794  1.00 31.56 ? 81  GLU B CD  1 
ATOM   1337 O OE1 . GLU B 1 73 ? 15.952  14.570  -1.046  1.00 34.51 ? 81  GLU B OE1 1 
ATOM   1338 O OE2 . GLU B 1 73 ? 15.187  13.047  0.365   1.00 34.60 ? 81  GLU B OE2 1 
ATOM   1339 N N   . VAL B 1 74 ? 12.610  12.374  -4.568  1.00 16.76 ? 82  VAL B N   1 
ATOM   1340 C CA  . VAL B 1 74 ? 11.213  11.902  -4.380  1.00 16.01 ? 82  VAL B CA  1 
ATOM   1341 C C   . VAL B 1 74 ? 10.903  10.829  -5.395  1.00 15.90 ? 82  VAL B C   1 
ATOM   1342 O O   . VAL B 1 74 ? 10.209  9.863   -5.073  1.00 14.49 ? 82  VAL B O   1 
ATOM   1343 C CB  . VAL B 1 74 ? 10.139  13.008  -4.435  1.00 17.01 ? 82  VAL B CB  1 
ATOM   1344 C CG1 . VAL B 1 74 ? 8.765   12.397  -4.190  1.00 14.76 ? 82  VAL B CG1 1 
ATOM   1345 C CG2 . VAL B 1 74 ? 10.415  14.047  -3.389  1.00 19.06 ? 82  VAL B CG2 1 
ATOM   1346 N N   . SER B 1 75 ? 11.416  10.978  -6.619  1.00 14.08 ? 83  SER B N   1 
ATOM   1347 C CA  . SER B 1 75 ? 11.187  9.986   -7.673  1.00 14.55 ? 83  SER B CA  1 
ATOM   1348 C C   . SER B 1 75 ? 11.872  8.640   -7.334  1.00 14.08 ? 83  SER B C   1 
ATOM   1349 O O   . SER B 1 75 ? 11.328  7.558   -7.596  1.00 11.97 ? 83  SER B O   1 
ATOM   1350 C CB  . SER B 1 75 ? 11.714  10.509  -9.001  1.00 13.17 ? 83  SER B CB  1 
ATOM   1351 O OG  . SER B 1 75 ? 10.881  11.570  -9.436  1.00 14.31 ? 83  SER B OG  1 
ATOM   1352 N N   . GLU B 1 76 ? 13.065  8.734   -6.773  1.00 14.07 ? 84  GLU B N   1 
ATOM   1353 C CA  . GLU B 1 76 ? 13.809  7.551   -6.358  1.00 16.89 ? 84  GLU B CA  1 
ATOM   1354 C C   . GLU B 1 76 ? 13.064  6.870   -5.193  1.00 17.64 ? 84  GLU B C   1 
ATOM   1355 O O   . GLU B 1 76 ? 12.900  5.633   -5.175  1.00 15.92 ? 84  GLU B O   1 
ATOM   1356 C CB  . GLU B 1 76 ? 15.251  7.911   -5.965  1.00 17.48 ? 84  GLU B CB  1 
ATOM   1357 C CG  . GLU B 1 76 ? 16.144  6.675   -5.745  1.00 21.05 ? 84  GLU B CG  1 
ATOM   1358 C CD  . GLU B 1 76 ? 15.996  6.034   -4.391  1.00 26.70 ? 84  GLU B CD  1 
ATOM   1359 O OE1 . GLU B 1 76 ? 15.649  6.715   -3.415  1.00 29.83 ? 84  GLU B OE1 1 
ATOM   1360 O OE2 . GLU B 1 76 ? 16.238  4.817   -4.288  1.00 30.46 ? 84  GLU B OE2 1 
ATOM   1361 N N   . PHE B 1 77 ? 12.586  7.687   -4.245  1.00 17.08 ? 85  PHE B N   1 
ATOM   1362 C CA  . PHE B 1 77 ? 11.838  7.119   -3.136  1.00 17.80 ? 85  PHE B CA  1 
ATOM   1363 C C   . PHE B 1 77 ? 10.552  6.456   -3.626  1.00 17.11 ? 85  PHE B C   1 
ATOM   1364 O O   . PHE B 1 77 ? 10.218  5.374   -3.139  1.00 15.56 ? 85  PHE B O   1 
ATOM   1365 C CB  . PHE B 1 77 ? 11.539  8.136   -2.043  1.00 19.16 ? 85  PHE B CB  1 
ATOM   1366 C CG  . PHE B 1 77 ? 10.585  7.597   -0.998  1.00 21.67 ? 85  PHE B CG  1 
ATOM   1367 C CD1 . PHE B 1 77 ? 11.058  6.837   0.059   1.00 24.52 ? 85  PHE B CD1 1 
ATOM   1368 C CD2 . PHE B 1 77 ? 9.203   7.791   -1.129  1.00 22.77 ? 85  PHE B CD2 1 
ATOM   1369 C CE1 . PHE B 1 77 ? 10.153  6.287   1.009   1.00 25.24 ? 85  PHE B CE1 1 
ATOM   1370 C CE2 . PHE B 1 77 ? 8.273   7.243   -0.189  1.00 23.85 ? 85  PHE B CE2 1 
ATOM   1371 C CZ  . PHE B 1 77 ? 8.756   6.491   0.868   1.00 23.36 ? 85  PHE B CZ  1 
ATOM   1372 N N   . PHE B 1 78 ? 9.867   7.069   -4.611  1.00 16.07 ? 86  PHE B N   1 
ATOM   1373 C CA  . PHE B 1 78 ? 8.637   6.510   -5.169  1.00 16.33 ? 86  PHE B CA  1 
ATOM   1374 C C   . PHE B 1 78 ? 8.866   5.129   -5.822  1.00 15.91 ? 86  PHE B C   1 
ATOM   1375 O O   . PHE B 1 78 ? 8.098   4.198   -5.625  1.00 14.55 ? 86  PHE B O   1 
ATOM   1376 C CB  . PHE B 1 78 ? 7.993   7.520   -6.146  1.00 16.39 ? 86  PHE B CB  1 
ATOM   1377 C CG  . PHE B 1 78 ? 6.706   7.057   -6.733  1.00 17.14 ? 86  PHE B CG  1 
ATOM   1378 C CD1 . PHE B 1 78 ? 5.488   7.191   -6.019  1.00 17.69 ? 86  PHE B CD1 1 
ATOM   1379 C CD2 . PHE B 1 78 ? 6.678   6.505   -8.027  1.00 17.08 ? 86  PHE B CD2 1 
ATOM   1380 C CE1 . PHE B 1 78 ? 4.293   6.741   -6.578  1.00 20.45 ? 86  PHE B CE1 1 
ATOM   1381 C CE2 . PHE B 1 78 ? 5.470   6.042   -8.599  1.00 18.29 ? 86  PHE B CE2 1 
ATOM   1382 C CZ  . PHE B 1 78 ? 4.281   6.189   -7.907  1.00 17.95 ? 86  PHE B CZ  1 
ATOM   1383 N N   . LEU B 1 79 ? 9.953   4.986   -6.574  1.00 14.74 ? 87  LEU B N   1 
ATOM   1384 C CA  . LEU B 1 79 ? 10.282  3.665   -7.154  1.00 15.40 ? 87  LEU B CA  1 
ATOM   1385 C C   . LEU B 1 79 ? 10.592  2.602   -6.074  1.00 16.22 ? 87  LEU B C   1 
ATOM   1386 O O   . LEU B 1 79 ? 10.176  1.442   -6.163  1.00 15.69 ? 87  LEU B O   1 
ATOM   1387 C CB  . LEU B 1 79 ? 11.459  3.804   -8.141  1.00 15.60 ? 87  LEU B CB  1 
ATOM   1388 C CG  . LEU B 1 79 ? 10.984  4.464   -9.438  1.00 14.67 ? 87  LEU B CG  1 
ATOM   1389 C CD1 . LEU B 1 79 ? 12.194  4.900   -10.271 1.00 16.25 ? 87  LEU B CD1 1 
ATOM   1390 C CD2 . LEU B 1 79 ? 10.080  3.568   -10.244 1.00 16.08 ? 87  LEU B CD2 1 
ATOM   1391 N N   . TYR B 1 80 ? 11.314  3.024   -5.060  1.00 15.62 ? 88  TYR B N   1 
ATOM   1392 C CA  . TYR B 1 80 ? 11.602  2.168   -3.908  1.00 18.64 ? 88  TYR B CA  1 
ATOM   1393 C C   . TYR B 1 80 ? 10.313  1.732   -3.234  1.00 17.28 ? 88  TYR B C   1 
ATOM   1394 O O   . TYR B 1 80 ? 10.136  0.539   -2.919  1.00 15.45 ? 88  TYR B O   1 
ATOM   1395 C CB  . TYR B 1 80 ? 12.484  2.925   -2.913  1.00 20.76 ? 88  TYR B CB  1 
ATOM   1396 C CG  . TYR B 1 80 ? 12.661  2.220   -1.619  1.00 25.84 ? 88  TYR B CG  1 
ATOM   1397 C CD1 . TYR B 1 80 ? 13.520  1.125   -1.514  1.00 29.71 ? 88  TYR B CD1 1 
ATOM   1398 C CD2 . TYR B 1 80 ? 11.961  2.637   -0.476  1.00 29.55 ? 88  TYR B CD2 1 
ATOM   1399 C CE1 . TYR B 1 80 ? 13.683  0.447   -0.291  1.00 31.37 ? 88  TYR B CE1 1 
ATOM   1400 C CE2 . TYR B 1 80 ? 12.119  1.972   0.750   1.00 30.91 ? 88  TYR B CE2 1 
ATOM   1401 C CZ  . TYR B 1 80 ? 12.979  0.890   0.820   1.00 29.63 ? 88  TYR B CZ  1 
ATOM   1402 O OH  . TYR B 1 80 ? 13.137  0.235   1.995   1.00 30.75 ? 88  TYR B OH  1 
ATOM   1403 N N   . LEU B 1 81 ? 9.404   2.689   -3.041  1.00 15.23 ? 89  LEU B N   1 
ATOM   1404 C CA  . LEU B 1 81 ? 8.075   2.383   -2.504  1.00 16.66 ? 89  LEU B CA  1 
ATOM   1405 C C   . LEU B 1 81 ? 7.308   1.342   -3.312  1.00 15.26 ? 89  LEU B C   1 
ATOM   1406 O O   . LEU B 1 81 ? 6.757   0.385   -2.729  1.00 15.85 ? 89  LEU B O   1 
ATOM   1407 C CB  . LEU B 1 81 ? 7.241   3.676   -2.373  1.00 16.49 ? 89  LEU B CB  1 
ATOM   1408 C CG  . LEU B 1 81 ? 5.831   3.605   -1.770  1.00 18.52 ? 89  LEU B CG  1 
ATOM   1409 C CD1 . LEU B 1 81 ? 5.787   2.932   -0.339  1.00 19.22 ? 89  LEU B CD1 1 
ATOM   1410 C CD2 . LEU B 1 81 ? 5.268   5.024   -1.744  1.00 16.96 ? 89  LEU B CD2 1 
ATOM   1411 N N   . LEU B 1 82 ? 7.274   1.489   -4.639  1.00 13.64 ? 90  LEU B N   1 
ATOM   1412 C CA  . LEU B 1 82 ? 6.576   0.521   -5.500  1.00 14.69 ? 90  LEU B CA  1 
ATOM   1413 C C   . LEU B 1 82 ? 7.187   -0.877  -5.326  1.00 15.35 ? 90  LEU B C   1 
ATOM   1414 O O   . LEU B 1 82 ? 6.463   -1.878  -5.217  1.00 14.81 ? 90  LEU B O   1 
ATOM   1415 C CB  . LEU B 1 82 ? 6.639   0.931   -6.988  1.00 14.49 ? 90  LEU B CB  1 
ATOM   1416 C CG  . LEU B 1 82 ? 5.810   2.129   -7.443  1.00 15.87 ? 90  LEU B CG  1 
ATOM   1417 C CD1 . LEU B 1 82 ? 6.049   2.362   -8.954  1.00 14.72 ? 90  LEU B CD1 1 
ATOM   1418 C CD2 . LEU B 1 82 ? 4.298   1.834   -7.179  1.00 19.41 ? 90  LEU B CD2 1 
ATOM   1419 N N   . GLN B 1 83 ? 8.512   -0.948  -5.292  1.00 15.24 ? 91  GLN B N   1 
ATOM   1420 C CA  . GLN B 1 83 ? 9.202   -2.225  -4.976  1.00 16.04 ? 91  GLN B CA  1 
ATOM   1421 C C   . GLN B 1 83 ? 8.747   -2.840  -3.625  1.00 16.63 ? 91  GLN B C   1 
ATOM   1422 O O   . GLN B 1 83 ? 8.433   -4.038  -3.551  1.00 15.22 ? 91  GLN B O   1 
ATOM   1423 C CB  . GLN B 1 83 ? 10.707  -1.979  -4.917  1.00 16.07 ? 91  GLN B CB  1 
ATOM   1424 C CG  . GLN B 1 83 ? 11.294  -1.752  -6.304  1.00 20.11 ? 91  GLN B CG  1 
ATOM   1425 C CD  . GLN B 1 83 ? 12.775  -1.340  -6.254  1.00 26.67 ? 91  GLN B CD  1 
ATOM   1426 O OE1 . GLN B 1 83 ? 13.102  -0.178  -6.248  1.00 30.15 ? 91  GLN B OE1 1 
ATOM   1427 N NE2 . GLN B 1 83 ? 13.624  -2.280  -6.269  1.00 28.30 ? 91  GLN B NE2 1 
ATOM   1428 N N   . GLN B 1 84 ? 8.696   -2.025  -2.575  1.00 15.66 ? 92  GLN B N   1 
ATOM   1429 C CA  . GLN B 1 84 ? 8.321   -2.544  -1.257  1.00 17.62 ? 92  GLN B CA  1 
ATOM   1430 C C   . GLN B 1 84 ? 6.881   -2.981  -1.267  1.00 17.90 ? 92  GLN B C   1 
ATOM   1431 O O   . GLN B 1 84 ? 6.534   -4.053  -0.738  1.00 16.75 ? 92  GLN B O   1 
ATOM   1432 C CB  . GLN B 1 84 ? 8.549   -1.490  -0.173  1.00 18.81 ? 92  GLN B CB  1 
ATOM   1433 C CG  . GLN B 1 84 ? 10.039  -1.154  -0.025  1.00 23.54 ? 92  GLN B CG  1 
ATOM   1434 C CD  . GLN B 1 84 ? 10.881  -2.353  0.432   1.00 33.70 ? 92  GLN B CD  1 
ATOM   1435 O OE1 . GLN B 1 84 ? 11.671  -2.932  -0.342  1.00 39.17 ? 92  GLN B OE1 1 
ATOM   1436 N NE2 . GLN B 1 84 ? 10.730  -2.720  1.689   1.00 37.13 ? 92  GLN B NE2 1 
ATOM   1437 N N   . LEU B 1 85 ? 6.026   -2.128  -1.832  1.00 16.42 ? 93  LEU B N   1 
ATOM   1438 C CA  . LEU B 1 85 ? 4.603   -2.478  -1.922  1.00 16.73 ? 93  LEU B CA  1 
ATOM   1439 C C   . LEU B 1 85 ? 4.302   -3.700  -2.780  1.00 16.60 ? 93  LEU B C   1 
ATOM   1440 O O   . LEU B 1 85 ? 3.388   -4.483  -2.435  1.00 16.18 ? 93  LEU B O   1 
ATOM   1441 C CB  . LEU B 1 85 ? 3.755   -1.278  -2.326  1.00 16.61 ? 93  LEU B CB  1 
ATOM   1442 C CG  . LEU B 1 85 ? 3.807   -0.105  -1.343  1.00 17.89 ? 93  LEU B CG  1 
ATOM   1443 C CD1 . LEU B 1 85 ? 3.013   1.034   -1.932  1.00 18.54 ? 93  LEU B CD1 1 
ATOM   1444 C CD2 . LEU B 1 85 ? 3.303   -0.496  0.088   1.00 22.31 ? 93  LEU B CD2 1 
ATOM   1445 N N   . ALA B 1 86 ? 5.029   -3.858  -3.887  1.00 15.29 ? 94  ALA B N   1 
ATOM   1446 C CA  . ALA B 1 86 ? 4.932   -5.057  -4.770  1.00 17.03 ? 94  ALA B CA  1 
ATOM   1447 C C   . ALA B 1 86 ? 5.391   -6.346  -4.064  1.00 17.77 ? 94  ALA B C   1 
ATOM   1448 O O   . ALA B 1 86 ? 5.004   -7.436  -4.490  1.00 19.09 ? 94  ALA B O   1 
ATOM   1449 C CB  . ALA B 1 86 ? 5.769   -4.888  -6.055  1.00 17.50 ? 94  ALA B CB  1 
ATOM   1450 N N   . ASP B 1 87 ? 6.185   -6.219  -3.007  1.00 17.54 ? 95  ASP B N   1 
ATOM   1451 C CA  . ASP B 1 87 ? 6.727   -7.362  -2.236  1.00 18.84 ? 95  ASP B CA  1 
ATOM   1452 C C   . ASP B 1 87 ? 5.989   -7.611  -0.912  1.00 18.15 ? 95  ASP B C   1 
ATOM   1453 O O   . ASP B 1 87 ? 6.169   -8.660  -0.307  1.00 17.28 ? 95  ASP B O   1 
ATOM   1454 C CB  . ASP B 1 87 ? 8.208   -7.143  -1.932  1.00 20.03 ? 95  ASP B CB  1 
ATOM   1455 C CG  . ASP B 1 87 ? 9.142   -7.928  -2.849  1.00 24.97 ? 95  ASP B CG  1 
ATOM   1456 O OD1 . ASP B 1 87 ? 8.730   -8.472  -3.923  1.00 24.37 ? 95  ASP B OD1 1 
ATOM   1457 O OD2 . ASP B 1 87 ? 10.328  -7.985  -2.461  1.00 27.66 ? 95  ASP B OD2 1 
ATOM   1458 N N   . ALA B 1 88 ? 5.137   -6.689  -0.460  1.00 16.81 ? 96  ALA B N   1 
ATOM   1459 C CA  . ALA B 1 88 ? 4.693   -6.774  0.936   1.00 18.04 ? 96  ALA B CA  1 
ATOM   1460 C C   . ALA B 1 88 ? 3.796   -7.995  1.224   1.00 18.38 ? 96  ALA B C   1 
ATOM   1461 O O   . ALA B 1 88 ? 3.776   -8.497  2.362   1.00 18.98 ? 96  ALA B O   1 
ATOM   1462 C CB  . ALA B 1 88 ? 4.030   -5.495  1.396   1.00 17.61 ? 96  ALA B CB  1 
ATOM   1463 N N   . TYR B 1 89 ? 3.064   -8.439  0.206   1.00 18.61 ? 97  TYR B N   1 
ATOM   1464 C CA  . TYR B 1 89 ? 2.079   -9.552  0.331   1.00 21.14 ? 97  TYR B CA  1 
ATOM   1465 C C   . TYR B 1 89 ? 2.261   -10.568 -0.775  1.00 20.53 ? 97  TYR B C   1 
ATOM   1466 O O   . TYR B 1 89 ? 1.425   -11.436 -0.949  1.00 20.07 ? 97  TYR B O   1 
ATOM   1467 C CB  . TYR B 1 89 ? 0.593   -9.051  0.375   1.00 22.46 ? 97  TYR B CB  1 
ATOM   1468 C CG  . TYR B 1 89 ? 0.429   -7.825  1.271   1.00 25.38 ? 97  TYR B CG  1 
ATOM   1469 C CD1 . TYR B 1 89 ? 0.336   -7.933  2.678   1.00 27.05 ? 97  TYR B CD1 1 
ATOM   1470 C CD2 . TYR B 1 89 ? 0.417   -6.570  0.725   1.00 25.13 ? 97  TYR B CD2 1 
ATOM   1471 C CE1 . TYR B 1 89 ? 0.225   -6.784  3.496   1.00 26.57 ? 97  TYR B CE1 1 
ATOM   1472 C CE2 . TYR B 1 89 ? 0.324   -5.401  1.535   1.00 27.04 ? 97  TYR B CE2 1 
ATOM   1473 C CZ  . TYR B 1 89 ? 0.222   -5.515  2.899   1.00 26.77 ? 97  TYR B CZ  1 
ATOM   1474 O OH  . TYR B 1 89 ? 0.169   -4.329  3.641   1.00 28.88 ? 97  TYR B OH  1 
ATOM   1475 N N   . VAL B 1 90 ? 3.345   -10.448 -1.532  1.00 19.73 ? 98  VAL B N   1 
ATOM   1476 C CA  . VAL B 1 90 ? 3.608   -11.357 -2.625  1.00 19.91 ? 98  VAL B CA  1 
ATOM   1477 C C   . VAL B 1 90 ? 3.645   -12.826 -2.173  1.00 20.67 ? 98  VAL B C   1 
ATOM   1478 O O   . VAL B 1 90 ? 3.116   -13.682 -2.886  1.00 20.42 ? 98  VAL B O   1 
ATOM   1479 C CB  . VAL B 1 90 ? 4.879   -10.975 -3.451  1.00 20.41 ? 98  VAL B CB  1 
ATOM   1480 C CG1 . VAL B 1 90 ? 6.149   -11.249 -2.705  1.00 17.28 ? 98  VAL B CG1 1 
ATOM   1481 C CG2 . VAL B 1 90 ? 4.878   -11.685 -4.794  1.00 20.29 ? 98  VAL B CG2 1 
ATOM   1482 N N   . ASP B 1 91 ? 4.204   -13.107 -0.992  1.00 19.87 ? 99  ASP B N   1 
ATOM   1483 C CA  . ASP B 1 91 ? 4.307   -14.496 -0.487  1.00 21.19 ? 99  ASP B CA  1 
ATOM   1484 C C   . ASP B 1 91 ? 2.924   -15.110 -0.243  1.00 21.43 ? 99  ASP B C   1 
ATOM   1485 O O   . ASP B 1 91 ? 2.756   -16.326 -0.347  1.00 21.01 ? 99  ASP B O   1 
ATOM   1486 C CB  . ASP B 1 91 ? 5.109   -14.566 0.817   1.00 21.03 ? 99  ASP B CB  1 
ATOM   1487 C CG  . ASP B 1 91 ? 6.603   -14.277 0.617   1.00 24.91 ? 99  ASP B CG  1 
ATOM   1488 O OD1 . ASP B 1 91 ? 7.067   -14.272 -0.528  1.00 25.88 ? 99  ASP B OD1 1 
ATOM   1489 O OD2 . ASP B 1 91 ? 7.324   -14.050 1.614   1.00 26.65 ? 99  ASP B OD2 1 
ATOM   1490 N N   . LEU B 1 92 ? 1.956   -14.282 0.151   1.00 21.25 ? 100 LEU B N   1 
ATOM   1491 C CA  . LEU B 1 92 ? 0.593   -14.762 0.429   1.00 22.54 ? 100 LEU B CA  1 
ATOM   1492 C C   . LEU B 1 92 ? -0.241  -15.055 -0.817  1.00 22.88 ? 100 LEU B C   1 
ATOM   1493 O O   . LEU B 1 92 ? -1.338  -15.597 -0.723  1.00 21.25 ? 100 LEU B O   1 
ATOM   1494 C CB  . LEU B 1 92 ? -0.154  -13.718 1.277   1.00 22.44 ? 100 LEU B CB  1 
ATOM   1495 C CG  . LEU B 1 92 ? 0.339   -13.685 2.714   1.00 23.52 ? 100 LEU B CG  1 
ATOM   1496 C CD1 . LEU B 1 92 ? -0.450  -12.603 3.374   1.00 24.92 ? 100 LEU B CD1 1 
ATOM   1497 C CD2 . LEU B 1 92 ? 0.061   -15.052 3.418   1.00 25.35 ? 100 LEU B CD2 1 
ATOM   1498 N N   . ARG B 1 93 ? 0.266   -14.661 -1.977  1.00 23.63 ? 101 ARG B N   1 
ATOM   1499 C CA  . ARG B 1 93 ? -0.507  -14.691 -3.226  1.00 24.72 ? 101 ARG B CA  1 
ATOM   1500 C C   . ARG B 1 93 ? -1.165  -16.006 -3.584  1.00 23.89 ? 101 ARG B C   1 
ATOM   1501 O O   . ARG B 1 93 ? -2.322  -15.971 -3.940  1.00 23.96 ? 101 ARG B O   1 
ATOM   1502 C CB  . ARG B 1 93 ? 0.307   -14.179 -4.421  1.00 25.14 ? 101 ARG B CB  1 
ATOM   1503 C CG  . ARG B 1 93 ? 0.273   -12.665 -4.462  1.00 26.41 ? 101 ARG B CG  1 
ATOM   1504 C CD  . ARG B 1 93 ? -0.942  -12.173 -5.209  1.00 28.11 ? 101 ARG B CD  1 
ATOM   1505 N NE  . ARG B 1 93 ? -0.881  -12.484 -6.635  1.00 28.27 ? 101 ARG B NE  1 
ATOM   1506 C CZ  . ARG B 1 93 ? -1.749  -12.033 -7.521  1.00 28.33 ? 101 ARG B CZ  1 
ATOM   1507 N NH1 . ARG B 1 93 ? -2.760  -11.249 -7.129  1.00 30.17 ? 101 ARG B NH1 1 
ATOM   1508 N NH2 . ARG B 1 93 ? -1.638  -12.403 -8.778  1.00 26.00 ? 101 ARG B NH2 1 
ATOM   1509 N N   . PRO B 1 94 ? -0.446  -17.146 -3.478  1.00 23.97 ? 102 PRO B N   1 
ATOM   1510 C CA  . PRO B 1 94 ? -1.027  -18.481 -3.754  1.00 23.71 ? 102 PRO B CA  1 
ATOM   1511 C C   . PRO B 1 94 ? -2.296  -18.761 -2.915  1.00 22.37 ? 102 PRO B C   1 
ATOM   1512 O O   . PRO B 1 94 ? -3.332  -19.193 -3.454  1.00 22.12 ? 102 PRO B O   1 
ATOM   1513 C CB  . PRO B 1 94 ? 0.090   -19.444 -3.318  1.00 23.46 ? 102 PRO B CB  1 
ATOM   1514 C CG  . PRO B 1 94 ? 1.313   -18.690 -3.511  1.00 24.07 ? 102 PRO B CG  1 
ATOM   1515 C CD  . PRO B 1 94 ? 0.971   -17.277 -3.097  1.00 24.73 ? 102 PRO B CD  1 
ATOM   1516 N N   . TRP B 1 95 ? -2.209  -18.480 -1.619  1.00 19.69 ? 103 TRP B N   1 
ATOM   1517 C CA  . TRP B 1 95 ? -3.321  -18.662 -0.695  1.00 18.84 ? 103 TRP B CA  1 
ATOM   1518 C C   . TRP B 1 95 ? -4.443  -17.653 -0.956  1.00 18.02 ? 103 TRP B C   1 
ATOM   1519 O O   . TRP B 1 95 ? -5.608  -18.034 -1.036  1.00 16.31 ? 103 TRP B O   1 
ATOM   1520 C CB  . TRP B 1 95 ? -2.819  -18.552 0.739   1.00 18.46 ? 103 TRP B CB  1 
ATOM   1521 C CG  . TRP B 1 95 ? -3.851  -18.775 1.804   1.00 19.52 ? 103 TRP B CG  1 
ATOM   1522 C CD1 . TRP B 1 95 ? -4.278  -19.983 2.288   1.00 18.27 ? 103 TRP B CD1 1 
ATOM   1523 C CD2 . TRP B 1 95 ? -4.563  -17.774 2.533   1.00 18.88 ? 103 TRP B CD2 1 
ATOM   1524 N NE1 . TRP B 1 95 ? -5.235  -19.793 3.266   1.00 18.16 ? 103 TRP B NE1 1 
ATOM   1525 C CE2 . TRP B 1 95 ? -5.437  -18.451 3.429   1.00 18.21 ? 103 TRP B CE2 1 
ATOM   1526 C CE3 . TRP B 1 95 ? -4.558  -16.365 2.513   1.00 19.30 ? 103 TRP B CE3 1 
ATOM   1527 C CZ2 . TRP B 1 95 ? -6.278  -17.771 4.313   1.00 18.65 ? 103 TRP B CZ2 1 
ATOM   1528 C CZ3 . TRP B 1 95 ? -5.379  -15.686 3.394   1.00 19.70 ? 103 TRP B CZ3 1 
ATOM   1529 C CH2 . TRP B 1 95 ? -6.239  -16.391 4.291   1.00 20.39 ? 103 TRP B CH2 1 
ATOM   1530 N N   . LEU B 1 96 ? -4.106  -16.374 -1.101  1.00 17.61 ? 104 LEU B N   1 
ATOM   1531 C CA  . LEU B 1 96 ? -5.117  -15.338 -1.465  1.00 18.53 ? 104 LEU B CA  1 
ATOM   1532 C C   . LEU B 1 96 ? -5.880  -15.658 -2.768  1.00 19.20 ? 104 LEU B C   1 
ATOM   1533 O O   . LEU B 1 96 ? -7.125  -15.598 -2.795  1.00 19.18 ? 104 LEU B O   1 
ATOM   1534 C CB  . LEU B 1 96 ? -4.476  -13.929 -1.521  1.00 17.78 ? 104 LEU B CB  1 
ATOM   1535 C CG  . LEU B 1 96 ? -3.884  -13.322 -0.243  1.00 17.79 ? 104 LEU B CG  1 
ATOM   1536 C CD1 . LEU B 1 96 ? -3.047  -12.011 -0.476  1.00 15.08 ? 104 LEU B CD1 1 
ATOM   1537 C CD2 . LEU B 1 96 ? -4.966  -13.025 0.781   1.00 19.53 ? 104 LEU B CD2 1 
ATOM   1538 N N   . LEU B 1 97 ? -5.173  -16.035 -3.830  1.00 19.64 ? 105 LEU B N   1 
ATOM   1539 C CA  . LEU B 1 97 ? -5.809  -16.460 -5.071  1.00 20.67 ? 105 LEU B CA  1 
ATOM   1540 C C   . LEU B 1 97 ? -6.803  -17.622 -4.877  1.00 21.69 ? 105 LEU B C   1 
ATOM   1541 O O   . LEU B 1 97 ? -7.810  -17.707 -5.587  1.00 19.82 ? 105 LEU B O   1 
ATOM   1542 C CB  . LEU B 1 97 ? -4.756  -16.865 -6.119  1.00 21.44 ? 105 LEU B CB  1 
ATOM   1543 C CG  . LEU B 1 97 ? -3.870  -15.680 -6.606  1.00 20.55 ? 105 LEU B CG  1 
ATOM   1544 C CD1 . LEU B 1 97 ? -2.663  -16.162 -7.416  1.00 22.77 ? 105 LEU B CD1 1 
ATOM   1545 C CD2 . LEU B 1 97 ? -4.701  -14.668 -7.355  1.00 21.40 ? 105 LEU B CD2 1 
ATOM   1546 N N   . GLU B 1 98 ? -6.496  -18.541 -3.960  1.00 21.67 ? 106 GLU B N   1 
ATOM   1547 C CA  . GLU B 1 98 ? -7.416  -19.650 -3.721  1.00 24.50 ? 106 GLU B CA  1 
ATOM   1548 C C   . GLU B 1 98 ? -8.673  -19.200 -2.961  1.00 26.48 ? 106 GLU B C   1 
ATOM   1549 O O   . GLU B 1 98 ? -9.727  -19.811 -3.131  1.00 26.08 ? 106 GLU B O   1 
ATOM   1550 C CB  . GLU B 1 98 ? -6.727  -20.822 -3.030  1.00 22.78 ? 106 GLU B CB  1 
ATOM   1551 C CG  . GLU B 1 98 ? -5.689  -21.512 -3.901  1.00 23.65 ? 106 GLU B CG  1 
ATOM   1552 C CD  . GLU B 1 98 ? -5.141  -22.777 -3.257  1.00 24.30 ? 106 GLU B CD  1 
ATOM   1553 O OE1 . GLU B 1 98 ? -5.151  -22.894 -2.006  1.00 23.50 ? 106 GLU B OE1 1 
ATOM   1554 O OE2 . GLU B 1 98 ? -4.723  -23.684 -4.015  1.00 25.32 ? 106 GLU B OE2 1 
HETATM 1555 O O   . HOH C 2 .  ? -1.100  -20.591 9.765   1.00 21.34 ? 107 HOH A O   1 
HETATM 1556 O O   . HOH C 2 .  ? -23.008 -17.387 10.835  1.00 26.58 ? 108 HOH A O   1 
HETATM 1557 O O   . HOH C 2 .  ? 0.886   -5.653  -5.085  1.00 19.27 ? 109 HOH A O   1 
HETATM 1558 O O   . HOH C 2 .  ? 0.597   -3.727  -1.952  1.00 21.27 ? 110 HOH A O   1 
HETATM 1559 O O   . HOH C 2 .  ? -17.910 1.572   12.221  1.00 18.47 ? 111 HOH A O   1 
HETATM 1560 O O   . HOH C 2 .  ? 11.699  -9.362  -14.330 1.00 21.62 ? 112 HOH A O   1 
HETATM 1561 O O   . HOH C 2 .  ? -6.508  3.856   3.177   1.00 42.51 ? 113 HOH A O   1 
HETATM 1562 O O   . HOH C 2 .  ? -15.559 -7.835  -0.938  1.00 41.47 ? 114 HOH A O   1 
HETATM 1563 O O   . HOH C 2 .  ? 6.270   -19.201 8.282   1.00 21.21 ? 115 HOH A O   1 
HETATM 1564 O O   . HOH C 2 .  ? -1.715  -20.638 12.720  1.00 21.03 ? 116 HOH A O   1 
HETATM 1565 O O   . HOH C 2 .  ? -19.131 -12.347 5.394   1.00 24.36 ? 117 HOH A O   1 
HETATM 1566 O O   . HOH C 2 .  ? -17.826 -7.045  11.953  1.00 19.75 ? 118 HOH A O   1 
HETATM 1567 O O   . HOH C 2 .  ? -9.405  -11.427 19.054  1.00 24.02 ? 119 HOH A O   1 
HETATM 1568 O O   . HOH C 2 .  ? -24.068 -21.192 15.335  1.00 45.52 ? 120 HOH A O   1 
HETATM 1569 O O   . HOH C 2 .  ? -18.136 -24.027 13.564  1.00 25.49 ? 121 HOH A O   1 
HETATM 1570 O O   . HOH C 2 .  ? -15.584 -6.240  0.678   1.00 41.15 ? 122 HOH A O   1 
HETATM 1571 O O   . HOH C 2 .  ? -24.845 -23.083 17.251  1.00 31.95 ? 123 HOH A O   1 
HETATM 1572 O O   . HOH C 2 .  ? -20.173 -8.527  11.137  1.00 27.11 ? 124 HOH A O   1 
HETATM 1573 O O   . HOH C 2 .  ? -16.068 -17.859 14.699  1.00 25.02 ? 125 HOH A O   1 
HETATM 1574 O O   . HOH C 2 .  ? -17.157 -7.174  4.812   1.00 25.15 ? 126 HOH A O   1 
HETATM 1575 O O   . HOH C 2 .  ? -25.009 -22.022 13.245  1.00 44.08 ? 127 HOH A O   1 
HETATM 1576 O O   . HOH C 2 .  ? -11.200 7.143   15.926  1.00 29.29 ? 128 HOH A O   1 
HETATM 1577 O O   . HOH C 2 .  ? -19.477 -11.246 13.634  1.00 23.19 ? 129 HOH A O   1 
HETATM 1578 O O   . HOH C 2 .  ? 4.393   -1.047  7.826   1.00 28.01 ? 130 HOH A O   1 
HETATM 1579 O O   . HOH C 2 .  ? -17.353 -4.257  15.286  1.00 21.70 ? 131 HOH A O   1 
HETATM 1580 O O   . HOH C 2 .  ? -5.840  -3.968  -6.365  1.00 29.11 ? 132 HOH A O   1 
HETATM 1581 O O   . HOH C 2 .  ? -4.434  -11.088 -4.455  1.00 28.35 ? 133 HOH A O   1 
HETATM 1582 O O   . HOH C 2 .  ? -6.934  -12.477 -4.631  1.00 34.71 ? 134 HOH A O   1 
HETATM 1583 O O   . HOH C 2 .  ? -9.188  -14.453 -4.526  1.00 40.88 ? 135 HOH A O   1 
HETATM 1584 O O   . HOH C 2 .  ? -12.973 -3.583  19.139  1.00 34.33 ? 136 HOH A O   1 
HETATM 1585 O O   . HOH C 2 .  ? 14.713  -9.166  -19.434 1.00 35.88 ? 137 HOH A O   1 
HETATM 1586 O O   . HOH C 2 .  ? -12.507 -21.227 14.301  1.00 27.93 ? 138 HOH A O   1 
HETATM 1587 O O   . HOH D 2 .  ? 4.876   3.041   -20.652 1.00 16.28 ? 107 HOH B O   1 
HETATM 1588 O O   . HOH D 2 .  ? 2.314   -7.104  -2.313  1.00 16.33 ? 108 HOH B O   1 
HETATM 1589 O O   . HOH D 2 .  ? 15.676  14.528  -15.987 1.00 23.17 ? 109 HOH B O   1 
HETATM 1590 O O   . HOH D 2 .  ? 5.441   9.183   -15.582 1.00 23.19 ? 110 HOH B O   1 
HETATM 1591 O O   . HOH D 2 .  ? 27.063  18.554  -14.695 1.00 19.97 ? 111 HOH B O   1 
HETATM 1592 O O   . HOH D 2 .  ? 1.989   9.238   -22.436 1.00 23.66 ? 112 HOH B O   1 
HETATM 1593 O O   . HOH D 2 .  ? 0.193   11.477  -18.788 1.00 17.84 ? 113 HOH B O   1 
HETATM 1594 O O   . HOH D 2 .  ? 6.527   7.548   -21.740 1.00 23.27 ? 114 HOH B O   1 
HETATM 1595 O O   . HOH D 2 .  ? -0.909  -4.538  -10.754 1.00 23.38 ? 115 HOH B O   1 
HETATM 1596 O O   . HOH D 2 .  ? 15.795  16.709  -8.694  1.00 21.96 ? 116 HOH B O   1 
HETATM 1597 O O   . HOH D 2 .  ? 22.418  14.239  -12.174 1.00 18.77 ? 117 HOH B O   1 
HETATM 1598 O O   . HOH D 2 .  ? 13.382  15.394  -4.787  1.00 23.39 ? 118 HOH B O   1 
HETATM 1599 O O   . HOH D 2 .  ? 7.730   -5.106  1.504   1.00 25.22 ? 119 HOH B O   1 
HETATM 1600 O O   . HOH D 2 .  ? 20.650  17.303  -18.828 1.00 17.34 ? 120 HOH B O   1 
HETATM 1601 O O   . HOH D 2 .  ? 5.338   -11.318 0.886   1.00 25.96 ? 121 HOH B O   1 
HETATM 1602 O O   . HOH D 2 .  ? -0.572  21.107  2.819   1.00 33.74 ? 122 HOH B O   1 
HETATM 1603 O O   . HOH D 2 .  ? 19.745  13.024  -20.473 1.00 22.31 ? 123 HOH B O   1 
HETATM 1604 O O   . HOH D 2 .  ? 5.758   18.681  0.272   1.00 31.57 ? 124 HOH B O   1 
HETATM 1605 O O   . HOH D 2 .  ? 19.834  25.241  -17.932 1.00 40.50 ? 125 HOH B O   1 
HETATM 1606 O O   . HOH D 2 .  ? -4.696  2.783   -12.737 1.00 27.53 ? 126 HOH B O   1 
HETATM 1607 O O   . HOH D 2 .  ? 21.234  20.768  -20.231 1.00 20.47 ? 127 HOH B O   1 
HETATM 1608 O O   . HOH D 2 .  ? 4.542   -18.070 -1.428  1.00 23.42 ? 128 HOH B O   1 
HETATM 1609 O O   . HOH D 2 .  ? -9.993  -22.097 -4.535  1.00 29.45 ? 129 HOH B O   1 
HETATM 1610 O O   . HOH D 2 .  ? -1.488  9.142   -19.219 1.00 26.57 ? 130 HOH B O   1 
HETATM 1611 O O   . HOH D 2 .  ? -2.991  -20.374 -5.776  1.00 29.50 ? 131 HOH B O   1 
HETATM 1612 O O   . HOH D 2 .  ? 16.268  15.704  -5.373  1.00 25.96 ? 132 HOH B O   1 
HETATM 1613 O O   . HOH D 2 .  ? 12.718  9.438   -19.715 1.00 27.80 ? 133 HOH B O   1 
HETATM 1614 O O   . HOH D 2 .  ? 7.160   -12.307 3.605   1.00 40.07 ? 134 HOH B O   1 
HETATM 1615 O O   . HOH D 2 .  ? 15.150  8.929   -2.199  1.00 26.37 ? 135 HOH B O   1 
HETATM 1616 O O   . HOH D 2 .  ? 24.518  18.053  -26.946 1.00 21.43 ? 136 HOH B O   1 
HETATM 1617 O O   . HOH D 2 .  ? 14.739  17.013  -14.133 1.00 36.84 ? 137 HOH B O   1 
HETATM 1618 O O   . HOH D 2 .  ? 8.135   16.133  -15.147 1.00 39.13 ? 138 HOH B O   1 
HETATM 1619 O O   . HOH D 2 .  ? -8.880  16.739  0.367   1.00 30.75 ? 139 HOH B O   1 
HETATM 1620 O O   . HOH D 2 .  ? 11.718  17.891  -11.605 1.00 31.37 ? 140 HOH B O   1 
HETATM 1621 O O   . HOH D 2 .  ? 13.610  13.830  -16.731 1.00 31.48 ? 141 HOH B O   1 
HETATM 1622 O O   . HOH D 2 .  ? 13.298  -3.383  -1.968  1.00 49.66 ? 142 HOH B O   1 
# 
